data_4HIM
# 
_entry.id   4HIM 
# 
_audit_conform.dict_name       mmcif_pdbx.dic 
_audit_conform.dict_version    5.379 
_audit_conform.dict_location   http://mmcif.pdb.org/dictionaries/ascii/mmcif_pdbx.dic 
# 
loop_
_database_2.database_id 
_database_2.database_code 
_database_2.pdbx_database_accession 
_database_2.pdbx_DOI 
PDB   4HIM         pdb_00004him 10.2210/pdb4him/pdb 
NDB   NA2082       ?            ?                   
RCSB  RCSB075512   ?            ?                   
WWPDB D_1000075512 ?            ?                   
# 
loop_
_pdbx_database_related.db_name 
_pdbx_database_related.db_id 
_pdbx_database_related.details 
_pdbx_database_related.content_type 
PDB 4HIO 'The same protein bound to a different ssDNA sequence' unspecified 
PDB 4HIK 'The same protein bound to a different ssDNA sequence' unspecified 
PDB 4HID 'The same protein bound to a different ssDNA sequence' unspecified 
PDB 4HJ5 'The same protein bound to a different ssDNA sequence' unspecified 
PDB 4HJ7 'The same protein bound to a different ssDNA sequence' unspecified 
PDB 4HJ8 'The same protein bound to a different ssDNA sequence' unspecified 
PDB 4HJ9 'The same protein bound to a different ssDNA sequence' unspecified 
PDB 4HJA 'The same protein bound to a different ssDNA sequence' unspecified 
# 
_pdbx_database_status.entry_id                        4HIM 
_pdbx_database_status.status_code                     REL 
_pdbx_database_status.deposit_site                    RCSB 
_pdbx_database_status.process_site                    RCSB 
_pdbx_database_status.recvd_initial_deposition_date   2012-10-11 
_pdbx_database_status.status_code_sf                  REL 
_pdbx_database_status.status_code_mr                  ? 
_pdbx_database_status.SG_entry                        ? 
_pdbx_database_status.status_code_cs                  ? 
_pdbx_database_status.methods_development_category    ? 
_pdbx_database_status.pdb_format_compatible           Y 
_pdbx_database_status.status_code_nmr_data            ? 
# 
loop_
_audit_author.name 
_audit_author.pdbx_ordinal 
'Dickey, T.H.' 1 
'Wuttke, D.S.' 2 
# 
_citation.id                        primary 
_citation.title                     'Nonspecific Recognition Is Achieved in Pot1pC through the Use of Multiple Binding Modes.' 
_citation.journal_abbrev            Structure 
_citation.journal_volume            21 
_citation.page_first                121 
_citation.page_last                 132 
_citation.year                      2013 
_citation.journal_id_ASTM           STRUE6 
_citation.country                   UK 
_citation.journal_id_ISSN           0969-2126 
_citation.journal_id_CSD            2005 
_citation.book_publisher            ? 
_citation.pdbx_database_id_PubMed   23201273 
_citation.pdbx_database_id_DOI      10.1016/j.str.2012.10.015 
# 
loop_
_citation_author.citation_id 
_citation_author.name 
_citation_author.ordinal 
_citation_author.identifier_ORCID 
primary 'Dickey, T.H.'    1 ? 
primary 'McKercher, M.A.' 2 ? 
primary 'Wuttke, D.S.'    3 ? 
# 
_cell.length_a           45.019 
_cell.length_b           57.401 
_cell.length_c           66.405 
_cell.angle_alpha        90.000 
_cell.angle_beta         90.000 
_cell.angle_gamma        90.000 
_cell.entry_id           4HIM 
_cell.pdbx_unique_axis   ? 
_cell.Z_PDB              4 
_cell.length_a_esd       ? 
_cell.length_b_esd       ? 
_cell.length_c_esd       ? 
_cell.angle_alpha_esd    ? 
_cell.angle_beta_esd     ? 
_cell.angle_gamma_esd    ? 
# 
_symmetry.space_group_name_H-M             'P 21 21 21' 
_symmetry.entry_id                         4HIM 
_symmetry.Int_Tables_number                19 
_symmetry.pdbx_full_space_group_name_H-M   ? 
_symmetry.cell_setting                     ? 
_symmetry.space_group_name_Hall            ? 
# 
loop_
_entity.id 
_entity.type 
_entity.src_method 
_entity.pdbx_description 
_entity.formula_weight 
_entity.pdbx_number_of_molecules 
_entity.pdbx_ec 
_entity.pdbx_mutation 
_entity.pdbx_fragment 
_entity.details 
1 polymer man 'Protection of telomeres protein 1'         17182.414 1   ? V199D 
'Pot1pC, partial DNA binding domain, residues 198-339' ?                                            
2 polymer syn 
;DNA (5'-D(*GP*GP*AP*TP*AP*CP*GP*GP*T)-3')
;
2795.847  1   ? ?     ?                                                      'telomeric single-stranded DNA, T3A variant' 
3 water   nat water                                       18.015    172 ? ?     ? ?                                            
# 
loop_
_entity_poly.entity_id 
_entity_poly.type 
_entity_poly.nstd_linkage 
_entity_poly.nstd_monomer 
_entity_poly.pdbx_seq_one_letter_code 
_entity_poly.pdbx_seq_one_letter_code_can 
_entity_poly.pdbx_strand_id 
_entity_poly.pdbx_target_identifier 
1 'polypeptide(L)'        no no 
;MSDSFSLLSQITPHQRCSFYAQVIKTWYSDKNFTLYVTDYTENELFFPMSPYTSSSRWRGPFGRFSIRCILWDEHDFYCR
NYIKEGDYVVMKNVRTKIDHLGYLECILHGDSAKRYNMSIEKVDSEEPELNEIKSRKRLYVQN
;
;MSDSFSLLSQITPHQRCSFYAQVIKTWYSDKNFTLYVTDYTENELFFPMSPYTSSSRWRGPFGRFSIRCILWDEHDFYCR
NYIKEGDYVVMKNVRTKIDHLGYLECILHGDSAKRYNMSIEKVDSEEPELNEIKSRKRLYVQN
;
A ? 
2 polydeoxyribonucleotide no no '(DG)(DG)(DA)(DT)(DA)(DC)(DG)(DG)(DT)' GGATACGGT B ? 
# 
loop_
_entity_poly_seq.entity_id 
_entity_poly_seq.num 
_entity_poly_seq.mon_id 
_entity_poly_seq.hetero 
1 1   MET n 
1 2   SER n 
1 3   ASP n 
1 4   SER n 
1 5   PHE n 
1 6   SER n 
1 7   LEU n 
1 8   LEU n 
1 9   SER n 
1 10  GLN n 
1 11  ILE n 
1 12  THR n 
1 13  PRO n 
1 14  HIS n 
1 15  GLN n 
1 16  ARG n 
1 17  CYS n 
1 18  SER n 
1 19  PHE n 
1 20  TYR n 
1 21  ALA n 
1 22  GLN n 
1 23  VAL n 
1 24  ILE n 
1 25  LYS n 
1 26  THR n 
1 27  TRP n 
1 28  TYR n 
1 29  SER n 
1 30  ASP n 
1 31  LYS n 
1 32  ASN n 
1 33  PHE n 
1 34  THR n 
1 35  LEU n 
1 36  TYR n 
1 37  VAL n 
1 38  THR n 
1 39  ASP n 
1 40  TYR n 
1 41  THR n 
1 42  GLU n 
1 43  ASN n 
1 44  GLU n 
1 45  LEU n 
1 46  PHE n 
1 47  PHE n 
1 48  PRO n 
1 49  MET n 
1 50  SER n 
1 51  PRO n 
1 52  TYR n 
1 53  THR n 
1 54  SER n 
1 55  SER n 
1 56  SER n 
1 57  ARG n 
1 58  TRP n 
1 59  ARG n 
1 60  GLY n 
1 61  PRO n 
1 62  PHE n 
1 63  GLY n 
1 64  ARG n 
1 65  PHE n 
1 66  SER n 
1 67  ILE n 
1 68  ARG n 
1 69  CYS n 
1 70  ILE n 
1 71  LEU n 
1 72  TRP n 
1 73  ASP n 
1 74  GLU n 
1 75  HIS n 
1 76  ASP n 
1 77  PHE n 
1 78  TYR n 
1 79  CYS n 
1 80  ARG n 
1 81  ASN n 
1 82  TYR n 
1 83  ILE n 
1 84  LYS n 
1 85  GLU n 
1 86  GLY n 
1 87  ASP n 
1 88  TYR n 
1 89  VAL n 
1 90  VAL n 
1 91  MET n 
1 92  LYS n 
1 93  ASN n 
1 94  VAL n 
1 95  ARG n 
1 96  THR n 
1 97  LYS n 
1 98  ILE n 
1 99  ASP n 
1 100 HIS n 
1 101 LEU n 
1 102 GLY n 
1 103 TYR n 
1 104 LEU n 
1 105 GLU n 
1 106 CYS n 
1 107 ILE n 
1 108 LEU n 
1 109 HIS n 
1 110 GLY n 
1 111 ASP n 
1 112 SER n 
1 113 ALA n 
1 114 LYS n 
1 115 ARG n 
1 116 TYR n 
1 117 ASN n 
1 118 MET n 
1 119 SER n 
1 120 ILE n 
1 121 GLU n 
1 122 LYS n 
1 123 VAL n 
1 124 ASP n 
1 125 SER n 
1 126 GLU n 
1 127 GLU n 
1 128 PRO n 
1 129 GLU n 
1 130 LEU n 
1 131 ASN n 
1 132 GLU n 
1 133 ILE n 
1 134 LYS n 
1 135 SER n 
1 136 ARG n 
1 137 LYS n 
1 138 ARG n 
1 139 LEU n 
1 140 TYR n 
1 141 VAL n 
1 142 GLN n 
1 143 ASN n 
2 1   DG  n 
2 2   DG  n 
2 3   DA  n 
2 4   DT  n 
2 5   DA  n 
2 6   DC  n 
2 7   DG  n 
2 8   DG  n 
2 9   DT  n 
# 
_entity_src_gen.entity_id                          1 
_entity_src_gen.pdbx_src_id                        1 
_entity_src_gen.pdbx_alt_source_flag               sample 
_entity_src_gen.pdbx_seq_type                      ? 
_entity_src_gen.pdbx_beg_seq_num                   ? 
_entity_src_gen.pdbx_end_seq_num                   ? 
_entity_src_gen.gene_src_common_name               'Fission yeast' 
_entity_src_gen.gene_src_genus                     ? 
_entity_src_gen.pdbx_gene_src_gene                 'pot1, SPAC26H5.06' 
_entity_src_gen.gene_src_species                   ? 
_entity_src_gen.gene_src_strain                    972h- 
_entity_src_gen.gene_src_tissue                    ? 
_entity_src_gen.gene_src_tissue_fraction           ? 
_entity_src_gen.gene_src_details                   ? 
_entity_src_gen.pdbx_gene_src_fragment             ? 
_entity_src_gen.pdbx_gene_src_scientific_name      'Schizosaccharomyces pombe' 
_entity_src_gen.pdbx_gene_src_ncbi_taxonomy_id     284812 
_entity_src_gen.pdbx_gene_src_variant              ? 
_entity_src_gen.pdbx_gene_src_cell_line            ? 
_entity_src_gen.pdbx_gene_src_atcc                 ? 
_entity_src_gen.pdbx_gene_src_organ                ? 
_entity_src_gen.pdbx_gene_src_organelle            ? 
_entity_src_gen.pdbx_gene_src_cell                 ? 
_entity_src_gen.pdbx_gene_src_cellular_location    ? 
_entity_src_gen.host_org_common_name               ? 
_entity_src_gen.pdbx_host_org_scientific_name      'Escherichia coli' 
_entity_src_gen.pdbx_host_org_ncbi_taxonomy_id     469008 
_entity_src_gen.host_org_genus                     ? 
_entity_src_gen.pdbx_host_org_gene                 ? 
_entity_src_gen.pdbx_host_org_organ                ? 
_entity_src_gen.host_org_species                   ? 
_entity_src_gen.pdbx_host_org_tissue               ? 
_entity_src_gen.pdbx_host_org_tissue_fraction      ? 
_entity_src_gen.pdbx_host_org_strain               'BL21 (DE3)' 
_entity_src_gen.pdbx_host_org_variant              ? 
_entity_src_gen.pdbx_host_org_cell_line            ? 
_entity_src_gen.pdbx_host_org_atcc                 ? 
_entity_src_gen.pdbx_host_org_culture_collection   ? 
_entity_src_gen.pdbx_host_org_cell                 ? 
_entity_src_gen.pdbx_host_org_organelle            ? 
_entity_src_gen.pdbx_host_org_cellular_location    ? 
_entity_src_gen.pdbx_host_org_vector_type          plasmid 
_entity_src_gen.pdbx_host_org_vector               ? 
_entity_src_gen.host_org_details                   ? 
_entity_src_gen.expression_system_id               ? 
_entity_src_gen.plasmid_name                       pTXB1 
_entity_src_gen.plasmid_details                    ? 
_entity_src_gen.pdbx_description                   ? 
# 
_pdbx_entity_src_syn.entity_id              2 
_pdbx_entity_src_syn.pdbx_src_id            1 
_pdbx_entity_src_syn.pdbx_alt_source_flag   sample 
_pdbx_entity_src_syn.pdbx_beg_seq_num       ? 
_pdbx_entity_src_syn.pdbx_end_seq_num       ? 
_pdbx_entity_src_syn.organism_scientific    'Schizosaccharomyces pombe' 
_pdbx_entity_src_syn.organism_common_name   ? 
_pdbx_entity_src_syn.ncbi_taxonomy_id       284812 
_pdbx_entity_src_syn.details                ? 
# 
loop_
_struct_ref.id 
_struct_ref.db_name 
_struct_ref.db_code 
_struct_ref.pdbx_db_accession 
_struct_ref.entity_id 
_struct_ref.pdbx_seq_one_letter_code 
_struct_ref.pdbx_align_begin 
_struct_ref.pdbx_db_isoform 
1 UNP POT1_SCHPO O13988 1 
;SVSFSLLSQITPHQRCSFYAQVIKTWYSDKNFTLYVTDYTENELFFPMSPYTSSSRWRGPFGRFSIRCILWDEHDFYCRN
YIKEGDYVVMKNVRTKIDHLGYLECILHGDSAKRYNMSIEKVDSEEPELNEIKSRKRLYVQN
;
198 ? 
2 PDB 4HIM       4HIM   2 ? ?   ? 
# 
loop_
_struct_ref_seq.align_id 
_struct_ref_seq.ref_id 
_struct_ref_seq.pdbx_PDB_id_code 
_struct_ref_seq.pdbx_strand_id 
_struct_ref_seq.seq_align_beg 
_struct_ref_seq.pdbx_seq_align_beg_ins_code 
_struct_ref_seq.seq_align_end 
_struct_ref_seq.pdbx_seq_align_end_ins_code 
_struct_ref_seq.pdbx_db_accession 
_struct_ref_seq.db_align_beg 
_struct_ref_seq.pdbx_db_align_beg_ins_code 
_struct_ref_seq.db_align_end 
_struct_ref_seq.pdbx_db_align_end_ins_code 
_struct_ref_seq.pdbx_auth_seq_align_beg 
_struct_ref_seq.pdbx_auth_seq_align_end 
1 1 4HIM A 2 ? 143 ? O13988 198 ? 339 ? 2 143 
2 2 4HIM B 1 ? 9   ? 4HIM   1   ? 9   ? 1 9   
# 
loop_
_struct_ref_seq_dif.align_id 
_struct_ref_seq_dif.pdbx_pdb_id_code 
_struct_ref_seq_dif.mon_id 
_struct_ref_seq_dif.pdbx_pdb_strand_id 
_struct_ref_seq_dif.seq_num 
_struct_ref_seq_dif.pdbx_pdb_ins_code 
_struct_ref_seq_dif.pdbx_seq_db_name 
_struct_ref_seq_dif.pdbx_seq_db_accession_code 
_struct_ref_seq_dif.db_mon_id 
_struct_ref_seq_dif.pdbx_seq_db_seq_num 
_struct_ref_seq_dif.details 
_struct_ref_seq_dif.pdbx_auth_seq_num 
_struct_ref_seq_dif.pdbx_ordinal 
1 4HIM MET A 1 ? UNP O13988 ?   ?   'expression tag'      1 1 
1 4HIM ASP A 3 ? UNP O13988 VAL 199 'engineered mutation' 3 2 
# 
loop_
_chem_comp.id 
_chem_comp.type 
_chem_comp.mon_nstd_flag 
_chem_comp.name 
_chem_comp.pdbx_synonyms 
_chem_comp.formula 
_chem_comp.formula_weight 
ALA 'L-peptide linking' y ALANINE                              ? 'C3 H7 N O2'      89.093  
ARG 'L-peptide linking' y ARGININE                             ? 'C6 H15 N4 O2 1'  175.209 
ASN 'L-peptide linking' y ASPARAGINE                           ? 'C4 H8 N2 O3'     132.118 
ASP 'L-peptide linking' y 'ASPARTIC ACID'                      ? 'C4 H7 N O4'      133.103 
CYS 'L-peptide linking' y CYSTEINE                             ? 'C3 H7 N O2 S'    121.158 
DA  'DNA linking'       y "2'-DEOXYADENOSINE-5'-MONOPHOSPHATE" ? 'C10 H14 N5 O6 P' 331.222 
DC  'DNA linking'       y "2'-DEOXYCYTIDINE-5'-MONOPHOSPHATE"  ? 'C9 H14 N3 O7 P'  307.197 
DG  'DNA linking'       y "2'-DEOXYGUANOSINE-5'-MONOPHOSPHATE" ? 'C10 H14 N5 O7 P' 347.221 
DT  'DNA linking'       y "THYMIDINE-5'-MONOPHOSPHATE"         ? 'C10 H15 N2 O8 P' 322.208 
GLN 'L-peptide linking' y GLUTAMINE                            ? 'C5 H10 N2 O3'    146.144 
GLU 'L-peptide linking' y 'GLUTAMIC ACID'                      ? 'C5 H9 N O4'      147.129 
GLY 'peptide linking'   y GLYCINE                              ? 'C2 H5 N O2'      75.067  
HIS 'L-peptide linking' y HISTIDINE                            ? 'C6 H10 N3 O2 1'  156.162 
HOH non-polymer         . WATER                                ? 'H2 O'            18.015  
ILE 'L-peptide linking' y ISOLEUCINE                           ? 'C6 H13 N O2'     131.173 
LEU 'L-peptide linking' y LEUCINE                              ? 'C6 H13 N O2'     131.173 
LYS 'L-peptide linking' y LYSINE                               ? 'C6 H15 N2 O2 1'  147.195 
MET 'L-peptide linking' y METHIONINE                           ? 'C5 H11 N O2 S'   149.211 
PHE 'L-peptide linking' y PHENYLALANINE                        ? 'C9 H11 N O2'     165.189 
PRO 'L-peptide linking' y PROLINE                              ? 'C5 H9 N O2'      115.130 
SER 'L-peptide linking' y SERINE                               ? 'C3 H7 N O3'      105.093 
THR 'L-peptide linking' y THREONINE                            ? 'C4 H9 N O3'      119.119 
TRP 'L-peptide linking' y TRYPTOPHAN                           ? 'C11 H12 N2 O2'   204.225 
TYR 'L-peptide linking' y TYROSINE                             ? 'C9 H11 N O3'     181.189 
VAL 'L-peptide linking' y VALINE                               ? 'C5 H11 N O2'     117.146 
# 
_exptl.crystals_number   1 
_exptl.entry_id          4HIM 
_exptl.method            'X-RAY DIFFRACTION' 
# 
_exptl_crystal.id                    1 
_exptl_crystal.density_Matthews      2.15 
_exptl_crystal.density_meas          ? 
_exptl_crystal.density_percent_sol   42.72 
_exptl_crystal.description           ? 
_exptl_crystal.F_000                 ? 
_exptl_crystal.preparation           ? 
# 
_exptl_crystal_grow.crystal_id      1 
_exptl_crystal_grow.method          'VAPOR DIFFUSION, HANGING DROP' 
_exptl_crystal_grow.pH              7 
_exptl_crystal_grow.temp            290 
_exptl_crystal_grow.pdbx_details    '20% PEG 3000, 0.2M sodium formate, pH 7, VAPOR DIFFUSION, HANGING DROP, temperature 290K' 
_exptl_crystal_grow.temp_details    ? 
_exptl_crystal_grow.pdbx_pH_range   ? 
# 
_diffrn.id                     1 
_diffrn.ambient_temp           100 
_diffrn.ambient_temp_details   ? 
_diffrn.crystal_id             1 
# 
_diffrn_detector.diffrn_id              1 
_diffrn_detector.detector               'IMAGE PLATE' 
_diffrn_detector.type                   'RIGAKU RAXIS IV++' 
_diffrn_detector.pdbx_collection_date   2011-12-09 
_diffrn_detector.details                ? 
# 
_diffrn_radiation.diffrn_id                        1 
_diffrn_radiation.pdbx_diffrn_protocol             'SINGLE WAVELENGTH' 
_diffrn_radiation.monochromator                    'osmic mirrors' 
_diffrn_radiation.wavelength_id                    1 
_diffrn_radiation.pdbx_monochromatic_or_laue_m_l   M 
_diffrn_radiation.pdbx_scattering_type             x-ray 
# 
_diffrn_radiation_wavelength.id           1 
_diffrn_radiation_wavelength.wavelength   1.54 
_diffrn_radiation_wavelength.wt           1.0 
# 
_diffrn_source.diffrn_id                   1 
_diffrn_source.source                      'ROTATING ANODE' 
_diffrn_source.type                        'RIGAKU RUH2R' 
_diffrn_source.pdbx_wavelength_list        1.54 
_diffrn_source.pdbx_wavelength             ? 
_diffrn_source.pdbx_synchrotron_site       ? 
_diffrn_source.pdbx_synchrotron_beamline   ? 
# 
_reflns.entry_id                     4HIM 
_reflns.d_resolution_high            1.750 
_reflns.d_resolution_low             50.000 
_reflns.number_obs                   17770 
_reflns.pdbx_Rmerge_I_obs            0.034 
_reflns.pdbx_netI_over_sigmaI        25.000 
_reflns.pdbx_chi_squared             1.826 
_reflns.pdbx_redundancy              3.000 
_reflns.percent_possible_obs         98.800 
_reflns.observed_criterion_sigma_F   -3 
_reflns.observed_criterion_sigma_I   -3 
_reflns.number_all                   17995 
_reflns.pdbx_Rsym_value              ? 
_reflns.B_iso_Wilson_estimate        ? 
_reflns.R_free_details               ? 
_reflns.limit_h_max                  ? 
_reflns.limit_h_min                  ? 
_reflns.limit_k_max                  ? 
_reflns.limit_k_min                  ? 
_reflns.limit_l_max                  ? 
_reflns.limit_l_min                  ? 
_reflns.observed_criterion_F_max     ? 
_reflns.observed_criterion_F_min     ? 
_reflns.pdbx_scaling_rejects         ? 
_reflns.pdbx_ordinal                 1 
_reflns.pdbx_diffrn_id               1 
# 
loop_
_reflns_shell.d_res_high 
_reflns_shell.d_res_low 
_reflns_shell.number_measured_obs 
_reflns_shell.number_measured_all 
_reflns_shell.number_unique_obs 
_reflns_shell.Rmerge_I_obs 
_reflns_shell.meanI_over_sigI_obs 
_reflns_shell.pdbx_Rsym_value 
_reflns_shell.pdbx_chi_squared 
_reflns_shell.pdbx_redundancy 
_reflns_shell.percent_possible_obs 
_reflns_shell.number_unique_all 
_reflns_shell.percent_possible_all 
_reflns_shell.pdbx_ordinal 
_reflns_shell.pdbx_diffrn_id 
1.750 1.810  ? ? ? 0.147 ? ? 1.107 2.900 ? 1727 98.900 1  1 
1.810 1.890  ? ? ? 0.114 ? ? 1.360 2.900 ? 1735 98.900 2  1 
1.890 1.970  ? ? ? 0.085 ? ? 1.575 2.900 ? 1765 98.800 3  1 
1.970 2.070  ? ? ? 0.070 ? ? 2.036 2.900 ? 1744 98.900 4  1 
2.070 2.200  ? ? ? 0.057 ? ? 2.029 3.000 ? 1763 99.000 5  1 
2.200 2.380  ? ? ? 0.051 ? ? 2.233 3.000 ? 1780 99.100 6  1 
2.380 2.610  ? ? ? 0.045 ? ? 2.232 3.000 ? 1763 99.000 7  1 
2.610 2.990  ? ? ? 0.039 ? ? 2.180 3.000 ? 1787 98.900 8  1 
2.990 3.770  ? ? ? 0.030 ? ? 1.937 3.000 ? 1798 98.400 9  1 
3.770 50.000 ? ? ? 0.024 ? ? 1.482 2.900 ? 1908 97.900 10 1 
# 
_refine.entry_id                                 4HIM 
_refine.ls_d_res_high                            1.7500 
_refine.ls_d_res_low                             31.2550 
_refine.pdbx_ls_sigma_F                          0.000 
_refine.pdbx_data_cutoff_high_absF               ? 
_refine.pdbx_data_cutoff_low_absF                ? 
_refine.ls_percent_reflns_obs                    98.2400 
_refine.ls_number_reflns_obs                     17626 
_refine.ls_number_reflns_all                     17732 
_refine.pdbx_ls_cross_valid_method               ? 
_refine.pdbx_R_Free_selection_details            random 
_refine.details                                  ? 
_refine.ls_R_factor_all                          0.2246 
_refine.ls_R_factor_obs                          0.2246 
_refine.ls_R_factor_R_work                       0.2214 
_refine.ls_wR_factor_R_work                      ? 
_refine.ls_R_factor_R_free                       0.2516 
_refine.ls_wR_factor_R_free                      ? 
_refine.ls_percent_reflns_R_free                 9.9900 
_refine.ls_number_reflns_R_free                  1761 
_refine.ls_R_factor_R_free_error                 ? 
_refine.B_iso_mean                               26.9790 
_refine.solvent_model_param_bsol                 58.4780 
_refine.solvent_model_param_ksol                 0.4260 
_refine.pdbx_isotropic_thermal_model             ? 
_refine.aniso_B[1][1]                            7.0316 
_refine.aniso_B[2][2]                            -4.0875 
_refine.aniso_B[3][3]                            -2.9441 
_refine.aniso_B[1][2]                            -0.0000 
_refine.aniso_B[1][3]                            0.0000 
_refine.aniso_B[2][3]                            -0.0000 
_refine.correlation_coeff_Fo_to_Fc               ? 
_refine.correlation_coeff_Fo_to_Fc_free          ? 
_refine.overall_SU_R_Cruickshank_DPI             ? 
_refine.overall_SU_R_free                        ? 
_refine.pdbx_overall_ESU_R                       ? 
_refine.pdbx_overall_ESU_R_Free                  ? 
_refine.overall_SU_ML                            0.1600 
_refine.overall_SU_B                             ? 
_refine.solvent_model_details                    'FLAT BULK SOLVENT MODEL' 
_refine.pdbx_solvent_vdw_probe_radii             0.4000 
_refine.pdbx_solvent_ion_probe_radii             ? 
_refine.pdbx_solvent_shrinkage_radii             0.0400 
_refine.ls_number_parameters                     ? 
_refine.ls_number_restraints                     ? 
_refine.pdbx_starting_model                      'PDB ENTRY 4HIK' 
_refine.pdbx_method_to_determine_struct          'MOLECULAR REPLACEMENT' 
_refine.pdbx_stereochemistry_target_values       'Engh & Huber' 
_refine.pdbx_stereochem_target_val_spec_case     ? 
_refine.overall_FOM_work_R_set                   ? 
_refine.B_iso_max                                55.990 
_refine.B_iso_min                                13.820 
_refine.pdbx_overall_phase_error                 23.9600 
_refine.occupancy_max                            1.000 
_refine.occupancy_min                            0.500 
_refine.pdbx_ls_sigma_I                          ? 
_refine.ls_redundancy_reflns_obs                 ? 
_refine.ls_R_factor_R_free_error_details         ? 
_refine.pdbx_data_cutoff_high_rms_absF           ? 
_refine.overall_FOM_free_R_set                   ? 
_refine.pdbx_diffrn_id                           1 
_refine.pdbx_refine_id                           'X-RAY DIFFRACTION' 
_refine.pdbx_TLS_residual_ADP_flag               ? 
_refine.pdbx_overall_SU_R_free_Cruickshank_DPI   ? 
_refine.pdbx_overall_SU_R_Blow_DPI               ? 
_refine.pdbx_overall_SU_R_free_Blow_DPI          ? 
# 
_refine_hist.pdbx_refine_id                   'X-RAY DIFFRACTION' 
_refine_hist.cycle_id                         LAST 
_refine_hist.pdbx_number_atoms_protein        1169 
_refine_hist.pdbx_number_atoms_nucleic_acid   186 
_refine_hist.pdbx_number_atoms_ligand         0 
_refine_hist.number_atoms_solvent             172 
_refine_hist.number_atoms_total               1527 
_refine_hist.d_res_high                       1.7500 
_refine_hist.d_res_low                        31.2550 
# 
loop_
_refine_ls_restr.type 
_refine_ls_restr.number 
_refine_ls_restr.dev_ideal 
_refine_ls_restr.dev_ideal_target 
_refine_ls_restr.weight 
_refine_ls_restr.pdbx_restraint_function 
_refine_ls_restr.pdbx_refine_id 
f_bond_d           1415 0.007  ? ? ? 'X-RAY DIFFRACTION' 
f_angle_d          1952 0.813  ? ? ? 'X-RAY DIFFRACTION' 
f_chiral_restr     202  0.053  ? ? ? 'X-RAY DIFFRACTION' 
f_plane_restr      215  0.003  ? ? ? 'X-RAY DIFFRACTION' 
f_dihedral_angle_d 536  18.539 ? ? ? 'X-RAY DIFFRACTION' 
# 
loop_
_refine_ls_shell.d_res_high 
_refine_ls_shell.d_res_low 
_refine_ls_shell.pdbx_total_number_of_bins_used 
_refine_ls_shell.percent_reflns_obs 
_refine_ls_shell.number_reflns_R_work 
_refine_ls_shell.R_factor_all 
_refine_ls_shell.R_factor_R_work 
_refine_ls_shell.R_factor_R_free 
_refine_ls_shell.percent_reflns_R_free 
_refine_ls_shell.number_reflns_R_free 
_refine_ls_shell.R_factor_R_free_error 
_refine_ls_shell.number_reflns_all 
_refine_ls_shell.number_reflns_obs 
_refine_ls_shell.redundancy_reflns_obs 
_refine_ls_shell.pdbx_refine_id 
1.7497 1.7970  13 96.0000 1166 . 0.3054 0.3102 . 129 . 1295 . . 'X-RAY DIFFRACTION' 
1.7970 1.8498  13 98.0000 1184 . 0.2779 0.3252 . 127 . 1311 . . 'X-RAY DIFFRACTION' 
1.8498 1.9095  13 98.0000 1201 . 0.2472 0.2884 . 134 . 1335 . . 'X-RAY DIFFRACTION' 
1.9095 1.9778  13 98.0000 1194 . 0.2308 0.2784 . 134 . 1328 . . 'X-RAY DIFFRACTION' 
1.9778 2.0569  13 99.0000 1210 . 0.2278 0.2602 . 135 . 1345 . . 'X-RAY DIFFRACTION' 
2.0569 2.1505  13 99.0000 1206 . 0.2363 0.2873 . 135 . 1341 . . 'X-RAY DIFFRACTION' 
2.1505 2.2639  13 99.0000 1211 . 0.2550 0.2450 . 133 . 1344 . . 'X-RAY DIFFRACTION' 
2.2639 2.4057  13 99.0000 1231 . 0.2399 0.2630 . 137 . 1368 . . 'X-RAY DIFFRACTION' 
2.4057 2.5913  13 99.0000 1226 . 0.2556 0.2322 . 136 . 1362 . . 'X-RAY DIFFRACTION' 
2.5913 2.8520  13 99.0000 1220 . 0.2309 0.2786 . 136 . 1356 . . 'X-RAY DIFFRACTION' 
2.8520 3.2643  13 98.0000 1243 . 0.2129 0.2307 . 138 . 1381 . . 'X-RAY DIFFRACTION' 
3.2643 4.1112  13 98.0000 1259 . 0.1885 0.2453 . 140 . 1399 . . 'X-RAY DIFFRACTION' 
4.1112 31.2597 13 98.0000 1314 . 0.2004 0.2273 . 147 . 1461 . . 'X-RAY DIFFRACTION' 
# 
_struct.entry_id                  4HIM 
_struct.title                     'Crystal Structure of Schizosaccharomyces pombe Pot1pC bound to ssDNA (GGATACGGT)' 
_struct.pdbx_model_details        ? 
_struct.pdbx_CASP_flag            ? 
_struct.pdbx_model_type_details   ? 
# 
_struct_keywords.entry_id        4HIM 
_struct_keywords.text            
'OB-fold, specificity, plasticity, promiscuity, ssDNA-binding, single-stranded telomeric DNA, DNA BINDING PROTEIN' 
_struct_keywords.pdbx_keywords   'DNA BINDING PROTEIN' 
# 
loop_
_struct_asym.id 
_struct_asym.pdbx_blank_PDB_chainid_flag 
_struct_asym.pdbx_modified 
_struct_asym.entity_id 
_struct_asym.details 
A N N 1 ? 
B N N 2 ? 
C N N 3 ? 
D N N 3 ? 
# 
_struct_biol.id        1 
_struct_biol.details   ? 
# 
loop_
_struct_conf.conf_type_id 
_struct_conf.id 
_struct_conf.pdbx_PDB_helix_id 
_struct_conf.beg_label_comp_id 
_struct_conf.beg_label_asym_id 
_struct_conf.beg_label_seq_id 
_struct_conf.pdbx_beg_PDB_ins_code 
_struct_conf.end_label_comp_id 
_struct_conf.end_label_asym_id 
_struct_conf.end_label_seq_id 
_struct_conf.pdbx_end_PDB_ins_code 
_struct_conf.beg_auth_comp_id 
_struct_conf.beg_auth_asym_id 
_struct_conf.beg_auth_seq_id 
_struct_conf.end_auth_comp_id 
_struct_conf.end_auth_asym_id 
_struct_conf.end_auth_seq_id 
_struct_conf.pdbx_PDB_helix_class 
_struct_conf.details 
_struct_conf.pdbx_PDB_helix_length 
HELX_P HELX_P1 1 TRP A 72  ? ARG A 80  ? TRP A 72  ARG A 80  1 ? 9 
HELX_P HELX_P2 2 GLU A 127 ? GLU A 129 ? GLU A 127 GLU A 129 5 ? 3 
HELX_P HELX_P3 3 LEU A 130 ? ARG A 138 ? LEU A 130 ARG A 138 1 ? 9 
# 
_struct_conf_type.id          HELX_P 
_struct_conf_type.criteria    ? 
_struct_conf_type.reference   ? 
# 
_struct_conn.id                            hydrog1 
_struct_conn.conn_type_id                  hydrog 
_struct_conn.pdbx_leaving_atom_flag        ? 
_struct_conn.pdbx_PDB_id                   ? 
_struct_conn.ptnr1_label_asym_id           B 
_struct_conn.ptnr1_label_comp_id           DT 
_struct_conn.ptnr1_label_seq_id            4 
_struct_conn.ptnr1_label_atom_id           O2 
_struct_conn.pdbx_ptnr1_label_alt_id       ? 
_struct_conn.pdbx_ptnr1_PDB_ins_code       ? 
_struct_conn.pdbx_ptnr1_standard_comp_id   ? 
_struct_conn.ptnr1_symmetry                1_555 
_struct_conn.ptnr2_label_asym_id           B 
_struct_conn.ptnr2_label_comp_id           DA 
_struct_conn.ptnr2_label_seq_id            5 
_struct_conn.ptnr2_label_atom_id           N6 
_struct_conn.pdbx_ptnr2_label_alt_id       ? 
_struct_conn.pdbx_ptnr2_PDB_ins_code       ? 
_struct_conn.ptnr1_auth_asym_id            B 
_struct_conn.ptnr1_auth_comp_id            DT 
_struct_conn.ptnr1_auth_seq_id             4 
_struct_conn.ptnr2_auth_asym_id            B 
_struct_conn.ptnr2_auth_comp_id            DA 
_struct_conn.ptnr2_auth_seq_id             5 
_struct_conn.ptnr2_symmetry                1_555 
_struct_conn.pdbx_ptnr3_label_atom_id      ? 
_struct_conn.pdbx_ptnr3_label_seq_id       ? 
_struct_conn.pdbx_ptnr3_label_comp_id      ? 
_struct_conn.pdbx_ptnr3_label_asym_id      ? 
_struct_conn.pdbx_ptnr3_label_alt_id       ? 
_struct_conn.pdbx_ptnr3_PDB_ins_code       ? 
_struct_conn.details                       'DT-DA PAIR' 
_struct_conn.pdbx_dist_value               ? 
_struct_conn.pdbx_value_order              ? 
_struct_conn.pdbx_role                     ? 
# 
_struct_conn_type.id          hydrog 
_struct_conn_type.criteria    ? 
_struct_conn_type.reference   ? 
# 
_struct_mon_prot_cis.pdbx_id                1 
_struct_mon_prot_cis.label_comp_id          GLY 
_struct_mon_prot_cis.label_seq_id           60 
_struct_mon_prot_cis.label_asym_id          A 
_struct_mon_prot_cis.label_alt_id           . 
_struct_mon_prot_cis.pdbx_PDB_ins_code      ? 
_struct_mon_prot_cis.auth_comp_id           GLY 
_struct_mon_prot_cis.auth_seq_id            60 
_struct_mon_prot_cis.auth_asym_id           A 
_struct_mon_prot_cis.pdbx_label_comp_id_2   PRO 
_struct_mon_prot_cis.pdbx_label_seq_id_2    61 
_struct_mon_prot_cis.pdbx_label_asym_id_2   A 
_struct_mon_prot_cis.pdbx_PDB_ins_code_2    ? 
_struct_mon_prot_cis.pdbx_auth_comp_id_2    PRO 
_struct_mon_prot_cis.pdbx_auth_seq_id_2     61 
_struct_mon_prot_cis.pdbx_auth_asym_id_2    A 
_struct_mon_prot_cis.pdbx_PDB_model_num     1 
_struct_mon_prot_cis.pdbx_omega_angle       11.30 
# 
_struct_sheet.id               A 
_struct_sheet.type             ? 
_struct_sheet.number_strands   7 
_struct_sheet.details          ? 
# 
loop_
_struct_sheet_order.sheet_id 
_struct_sheet_order.range_id_1 
_struct_sheet_order.range_id_2 
_struct_sheet_order.offset 
_struct_sheet_order.sense 
A 1 2 ? anti-parallel 
A 2 3 ? anti-parallel 
A 3 4 ? parallel      
A 4 5 ? anti-parallel 
A 5 6 ? anti-parallel 
A 6 7 ? anti-parallel 
# 
loop_
_struct_sheet_range.sheet_id 
_struct_sheet_range.id 
_struct_sheet_range.beg_label_comp_id 
_struct_sheet_range.beg_label_asym_id 
_struct_sheet_range.beg_label_seq_id 
_struct_sheet_range.pdbx_beg_PDB_ins_code 
_struct_sheet_range.end_label_comp_id 
_struct_sheet_range.end_label_asym_id 
_struct_sheet_range.end_label_seq_id 
_struct_sheet_range.pdbx_end_PDB_ins_code 
_struct_sheet_range.beg_auth_comp_id 
_struct_sheet_range.beg_auth_asym_id 
_struct_sheet_range.beg_auth_seq_id 
_struct_sheet_range.end_auth_comp_id 
_struct_sheet_range.end_auth_asym_id 
_struct_sheet_range.end_auth_seq_id 
A 1 SER A 119 ? VAL A 123 ? SER A 119 VAL A 123 
A 2 TYR A 88  ? ILE A 98  ? TYR A 88  ILE A 98  
A 3 LEU A 104 ? LEU A 108 ? LEU A 104 LEU A 108 
A 4 ILE A 67  ? LEU A 71  ? ILE A 67  LEU A 71  
A 5 PHE A 33  ? THR A 38  ? PHE A 33  THR A 38  
A 6 ARG A 16  ? TYR A 28  ? ARG A 16  TYR A 28  
A 7 TYR A 88  ? ILE A 98  ? TYR A 88  ILE A 98  
# 
loop_
_pdbx_struct_sheet_hbond.sheet_id 
_pdbx_struct_sheet_hbond.range_id_1 
_pdbx_struct_sheet_hbond.range_id_2 
_pdbx_struct_sheet_hbond.range_1_label_atom_id 
_pdbx_struct_sheet_hbond.range_1_label_comp_id 
_pdbx_struct_sheet_hbond.range_1_label_asym_id 
_pdbx_struct_sheet_hbond.range_1_label_seq_id 
_pdbx_struct_sheet_hbond.range_1_PDB_ins_code 
_pdbx_struct_sheet_hbond.range_1_auth_atom_id 
_pdbx_struct_sheet_hbond.range_1_auth_comp_id 
_pdbx_struct_sheet_hbond.range_1_auth_asym_id 
_pdbx_struct_sheet_hbond.range_1_auth_seq_id 
_pdbx_struct_sheet_hbond.range_2_label_atom_id 
_pdbx_struct_sheet_hbond.range_2_label_comp_id 
_pdbx_struct_sheet_hbond.range_2_label_asym_id 
_pdbx_struct_sheet_hbond.range_2_label_seq_id 
_pdbx_struct_sheet_hbond.range_2_PDB_ins_code 
_pdbx_struct_sheet_hbond.range_2_auth_atom_id 
_pdbx_struct_sheet_hbond.range_2_auth_comp_id 
_pdbx_struct_sheet_hbond.range_2_auth_asym_id 
_pdbx_struct_sheet_hbond.range_2_auth_seq_id 
A 1 2 O SER A 119 ? O SER A 119 N LYS A 92  ? N LYS A 92  
A 2 3 N ARG A 95  ? N ARG A 95  O ILE A 107 ? O ILE A 107 
A 3 4 O CYS A 106 ? O CYS A 106 N ILE A 70  ? N ILE A 70  
A 4 5 O CYS A 69  ? O CYS A 69  N LEU A 35  ? N LEU A 35  
A 5 6 O THR A 38  ? O THR A 38  N GLN A 22  ? N GLN A 22  
A 6 7 N PHE A 19  ? N PHE A 19  O MET A 91  ? O MET A 91  
# 
_atom_sites.entry_id                    4HIM 
_atom_sites.fract_transf_matrix[1][1]   -0.01596704 
_atom_sites.fract_transf_matrix[1][2]   -0.00318567 
_atom_sites.fract_transf_matrix[1][3]   -0.01511035 
_atom_sites.fract_transf_matrix[2][1]   0.00294798 
_atom_sites.fract_transf_matrix[2][2]   0.01590478 
_atom_sites.fract_transf_matrix[2][3]   -0.00646828 
_atom_sites.fract_transf_matrix[3][1]   0.01015416 
_atom_sites.fract_transf_matrix[3][2]   -0.00575257 
_atom_sites.fract_transf_matrix[3][3]   -0.00951706 
_atom_sites.fract_transf_vector[1]      0.242660 
_atom_sites.fract_transf_vector[2]      0.420214 
_atom_sites.fract_transf_vector[3]      0.245012 
# 
loop_
_atom_type.symbol 
C 
N 
O 
P 
S 
# 
loop_
_atom_site.group_PDB 
_atom_site.id 
_atom_site.type_symbol 
_atom_site.label_atom_id 
_atom_site.label_alt_id 
_atom_site.label_comp_id 
_atom_site.label_asym_id 
_atom_site.label_entity_id 
_atom_site.label_seq_id 
_atom_site.pdbx_PDB_ins_code 
_atom_site.Cartn_x 
_atom_site.Cartn_y 
_atom_site.Cartn_z 
_atom_site.occupancy 
_atom_site.B_iso_or_equiv 
_atom_site.pdbx_formal_charge 
_atom_site.auth_seq_id 
_atom_site.auth_comp_id 
_atom_site.auth_asym_id 
_atom_site.auth_atom_id 
_atom_site.pdbx_PDB_model_num 
ATOM   1    N N     . SER A 1 4   ? -1.914  -13.076 10.531  1.00 44.72 ? 4   SER A N     1 
ATOM   2    C CA    . SER A 1 4   ? -0.537  -13.291 10.118  1.00 39.15 ? 4   SER A CA    1 
ATOM   3    C C     . SER A 1 4   ? -0.142  -12.289 9.041   1.00 31.93 ? 4   SER A C     1 
ATOM   4    O O     . SER A 1 4   ? -0.874  -12.078 8.094   1.00 32.58 ? 4   SER A O     1 
ATOM   5    C CB    . SER A 1 4   ? -0.355  -14.706 9.593   1.00 41.68 ? 4   SER A CB    1 
ATOM   6    O OG    . SER A 1 4   ? -0.831  -14.809 8.271   1.00 43.48 ? 4   SER A OG    1 
ATOM   7    N N     . PHE A 1 5   ? 1.032   -11.700 9.208   1.00 30.23 ? 5   PHE A N     1 
ATOM   8    C CA    . PHE A 1 5   ? 1.521   -10.645 8.330   1.00 28.40 ? 5   PHE A CA    1 
ATOM   9    C C     . PHE A 1 5   ? 2.327   -11.225 7.177   1.00 28.49 ? 5   PHE A C     1 
ATOM   10   O O     . PHE A 1 5   ? 3.069   -12.186 7.353   1.00 30.60 ? 5   PHE A O     1 
ATOM   11   C CB    . PHE A 1 5   ? 2.374   -9.654  9.116   1.00 22.99 ? 5   PHE A CB    1 
ATOM   12   C CG    . PHE A 1 5   ? 1.591   -8.805  10.072  1.00 30.33 ? 5   PHE A CG    1 
ATOM   13   C CD1   . PHE A 1 5   ? 1.564   -9.103  11.421  1.00 31.64 ? 5   PHE A CD1   1 
ATOM   14   C CD2   . PHE A 1 5   ? 0.882   -7.708  9.621   1.00 25.98 ? 5   PHE A CD2   1 
ATOM   15   C CE1   . PHE A 1 5   ? 0.848   -8.322  12.296  1.00 31.19 ? 5   PHE A CE1   1 
ATOM   16   C CE2   . PHE A 1 5   ? 0.163   -6.929  10.493  1.00 24.38 ? 5   PHE A CE2   1 
ATOM   17   C CZ    . PHE A 1 5   ? 0.146   -7.235  11.833  1.00 29.19 ? 5   PHE A CZ    1 
ATOM   18   N N     . SER A 1 6   ? 2.206   -10.570 6.039   1.00 20.61 ? 6   SER A N     1 
ATOM   19   C CA    . SER A 1 6   ? 2.996   -10.945 4.883   1.00 20.31 ? 6   SER A CA    1 
ATOM   20   C C     . SER A 1 6   ? 3.877   -9.781  4.459   1.00 23.01 ? 6   SER A C     1 
ATOM   21   O O     . SER A 1 6   ? 3.556   -8.634  4.717   1.00 24.82 ? 6   SER A O     1 
ATOM   22   C CB    . SER A 1 6   ? 2.108   -11.308 3.705   1.00 22.76 ? 6   SER A CB    1 
ATOM   23   O OG    . SER A 1 6   ? 1.343   -12.452 3.951   1.00 28.08 ? 6   SER A OG    1 
ATOM   24   N N     . LEU A 1 7   ? 4.977   -10.049 3.822   1.00 21.12 ? 7   LEU A N     1 
ATOM   25   C CA    . LEU A 1 7   ? 5.762   -9.077  3.104   1.00 20.43 ? 7   LEU A CA    1 
ATOM   26   C C     . LEU A 1 7   ? 5.074   -8.913  1.769   1.00 20.23 ? 7   LEU A C     1 
ATOM   27   O O     . LEU A 1 7   ? 4.381   -9.794  1.313   1.00 20.87 ? 7   LEU A O     1 
ATOM   28   C CB    . LEU A 1 7   ? 7.188   -9.565  2.892   1.00 21.97 ? 7   LEU A CB    1 
ATOM   29   C CG    . LEU A 1 7   ? 8.042   -9.758  4.134   1.00 24.26 ? 7   LEU A CG    1 
ATOM   30   C CD1   . LEU A 1 7   ? 9.363   -10.382 3.746   1.00 23.69 ? 7   LEU A CD1   1 
ATOM   31   C CD2   . LEU A 1 7   ? 8.245   -8.449  4.838   1.00 22.04 ? 7   LEU A CD2   1 
ATOM   32   N N     . LEU A 1 8   ? 5.245   -7.807  1.136   1.00 18.74 ? 8   LEU A N     1 
ATOM   33   C CA    . LEU A 1 8   ? 4.477   -7.531  -0.066  1.00 18.00 ? 8   LEU A CA    1 
ATOM   34   C C     . LEU A 1 8   ? 4.942   -8.431  -1.209  1.00 18.16 ? 8   LEU A C     1 
ATOM   35   O O     . LEU A 1 8   ? 4.221   -8.640  -2.176  1.00 19.34 ? 8   LEU A O     1 
ATOM   36   C CB    . LEU A 1 8   ? 4.583   -6.053  -0.448  1.00 18.28 ? 8   LEU A CB    1 
ATOM   37   C CG    . LEU A 1 8   ? 3.838   -5.071  0.461   1.00 18.46 ? 8   LEU A CG    1 
ATOM   38   C CD1   . LEU A 1 8   ? 3.921   -3.668  -0.092  1.00 17.78 ? 8   LEU A CD1   1 
ATOM   39   C CD2   . LEU A 1 8   ? 2.394   -5.485  0.635   1.00 23.43 ? 8   LEU A CD2   1 
ATOM   40   N N     . SER A 1 9   ? 6.150   -8.968  -1.076  1.00 20.86 ? 9   SER A N     1 
ATOM   41   C CA    . SER A 1 9   ? 6.653   -9.967  -2.012  1.00 23.40 ? 9   SER A CA    1 
ATOM   42   C C     . SER A 1 9   ? 5.809   -11.235 -1.975  1.00 21.34 ? 9   SER A C     1 
ATOM   43   O O     . SER A 1 9   ? 5.759   -11.987 -2.944  1.00 24.28 ? 9   SER A O     1 
ATOM   44   C CB    . SER A 1 9   ? 8.118   -10.296 -1.713  1.00 20.88 ? 9   SER A CB    1 
ATOM   45   O OG    . SER A 1 9   ? 8.280   -10.794 -0.401  1.00 20.44 ? 9   SER A OG    1 
ATOM   46   N N     . GLN A 1 10  ? 5.144   -11.464 -0.850  1.00 21.56 ? 10  GLN A N     1 
ATOM   47   C CA    . GLN A 1 10  ? 4.534   -12.759 -0.572  1.00 23.89 ? 10  GLN A CA    1 
ATOM   48   C C     . GLN A 1 10  ? 3.061   -12.800 -0.963  1.00 23.48 ? 10  GLN A C     1 
ATOM   49   O O     . GLN A 1 10  ? 2.481   -13.870 -1.113  1.00 23.28 ? 10  GLN A O     1 
ATOM   50   C CB    . GLN A 1 10  ? 4.694   -13.122 0.905   1.00 24.99 ? 10  GLN A CB    1 
ATOM   51   C CG    . GLN A 1 10  ? 6.108   -13.496 1.295   1.00 27.74 ? 10  GLN A CG    1 
ATOM   52   C CD    . GLN A 1 10  ? 6.352   -13.405 2.785   1.00 28.24 ? 10  GLN A CD    1 
ATOM   53   O OE1   . GLN A 1 10  ? 5.442   -13.133 3.559   1.00 28.20 ? 10  GLN A OE1   1 
ATOM   54   N NE2   . GLN A 1 10  ? 7.592   -13.634 3.193   1.00 36.84 ? 10  GLN A NE2   1 
ATOM   55   N N     . ILE A 1 11  ? 2.454   -11.630 -1.121  1.00 21.38 ? 11  ILE A N     1 
ATOM   56   C CA    . ILE A 1 11  ? 1.019   -11.568 -1.349  1.00 20.80 ? 11  ILE A CA    1 
ATOM   57   C C     . ILE A 1 11  ? 0.664   -11.973 -2.773  1.00 24.89 ? 11  ILE A C     1 
ATOM   58   O O     . ILE A 1 11  ? 1.446   -11.788 -3.702  1.00 20.48 ? 11  ILE A O     1 
ATOM   59   C CB    . ILE A 1 11  ? 0.427   -10.175 -1.026  1.00 25.63 ? 11  ILE A CB    1 
ATOM   60   C CG1   . ILE A 1 11  ? 0.872   -9.141  -2.054  1.00 17.32 ? 11  ILE A CG1   1 
ATOM   61   C CG2   . ILE A 1 11  ? 0.830   -9.732  0.366   1.00 25.09 ? 11  ILE A CG2   1 
ATOM   62   C CD1   . ILE A 1 11  ? 0.077   -7.859  -1.990  1.00 26.20 ? 11  ILE A CD1   1 
ATOM   63   N N     . THR A 1 12  ? -0.528  -12.535 -2.926  1.00 21.37 ? 12  THR A N     1 
ATOM   64   C CA    . THR A 1 12  ? -1.011  -13.007 -4.210  1.00 20.99 ? 12  THR A CA    1 
ATOM   65   C C     . THR A 1 12  ? -2.441  -12.508 -4.418  1.00 24.83 ? 12  THR A C     1 
ATOM   66   O O     . THR A 1 12  ? -3.095  -12.099 -3.467  1.00 23.43 ? 12  THR A O     1 
ATOM   67   C CB    . THR A 1 12  ? -0.976  -14.551 -4.276  1.00 27.38 ? 12  THR A CB    1 
ATOM   68   O OG1   . THR A 1 12  ? -1.701  -15.096 -3.171  1.00 24.29 ? 12  THR A OG1   1 
ATOM   69   C CG2   . THR A 1 12  ? 0.457   -15.049 -4.217  1.00 29.07 ? 12  THR A CG2   1 
ATOM   70   N N     . PRO A 1 13  ? -2.923  -12.532 -5.667  1.00 24.36 ? 13  PRO A N     1 
ATOM   71   C CA    . PRO A 1 13  ? -4.274  -12.045 -5.969  1.00 18.35 ? 13  PRO A CA    1 
ATOM   72   C C     . PRO A 1 13  ? -5.354  -12.810 -5.204  1.00 26.07 ? 13  PRO A C     1 
ATOM   73   O O     . PRO A 1 13  ? -5.160  -13.975 -4.867  1.00 24.64 ? 13  PRO A O     1 
ATOM   74   C CB    . PRO A 1 13  ? -4.413  -12.308 -7.469  1.00 27.75 ? 13  PRO A CB    1 
ATOM   75   C CG    . PRO A 1 13  ? -3.024  -12.394 -7.979  1.00 25.94 ? 13  PRO A CG    1 
ATOM   76   C CD    . PRO A 1 13  ? -2.203  -12.958 -6.877  1.00 27.10 ? 13  PRO A CD    1 
ATOM   77   N N     . HIS A 1 14  ? -6.476  -12.148 -4.942  1.00 23.64 ? 14  HIS A N     1 
ATOM   78   C CA    . HIS A 1 14  ? -7.701  -12.820 -4.516  1.00 22.13 ? 14  HIS A CA    1 
ATOM   79   C C     . HIS A 1 14  ? -7.497  -13.588 -3.216  1.00 25.73 ? 14  HIS A C     1 
ATOM   80   O O     . HIS A 1 14  ? -8.053  -14.664 -3.021  1.00 24.05 ? 14  HIS A O     1 
ATOM   81   C CB    . HIS A 1 14  ? -8.218  -13.738 -5.619  1.00 20.78 ? 14  HIS A CB    1 
ATOM   82   C CG    . HIS A 1 14  ? -8.330  -13.066 -6.950  1.00 23.28 ? 14  HIS A CG    1 
ATOM   83   N ND1   . HIS A 1 14  ? -7.784  -13.593 -8.100  1.00 25.30 ? 14  HIS A ND1   1 
ATOM   84   C CD2   . HIS A 1 14  ? -8.915  -11.900 -7.313  1.00 23.95 ? 14  HIS A CD2   1 
ATOM   85   C CE1   . HIS A 1 14  ? -8.034  -12.786 -9.114  1.00 25.32 ? 14  HIS A CE1   1 
ATOM   86   N NE2   . HIS A 1 14  ? -8.717  -11.750 -8.664  1.00 25.85 ? 14  HIS A NE2   1 
ATOM   87   N N     . GLN A 1 15  ? -6.794  -12.934 -2.301  1.00 23.39 ? 15  GLN A N     1 
ATOM   88   C CA    . GLN A 1 15  ? -6.744  -13.323 -0.916  1.00 28.73 ? 15  GLN A CA    1 
ATOM   89   C C     . GLN A 1 15  ? -6.951  -12.096 -0.038  1.00 27.36 ? 15  GLN A C     1 
ATOM   90   O O     . GLN A 1 15  ? -7.069  -10.982 -0.529  1.00 19.89 ? 15  GLN A O     1 
ATOM   91   C CB    . GLN A 1 15  ? -5.397  -13.946 -0.597  1.00 27.90 ? 15  GLN A CB    1 
ATOM   92   C CG    . GLN A 1 15  ? -4.250  -12.995 -0.748  1.00 27.55 ? 15  GLN A CG    1 
ATOM   93   C CD    . GLN A 1 15  ? -2.928  -13.642 -0.426  1.00 32.56 ? 15  GLN A CD    1 
ATOM   94   O OE1   . GLN A 1 15  ? -2.809  -14.864 -0.443  1.00 41.54 ? 15  GLN A OE1   1 
ATOM   95   N NE2   . GLN A 1 15  ? -1.932  -12.835 -0.127  1.00 27.57 ? 15  GLN A NE2   1 
ATOM   96   N N     . ARG A 1 16  ? -6.973  -12.351 1.261   1.00 22.59 ? 16  ARG A N     1 
ATOM   97   C CA    . ARG A 1 16  ? -6.909  -11.327 2.268   1.00 22.00 ? 16  ARG A CA    1 
ATOM   98   C C     . ARG A 1 16  ? -5.535  -11.405 2.906   1.00 23.09 ? 16  ARG A C     1 
ATOM   99   O O     . ARG A 1 16  ? -4.983  -12.476 3.074   1.00 22.26 ? 16  ARG A O     1 
ATOM   100  C CB    . ARG A 1 16  ? -7.997  -11.536 3.318   1.00 27.36 ? 16  ARG A CB    1 
ATOM   101  C CG    . ARG A 1 16  ? -9.093  -10.515 3.235   1.00 33.50 ? 16  ARG A CG    1 
ATOM   102  C CD    . ARG A 1 16  ? -10.351 -10.919 3.970   1.00 37.47 ? 16  ARG A CD    1 
ATOM   103  N NE    . ARG A 1 16  ? -11.524 -10.496 3.230   1.00 41.49 ? 16  ARG A NE    1 
ATOM   104  C CZ    . ARG A 1 16  ? -11.889 -9.233  3.070   1.00 39.21 ? 16  ARG A CZ    1 
ATOM   105  N NH1   . ARG A 1 16  ? -11.190 -8.259  3.618   1.00 35.03 ? 16  ARG A NH1   1 
ATOM   106  N NH2   . ARG A 1 16  ? -12.966 -8.948  2.371   1.00 41.91 ? 16  ARG A NH2   1 
ATOM   107  N N     . CYS A 1 17  ? -4.980  -10.261 3.255   1.00 20.84 ? 17  CYS A N     1 
ATOM   108  C CA    . CYS A 1 17  ? -3.668  -10.224 3.841   1.00 17.88 ? 17  CYS A CA    1 
ATOM   109  C C     . CYS A 1 17  ? -3.470  -9.017  4.731   1.00 19.92 ? 17  CYS A C     1 
ATOM   110  O O     . CYS A 1 17  ? -4.299  -8.126  4.794   1.00 22.60 ? 17  CYS A O     1 
ATOM   111  C CB    . CYS A 1 17  ? -2.615  -10.208 2.753   1.00 23.95 ? 17  CYS A CB    1 
ATOM   112  S SG    . CYS A 1 17  ? -2.755  -8.788  1.696   1.00 25.73 ? 17  CYS A SG    1 
ATOM   113  N N     . SER A 1 18  ? -2.339  -9.015  5.412   1.00 21.73 ? 18  SER A N     1 
ATOM   114  C CA    . SER A 1 18  ? -1.981  -7.929  6.304   1.00 21.81 ? 18  SER A CA    1 
ATOM   115  C C     . SER A 1 18  ? -0.493  -7.630  6.168   1.00 20.81 ? 18  SER A C     1 
ATOM   116  O O     . SER A 1 18  ? 0.312   -8.542  6.009   1.00 22.69 ? 18  SER A O     1 
ATOM   117  C CB    . SER A 1 18  ? -2.323  -8.303  7.746   1.00 24.29 ? 18  SER A CB    1 
ATOM   118  O OG    . SER A 1 18  ? -3.648  -8.788  7.847   1.00 19.02 ? 18  SER A OG    1 
ATOM   119  N N     . PHE A 1 19  ? -0.131  -6.353  6.222   1.00 19.74 ? 19  PHE A N     1 
ATOM   120  C CA    . PHE A 1 19  ? 1.259   -5.952  6.025   1.00 19.86 ? 19  PHE A CA    1 
ATOM   121  C C     . PHE A 1 19  ? 1.575   -4.593  6.643   1.00 21.78 ? 19  PHE A C     1 
ATOM   122  O O     . PHE A 1 19  ? 0.693   -3.757  6.803   1.00 21.26 ? 19  PHE A O     1 
ATOM   123  C CB    . PHE A 1 19  ? 1.625   -5.961  4.537   1.00 19.31 ? 19  PHE A CB    1 
ATOM   124  C CG    . PHE A 1 19  ? 0.685   -5.172  3.667   1.00 20.14 ? 19  PHE A CG    1 
ATOM   125  C CD1   . PHE A 1 19  ? 0.838   -3.805  3.520   1.00 19.14 ? 19  PHE A CD1   1 
ATOM   126  C CD2   . PHE A 1 19  ? -0.341  -5.799  2.984   1.00 21.37 ? 19  PHE A CD2   1 
ATOM   127  C CE1   . PHE A 1 19  ? -0.019  -3.083  2.718   1.00 22.46 ? 19  PHE A CE1   1 
ATOM   128  C CE2   . PHE A 1 19  ? -1.198  -5.080  2.182   1.00 21.95 ? 19  PHE A CE2   1 
ATOM   129  C CZ    . PHE A 1 19  ? -1.036  -3.720  2.050   1.00 21.29 ? 19  PHE A CZ    1 
ATOM   130  N N     . TYR A 1 20  ? 2.843   -4.396  6.991   1.00 21.32 ? 20  TYR A N     1 
ATOM   131  C CA    . TYR A 1 20  ? 3.401   -3.066  7.220   1.00 23.85 ? 20  TYR A CA    1 
ATOM   132  C C     . TYR A 1 20  ? 3.997   -2.490  5.944   1.00 20.98 ? 20  TYR A C     1 
ATOM   133  O O     . TYR A 1 20  ? 4.574   -3.215  5.142   1.00 19.49 ? 20  TYR A O     1 
ATOM   134  C CB    . TYR A 1 20  ? 4.482   -3.115  8.297   1.00 22.41 ? 20  TYR A CB    1 
ATOM   135  C CG    . TYR A 1 20  ? 3.984   -3.562  9.644   1.00 24.59 ? 20  TYR A CG    1 
ATOM   136  C CD1   . TYR A 1 20  ? 3.538   -2.642  10.578  1.00 23.85 ? 20  TYR A CD1   1 
ATOM   137  C CD2   . TYR A 1 20  ? 3.958   -4.904  9.985   1.00 29.72 ? 20  TYR A CD2   1 
ATOM   138  C CE1   . TYR A 1 20  ? 3.081   -3.044  11.810  1.00 30.14 ? 20  TYR A CE1   1 
ATOM   139  C CE2   . TYR A 1 20  ? 3.502   -5.317  11.219  1.00 30.16 ? 20  TYR A CE2   1 
ATOM   140  C CZ    . TYR A 1 20  ? 3.063   -4.382  12.125  1.00 31.07 ? 20  TYR A CZ    1 
ATOM   141  O OH    . TYR A 1 20  ? 2.605   -4.781  13.356  1.00 35.79 ? 20  TYR A OH    1 
ATOM   142  N N     . ALA A 1 21  ? 3.860   -1.180  5.772   1.00 21.56 ? 21  ALA A N     1 
ATOM   143  C CA    . ALA A 1 21  ? 4.346   -0.509  4.573   1.00 19.62 ? 21  ALA A CA    1 
ATOM   144  C C     . ALA A 1 21  ? 4.612   0.970   4.831   1.00 20.34 ? 21  ALA A C     1 
ATOM   145  O O     . ALA A 1 21  ? 4.143   1.530   5.815   1.00 19.13 ? 21  ALA A O     1 
ATOM   146  C CB    . ALA A 1 21  ? 3.363   -0.677  3.437   1.00 16.03 ? 21  ALA A CB    1 
ATOM   147  N N     . GLN A 1 22  ? 5.370   1.592   3.936   1.00 16.92 ? 22  GLN A N     1 
ATOM   148  C CA    . GLN A 1 22  ? 5.440   3.045   3.871   1.00 18.17 ? 22  GLN A CA    1 
ATOM   149  C C     . GLN A 1 22  ? 4.590   3.594   2.730   1.00 19.66 ? 22  GLN A C     1 
ATOM   150  O O     . GLN A 1 22  ? 4.553   3.026   1.643   1.00 19.20 ? 22  GLN A O     1 
ATOM   151  C CB    . GLN A 1 22  ? 6.889   3.508   3.719   1.00 16.28 ? 22  GLN A CB    1 
ATOM   152  C CG    . GLN A 1 22  ? 7.091   4.978   4.017   1.00 20.28 ? 22  GLN A CG    1 
ATOM   153  C CD    . GLN A 1 22  ? 8.551   5.367   4.113   1.00 24.98 ? 22  GLN A CD    1 
ATOM   154  O OE1   . GLN A 1 22  ? 9.429   4.647   3.647   1.00 24.89 ? 22  GLN A OE1   1 
ATOM   155  N NE2   . GLN A 1 22  ? 8.816   6.513   4.721   1.00 24.66 ? 22  GLN A NE2   1 
ATOM   156  N N     . VAL A 1 23  ? 3.903   4.700   2.991   1.00 15.59 ? 23  VAL A N     1 
ATOM   157  C CA    . VAL A 1 23  ? 3.122   5.376   1.964   1.00 17.95 ? 23  VAL A CA    1 
ATOM   158  C C     . VAL A 1 23  ? 4.015   6.268   1.113   1.00 18.03 ? 23  VAL A C     1 
ATOM   159  O O     . VAL A 1 23  ? 4.704   7.139   1.629   1.00 20.19 ? 23  VAL A O     1 
ATOM   160  C CB    . VAL A 1 23  ? 1.993   6.230   2.573   1.00 15.71 ? 23  VAL A CB    1 
ATOM   161  C CG1   . VAL A 1 23  ? 1.090   6.775   1.481   1.00 15.84 ? 23  VAL A CG1   1 
ATOM   162  C CG2   . VAL A 1 23  ? 1.191   5.418   3.572   1.00 19.22 ? 23  VAL A CG2   1 
ATOM   163  N N     . ILE A 1 24  ? 3.995   6.035   -0.194  1.00 15.52 ? 24  ILE A N     1 
ATOM   164  C CA    . ILE A 1 24  ? 4.804   6.804   -1.129  1.00 16.20 ? 24  ILE A CA    1 
ATOM   165  C C     . ILE A 1 24  ? 3.976   7.912   -1.765  1.00 17.06 ? 24  ILE A C     1 
ATOM   166  O O     . ILE A 1 24  ? 4.437   9.038   -1.911  1.00 19.85 ? 24  ILE A O     1 
ATOM   167  C CB    . ILE A 1 24  ? 5.377   5.907   -2.237  1.00 17.31 ? 24  ILE A CB    1 
ATOM   168  C CG1   . ILE A 1 24  ? 6.233   4.794   -1.633  1.00 19.80 ? 24  ILE A CG1   1 
ATOM   169  C CG2   . ILE A 1 24  ? 6.179   6.727   -3.231  1.00 19.96 ? 24  ILE A CG2   1 
ATOM   170  C CD1   . ILE A 1 24  ? 7.429   5.285   -0.860  1.00 19.19 ? 24  ILE A CD1   1 
ATOM   171  N N     . LYS A 1 25  ? 2.747   7.582   -2.137  1.00 16.18 ? 25  LYS A N     1 
ATOM   172  C CA    . LYS A 1 25  ? 1.909   8.499   -2.896  1.00 17.26 ? 25  LYS A CA    1 
ATOM   173  C C     . LYS A 1 25  ? 0.454   8.386   -2.467  1.00 17.21 ? 25  LYS A C     1 
ATOM   174  O O     . LYS A 1 25  ? -0.058  7.292   -2.270  1.00 16.63 ? 25  LYS A O     1 
ATOM   175  C CB    . LYS A 1 25  ? 2.046   8.229   -4.394  1.00 15.82 ? 25  LYS A CB    1 
ATOM   176  C CG    . LYS A 1 25  ? 1.068   8.995   -5.268  1.00 19.46 ? 25  LYS A CG    1 
ATOM   177  C CD    . LYS A 1 25  ? 1.165   8.540   -6.713  1.00 23.22 ? 25  LYS A CD    1 
ATOM   178  C CE    . LYS A 1 25  ? 0.149   9.230   -7.599  1.00 29.55 ? 25  LYS A CE    1 
ATOM   179  N NZ    . LYS A 1 25  ? 0.517   10.636  -7.888  1.00 22.19 ? 25  LYS A NZ    1 
ATOM   180  N N     . THR A 1 26  ? -0.203  9.531   -2.328  1.00 17.17 ? 26  THR A N     1 
ATOM   181  C CA    . THR A 1 26  ? -1.635  9.575   -2.078  1.00 17.14 ? 26  THR A CA    1 
ATOM   182  C C     . THR A 1 26  ? -2.377  10.288  -3.209  1.00 20.05 ? 26  THR A C     1 
ATOM   183  O O     . THR A 1 26  ? -1.836  11.182  -3.848  1.00 18.48 ? 26  THR A O     1 
ATOM   184  C CB    . THR A 1 26  ? -1.944  10.287  -0.751  1.00 18.13 ? 26  THR A CB    1 
ATOM   185  O OG1   . THR A 1 26  ? -1.515  11.650  -0.829  1.00 16.07 ? 26  THR A OG1   1 
ATOM   186  C CG2   . THR A 1 26  ? -1.224  9.605   0.398   1.00 18.46 ? 26  THR A CG2   1 
ATOM   187  N N     . TRP A 1 27  ? -3.618  9.881   -3.445  1.00 18.34 ? 27  TRP A N     1 
ATOM   188  C CA    . TRP A 1 27  ? -4.509  10.626  -4.322  1.00 19.22 ? 27  TRP A CA    1 
ATOM   189  C C     . TRP A 1 27  ? -5.960  10.523  -3.869  1.00 17.80 ? 27  TRP A C     1 
ATOM   190  O O     . TRP A 1 27  ? -6.538  9.444   -3.874  1.00 18.79 ? 27  TRP A O     1 
ATOM   191  C CB    . TRP A 1 27  ? -4.389  10.124  -5.758  1.00 18.74 ? 27  TRP A CB    1 
ATOM   192  C CG    . TRP A 1 27  ? -5.147  10.958  -6.729  1.00 20.95 ? 27  TRP A CG    1 
ATOM   193  C CD1   . TRP A 1 27  ? -6.346  10.663  -7.304  1.00 22.42 ? 27  TRP A CD1   1 
ATOM   194  C CD2   . TRP A 1 27  ? -4.764  12.239  -7.235  1.00 23.15 ? 27  TRP A CD2   1 
ATOM   195  N NE1   . TRP A 1 27  ? -6.733  11.679  -8.141  1.00 22.64 ? 27  TRP A NE1   1 
ATOM   196  C CE2   . TRP A 1 27  ? -5.776  12.658  -8.118  1.00 21.26 ? 27  TRP A CE2   1 
ATOM   197  C CE3   . TRP A 1 27  ? -3.661  13.070  -7.031  1.00 23.01 ? 27  TRP A CE3   1 
ATOM   198  C CZ2   . TRP A 1 27  ? -5.718  13.873  -8.793  1.00 19.28 ? 27  TRP A CZ2   1 
ATOM   199  C CZ3   . TRP A 1 27  ? -3.606  14.272  -7.700  1.00 26.81 ? 27  TRP A CZ3   1 
ATOM   200  C CH2   . TRP A 1 27  ? -4.626  14.663  -8.570  1.00 25.65 ? 27  TRP A CH2   1 
ATOM   201  N N     . TYR A 1 28  ? -6.549  11.653  -3.496  1.00 20.26 ? 28  TYR A N     1 
ATOM   202  C CA    . TYR A 1 28  ? -7.975  11.692  -3.206  1.00 21.18 ? 28  TYR A CA    1 
ATOM   203  C C     . TYR A 1 28  ? -8.819  12.010  -4.438  1.00 20.18 ? 28  TYR A C     1 
ATOM   204  O O     . TYR A 1 28  ? -8.415  12.778  -5.308  1.00 22.82 ? 28  TYR A O     1 
ATOM   205  C CB    . TYR A 1 28  ? -8.290  12.663  -2.060  1.00 19.17 ? 28  TYR A CB    1 
ATOM   206  C CG    . TYR A 1 28  ? -7.916  14.101  -2.325  1.00 26.00 ? 28  TYR A CG    1 
ATOM   207  C CD1   . TYR A 1 28  ? -8.767  14.942  -3.022  1.00 24.69 ? 28  TYR A CD1   1 
ATOM   208  C CD2   . TYR A 1 28  ? -6.722  14.624  -1.859  1.00 27.06 ? 28  TYR A CD2   1 
ATOM   209  C CE1   . TYR A 1 28  ? -8.433  16.254  -3.257  1.00 25.70 ? 28  TYR A CE1   1 
ATOM   210  C CE2   . TYR A 1 28  ? -6.383  15.935  -2.089  1.00 29.42 ? 28  TYR A CE2   1 
ATOM   211  C CZ    . TYR A 1 28  ? -7.241  16.747  -2.789  1.00 33.05 ? 28  TYR A CZ    1 
ATOM   212  O OH    . TYR A 1 28  ? -6.903  18.059  -3.025  1.00 33.91 ? 28  TYR A OH    1 
ATOM   213  N N     . SER A 1 29  ? -9.991  11.391  -4.500  1.00 22.67 ? 29  SER A N     1 
ATOM   214  C CA    . SER A 1 29  ? -11.006 11.747  -5.474  1.00 25.19 ? 29  SER A CA    1 
ATOM   215  C C     . SER A 1 29  ? -12.367 11.796  -4.797  1.00 26.35 ? 29  SER A C     1 
ATOM   216  O O     . SER A 1 29  ? -12.476 11.583  -3.595  1.00 23.43 ? 29  SER A O     1 
ATOM   217  C CB    . SER A 1 29  ? -11.030 10.727  -6.607  1.00 25.01 ? 29  SER A CB    1 
ATOM   218  O OG    . SER A 1 29  ? -11.851 9.625   -6.272  1.00 24.94 ? 29  SER A OG    1 
ATOM   219  N N     . ASP A 1 30  ? -13.403 12.073  -5.578  1.00 25.96 ? 30  ASP A N     1 
ATOM   220  C CA    . ASP A 1 30  ? -14.758 12.115  -5.046  1.00 29.61 ? 30  ASP A CA    1 
ATOM   221  C C     . ASP A 1 30  ? -15.406 10.739  -5.061  1.00 29.52 ? 30  ASP A C     1 
ATOM   222  O O     . ASP A 1 30  ? -16.590 10.606  -4.768  1.00 28.56 ? 30  ASP A O     1 
ATOM   223  C CB    . ASP A 1 30  ? -15.619 13.107  -5.832  1.00 29.55 ? 30  ASP A CB    1 
ATOM   224  C CG    . ASP A 1 30  ? -15.418 12.995  -7.328  1.00 39.27 ? 30  ASP A CG    1 
ATOM   225  O OD1   . ASP A 1 30  ? -15.216 11.870  -7.822  1.00 38.41 ? 30  ASP A OD1   1 
ATOM   226  O OD2   . ASP A 1 30  ? -15.464 14.036  -8.013  1.00 48.89 ? 30  ASP A OD2   1 
ATOM   227  N N     . LYS A 1 31  ? -14.628 9.716   -5.400  1.00 28.15 ? 31  LYS A N     1 
ATOM   228  C CA    . LYS A 1 31  ? -15.110 8.341   -5.340  1.00 24.88 ? 31  LYS A CA    1 
ATOM   229  C C     . LYS A 1 31  ? -14.342 7.497   -4.330  1.00 22.64 ? 31  LYS A C     1 
ATOM   230  O O     . LYS A 1 31  ? -14.893 6.568   -3.748  1.00 19.89 ? 31  LYS A O     1 
ATOM   231  C CB    . LYS A 1 31  ? -15.047 7.684   -6.719  1.00 25.73 ? 31  LYS A CB    1 
ATOM   232  C CG    . LYS A 1 31  ? -15.760 8.458   -7.810  1.00 36.49 ? 31  LYS A CG    1 
ATOM   233  C CD    . LYS A 1 31  ? -17.182 8.806   -7.412  1.00 36.44 ? 31  LYS A CD    1 
ATOM   234  C CE    . LYS A 1 31  ? -17.927 9.462   -8.565  1.00 46.84 ? 31  LYS A CE    1 
ATOM   235  N NZ    . LYS A 1 31  ? -17.979 10.942  -8.413  1.00 45.64 ? 31  LYS A NZ    1 
ATOM   236  N N     . ASN A 1 32  ? -13.069 7.817   -4.133  1.00 20.86 ? 32  ASN A N     1 
ATOM   237  C CA    . ASN A 1 32  ? -12.203 7.001   -3.296  1.00 17.96 ? 32  ASN A CA    1 
ATOM   238  C C     . ASN A 1 32  ? -10.912 7.700   -2.895  1.00 16.30 ? 32  ASN A C     1 
ATOM   239  O O     . ASN A 1 32  ? -10.627 8.802   -3.345  1.00 20.16 ? 32  ASN A O     1 
ATOM   240  C CB    . ASN A 1 32  ? -11.885 5.673   -3.983  1.00 18.29 ? 32  ASN A CB    1 
ATOM   241  C CG    . ASN A 1 32  ? -11.291 5.860   -5.365  1.00 20.89 ? 32  ASN A CG    1 
ATOM   242  O OD1   . ASN A 1 32  ? -10.443 6.722   -5.578  1.00 24.93 ? 32  ASN A OD1   1 
ATOM   243  N ND2   . ASN A 1 32  ? -11.734 5.045   -6.311  1.00 25.48 ? 32  ASN A ND2   1 
ATOM   244  N N     . PHE A 1 33  ? -10.139 7.041   -2.041  1.00 15.48 ? 33  PHE A N     1 
ATOM   245  C CA    . PHE A 1 33  ? -8.807  7.497   -1.671  1.00 13.82 ? 33  PHE A CA    1 
ATOM   246  C C     . PHE A 1 33  ? -7.779  6.429   -2.025  1.00 15.27 ? 33  PHE A C     1 
ATOM   247  O O     . PHE A 1 33  ? -7.948  5.264   -1.685  1.00 16.17 ? 33  PHE A O     1 
ATOM   248  C CB    . PHE A 1 33  ? -8.757  7.792   -0.173  1.00 16.48 ? 33  PHE A CB    1 
ATOM   249  C CG    . PHE A 1 33  ? -7.490  8.461   0.281   1.00 18.35 ? 33  PHE A CG    1 
ATOM   250  C CD1   . PHE A 1 33  ? -7.084  9.666   -0.267  1.00 17.33 ? 33  PHE A CD1   1 
ATOM   251  C CD2   . PHE A 1 33  ? -6.716  7.897   1.274   1.00 16.61 ? 33  PHE A CD2   1 
ATOM   252  C CE1   . PHE A 1 33  ? -5.930  10.281  0.160   1.00 16.00 ? 33  PHE A CE1   1 
ATOM   253  C CE2   . PHE A 1 33  ? -5.563  8.511   1.702   1.00 18.27 ? 33  PHE A CE2   1 
ATOM   254  C CZ    . PHE A 1 33  ? -5.169  9.702   1.143   1.00 17.22 ? 33  PHE A CZ    1 
ATOM   255  N N     . THR A 1 34  ? -6.718  6.827   -2.715  1.00 16.11 ? 34  THR A N     1 
ATOM   256  C CA    . THR A 1 34  ? -5.733  5.869   -3.194  1.00 14.75 ? 34  THR A CA    1 
ATOM   257  C C     . THR A 1 34  ? -4.384  6.047   -2.507  1.00 17.47 ? 34  THR A C     1 
ATOM   258  O O     . THR A 1 34  ? -3.841  7.147   -2.452  1.00 18.19 ? 34  THR A O     1 
ATOM   259  C CB    . THR A 1 34  ? -5.551  5.954   -4.720  1.00 17.97 ? 34  THR A CB    1 
ATOM   260  O OG1   . THR A 1 34  ? -6.825  5.849   -5.361  1.00 18.69 ? 34  THR A OG1   1 
ATOM   261  C CG2   . THR A 1 34  ? -4.649  4.830   -5.206  1.00 16.71 ? 34  THR A CG2   1 
ATOM   262  N N     . LEU A 1 35  ? -3.798  4.936   -2.089  1.00 16.76 ? 35  LEU A N     1 
ATOM   263  C CA    . LEU A 1 35  ? -2.450  4.936   -1.566  1.00 20.31 ? 35  LEU A CA    1 
ATOM   264  C C     . LEU A 1 35  ? -1.573  4.131   -2.501  1.00 16.51 ? 35  LEU A C     1 
ATOM   265  O O     . LEU A 1 35  ? -2.041  3.187   -3.098  1.00 20.00 ? 35  LEU A O     1 
ATOM   266  C CB    . LEU A 1 35  ? -2.403  4.256   -0.199  1.00 16.68 ? 35  LEU A CB    1 
ATOM   267  C CG    . LEU A 1 35  ? -3.333  4.716   0.910   1.00 15.23 ? 35  LEU A CG    1 
ATOM   268  C CD1   . LEU A 1 35  ? -3.044  3.906   2.136   1.00 20.77 ? 35  LEU A CD1   1 
ATOM   269  C CD2   . LEU A 1 35  ? -3.138  6.180   1.196   1.00 18.32 ? 35  LEU A CD2   1 
ATOM   270  N N     . TYR A 1 36  ? -0.314  4.521   -2.613  1.00 15.68 ? 36  TYR A N     1 
ATOM   271  C CA    . TYR A 1 36  ? 0.709   3.701   -3.231  1.00 16.79 ? 36  TYR A CA    1 
ATOM   272  C C     . TYR A 1 36  ? 1.728   3.457   -2.147  1.00 16.26 ? 36  TYR A C     1 
ATOM   273  O O     . TYR A 1 36  ? 2.245   4.381   -1.562  1.00 16.37 ? 36  TYR A O     1 
ATOM   274  C CB    . TYR A 1 36  ? 1.340   4.403   -4.434  1.00 16.86 ? 36  TYR A CB    1 
ATOM   275  C CG    . TYR A 1 36  ? 0.362   4.596   -5.557  1.00 19.46 ? 36  TYR A CG    1 
ATOM   276  C CD1   . TYR A 1 36  ? 0.333   3.738   -6.633  1.00 19.93 ? 36  TYR A CD1   1 
ATOM   277  C CD2   . TYR A 1 36  ? -0.562  5.621   -5.521  1.00 19.50 ? 36  TYR A CD2   1 
ATOM   278  C CE1   . TYR A 1 36  ? -0.573  3.903   -7.639  1.00 25.50 ? 36  TYR A CE1   1 
ATOM   279  C CE2   . TYR A 1 36  ? -1.471  5.794   -6.527  1.00 18.39 ? 36  TYR A CE2   1 
ATOM   280  C CZ    . TYR A 1 36  ? -1.479  4.936   -7.586  1.00 22.65 ? 36  TYR A CZ    1 
ATOM   281  O OH    . TYR A 1 36  ? -2.395  5.115   -8.593  1.00 22.81 ? 36  TYR A OH    1 
ATOM   282  N N     . VAL A 1 37  ? 1.990   2.191   -1.864  1.00 19.59 ? 37  VAL A N     1 
ATOM   283  C CA    . VAL A 1 37  ? 2.724   1.811   -0.670  1.00 17.22 ? 37  VAL A CA    1 
ATOM   284  C C     . VAL A 1 37  ? 3.737   0.711   -0.965  1.00 17.86 ? 37  VAL A C     1 
ATOM   285  O O     . VAL A 1 37  ? 3.592   -0.037  -1.925  1.00 18.22 ? 37  VAL A O     1 
ATOM   286  C CB    . VAL A 1 37  ? 1.783   1.343   0.469   1.00 18.30 ? 37  VAL A CB    1 
ATOM   287  C CG1   . VAL A 1 37  ? 0.629   2.313   0.648   1.00 15.28 ? 37  VAL A CG1   1 
ATOM   288  C CG2   . VAL A 1 37  ? 1.276   -0.059  0.199   1.00 18.69 ? 37  VAL A CG2   1 
ATOM   289  N N     . THR A 1 38  ? 4.764   0.654   -0.137  1.00 16.91 ? 38  THR A N     1 
ATOM   290  C CA    . THR A 1 38  ? 5.863   -0.266  -0.337  1.00 17.17 ? 38  THR A CA    1 
ATOM   291  C C     . THR A 1 38  ? 6.416   -0.766  0.984   1.00 21.10 ? 38  THR A C     1 
ATOM   292  O O     . THR A 1 38  ? 6.302   -0.105  1.994   1.00 18.56 ? 38  THR A O     1 
ATOM   293  C CB    . THR A 1 38  ? 7.003   0.423   -1.116  1.00 16.63 ? 38  THR A CB    1 
ATOM   294  O OG1   . THR A 1 38  ? 8.038   -0.518  -1.387  1.00 19.21 ? 38  THR A OG1   1 
ATOM   295  C CG2   . THR A 1 38  ? 7.573   1.581   -0.314  1.00 17.58 ? 38  THR A CG2   1 
ATOM   296  N N     . ASP A 1 39  ? 7.015   -1.947  0.964   1.00 15.64 ? 39  ASP A N     1 
ATOM   297  C CA    . ASP A 1 39  ? 7.851   -2.380  2.065   1.00 17.26 ? 39  ASP A CA    1 
ATOM   298  C C     . ASP A 1 39  ? 9.241   -2.728  1.537   1.00 19.40 ? 39  ASP A C     1 
ATOM   299  O O     . ASP A 1 39  ? 10.006  -3.403  2.200   1.00 21.05 ? 39  ASP A O     1 
ATOM   300  C CB    . ASP A 1 39  ? 7.226   -3.537  2.860   1.00 17.46 ? 39  ASP A CB    1 
ATOM   301  C CG    . ASP A 1 39  ? 7.193   -4.829  2.091   1.00 17.76 ? 39  ASP A CG    1 
ATOM   302  O OD1   . ASP A 1 39  ? 7.601   -4.829  0.932   1.00 21.04 ? 39  ASP A OD1   1 
ATOM   303  O OD2   . ASP A 1 39  ? 6.740   -5.839  2.647   1.00 20.31 ? 39  ASP A OD2   1 
ATOM   304  N N     . TYR A 1 40  ? 9.542   -2.238  0.334   1.00 21.30 ? 40  TYR A N     1 
ATOM   305  C CA    . TYR A 1 40  ? 10.841  -2.450  -0.288  1.00 21.21 ? 40  TYR A CA    1 
ATOM   306  C C     . TYR A 1 40  ? 11.190  -3.915  -0.521  1.00 19.59 ? 40  TYR A C     1 
ATOM   307  O O     . TYR A 1 40  ? 12.343  -4.299  -0.481  1.00 23.12 ? 40  TYR A O     1 
ATOM   308  C CB    . TYR A 1 40  ? 11.926  -1.717  0.484   1.00 20.09 ? 40  TYR A CB    1 
ATOM   309  C CG    . TYR A 1 40  ? 11.755  -0.225  0.376   1.00 26.31 ? 40  TYR A CG    1 
ATOM   310  C CD1   . TYR A 1 40  ? 12.120  0.440   -0.774  1.00 26.65 ? 40  TYR A CD1   1 
ATOM   311  C CD2   . TYR A 1 40  ? 11.197  0.508   1.403   1.00 26.67 ? 40  TYR A CD2   1 
ATOM   312  C CE1   . TYR A 1 40  ? 11.948  1.785   -0.897  1.00 27.60 ? 40  TYR A CE1   1 
ATOM   313  C CE2   . TYR A 1 40  ? 11.028  1.872   1.283   1.00 28.57 ? 40  TYR A CE2   1 
ATOM   314  C CZ    . TYR A 1 40  ? 11.407  2.494   0.124   1.00 27.27 ? 40  TYR A CZ    1 
ATOM   315  O OH    . TYR A 1 40  ? 11.267  3.839   -0.043  1.00 36.22 ? 40  TYR A OH    1 
ATOM   316  N N     . THR A 1 41  ? 10.170  -4.713  -0.793  1.00 19.17 ? 41  THR A N     1 
ATOM   317  C CA    . THR A 1 41  ? 10.350  -6.045  -1.331  1.00 18.03 ? 41  THR A CA    1 
ATOM   318  C C     . THR A 1 41  ? 9.642   -6.087  -2.677  1.00 25.32 ? 41  THR A C     1 
ATOM   319  O O     . THR A 1 41  ? 8.690   -5.364  -2.891  1.00 22.13 ? 41  THR A O     1 
ATOM   320  C CB    . THR A 1 41  ? 9.790   -7.117  -0.408  1.00 22.10 ? 41  THR A CB    1 
ATOM   321  O OG1   . THR A 1 41  ? 8.375   -7.002  -0.342  1.00 20.34 ? 41  THR A OG1   1 
ATOM   322  C CG2   . THR A 1 41  ? 10.373  -6.990  0.966   1.00 22.10 ? 41  THR A CG2   1 
ATOM   323  N N     . GLU A 1 42  ? 10.129  -6.934  -3.580  1.00 18.69 ? 42  GLU A N     1 
ATOM   324  C CA    . GLU A 1 42  ? 9.685   -6.964  -4.971  1.00 21.90 ? 42  GLU A CA    1 
ATOM   325  C C     . GLU A 1 42  ? 8.579   -7.990  -5.180  1.00 22.25 ? 42  GLU A C     1 
ATOM   326  O O     . GLU A 1 42  ? 8.603   -9.068  -4.595  1.00 21.14 ? 42  GLU A O     1 
ATOM   327  C CB    . GLU A 1 42  ? 10.859  -7.268  -5.909  1.00 23.87 ? 42  GLU A CB    1 
ATOM   328  C CG    . GLU A 1 42  ? 10.527  -7.159  -7.397  1.00 21.73 ? 42  GLU A CG    1 
ATOM   329  C CD    . GLU A 1 42  ? 10.147  -8.495  -8.025  1.00 35.40 ? 42  GLU A CD    1 
ATOM   330  O OE1   . GLU A 1 42  ? 10.190  -9.522  -7.319  1.00 42.86 ? 42  GLU A OE1   1 
ATOM   331  O OE2   . GLU A 1 42  ? 9.804   -8.521  -9.226  1.00 36.52 ? 42  GLU A OE2   1 
ATOM   332  N N     . ASN A 1 43  ? 7.618   -7.641  -6.027  1.00 17.53 ? 43  ASN A N     1 
ATOM   333  C CA    . ASN A 1 43  ? 6.568   -8.566  -6.424  1.00 20.08 ? 43  ASN A CA    1 
ATOM   334  C C     . ASN A 1 43  ? 6.333   -8.524  -7.928  1.00 23.44 ? 43  ASN A C     1 
ATOM   335  O O     . ASN A 1 43  ? 6.119   -7.459  -8.501  1.00 18.80 ? 43  ASN A O     1 
ATOM   336  C CB    . ASN A 1 43  ? 5.273   -8.248  -5.676  1.00 19.92 ? 43  ASN A CB    1 
ATOM   337  C CG    . ASN A 1 43  ? 4.228   -9.344  -5.810  1.00 17.75 ? 43  ASN A CG    1 
ATOM   338  O OD1   . ASN A 1 43  ? 3.840   -9.720  -6.912  1.00 20.20 ? 43  ASN A OD1   1 
ATOM   339  N ND2   . ASN A 1 43  ? 3.759   -9.849  -4.677  1.00 20.89 ? 43  ASN A ND2   1 
ATOM   340  N N     . GLU A 1 44  ? 6.377   -9.693  -8.559  1.00 18.99 ? 44  GLU A N     1 
ATOM   341  C CA    . GLU A 1 44  ? 6.380   -9.783  -10.012 1.00 19.40 ? 44  GLU A CA    1 
ATOM   342  C C     . GLU A 1 44  ? 5.111   -9.199  -10.623 1.00 21.08 ? 44  GLU A C     1 
ATOM   343  O O     . GLU A 1 44  ? 5.059   -8.926  -11.818 1.00 19.37 ? 44  GLU A O     1 
ATOM   344  C CB    . GLU A 1 44  ? 6.569   -11.235 -10.467 1.00 23.27 ? 44  GLU A CB    1 
ATOM   345  C CG    . GLU A 1 44  ? 5.590   -12.218 -9.847  1.00 23.45 ? 44  GLU A CG    1 
ATOM   346  C CD    . GLU A 1 44  ? 5.654   -13.596 -10.484 1.00 33.23 ? 44  GLU A CD    1 
ATOM   347  O OE1   . GLU A 1 44  ? 6.632   -13.880 -11.204 1.00 34.28 ? 44  GLU A OE1   1 
ATOM   348  O OE2   . GLU A 1 44  ? 4.721   -14.393 -10.264 1.00 44.65 ? 44  GLU A OE2   1 
ATOM   349  N N     . LEU A 1 45  ? 4.088   -9.013  -9.796  1.00 20.86 ? 45  LEU A N     1 
ATOM   350  C CA    . LEU A 1 45  ? 2.803   -8.517  -10.270 1.00 17.73 ? 45  LEU A CA    1 
ATOM   351  C C     . LEU A 1 45  ? 2.614   -7.035  -9.958  1.00 17.58 ? 45  LEU A C     1 
ATOM   352  O O     . LEU A 1 45  ? 1.572   -6.461  -10.259 1.00 20.39 ? 45  LEU A O     1 
ATOM   353  C CB    . LEU A 1 45  ? 1.663   -9.326  -9.655  1.00 18.65 ? 45  LEU A CB    1 
ATOM   354  C CG    . LEU A 1 45  ? 1.711   -10.821 -9.952  1.00 23.18 ? 45  LEU A CG    1 
ATOM   355  C CD1   . LEU A 1 45  ? 0.629   -11.550 -9.180  1.00 24.49 ? 45  LEU A CD1   1 
ATOM   356  C CD2   . LEU A 1 45  ? 1.567   -11.051 -11.437 1.00 24.49 ? 45  LEU A CD2   1 
ATOM   357  N N     . PHE A 1 46  ? 3.627   -6.427  -9.354  1.00 17.09 ? 46  PHE A N     1 
ATOM   358  C CA    . PHE A 1 46  ? 3.656   -4.980  -9.187  1.00 18.15 ? 46  PHE A CA    1 
ATOM   359  C C     . PHE A 1 46  ? 4.057   -4.287  -10.489 1.00 20.47 ? 46  PHE A C     1 
ATOM   360  O O     . PHE A 1 46  ? 4.824   -4.828  -11.278 1.00 19.65 ? 46  PHE A O     1 
ATOM   361  C CB    . PHE A 1 46  ? 4.618   -4.586  -8.067  1.00 18.37 ? 46  PHE A CB    1 
ATOM   362  C CG    . PHE A 1 46  ? 4.156   -4.984  -6.692  1.00 16.02 ? 46  PHE A CG    1 
ATOM   363  C CD1   . PHE A 1 46  ? 2.952   -5.639  -6.509  1.00 15.19 ? 46  PHE A CD1   1 
ATOM   364  C CD2   . PHE A 1 46  ? 4.927   -4.701  -5.584  1.00 18.10 ? 46  PHE A CD2   1 
ATOM   365  C CE1   . PHE A 1 46  ? 2.531   -6.003  -5.246  1.00 16.80 ? 46  PHE A CE1   1 
ATOM   366  C CE2   . PHE A 1 46  ? 4.511   -5.063  -4.323  1.00 17.20 ? 46  PHE A CE2   1 
ATOM   367  C CZ    . PHE A 1 46  ? 3.312   -5.714  -4.154  1.00 18.33 ? 46  PHE A CZ    1 
ATOM   368  N N     . PHE A 1 47  ? 3.535   -3.087  -10.705 1.00 18.99 ? 47  PHE A N     1 
ATOM   369  C CA    . PHE A 1 47  ? 3.918   -2.292  -11.861 1.00 18.00 ? 47  PHE A CA    1 
ATOM   370  C C     . PHE A 1 47  ? 5.383   -1.872  -11.778 1.00 15.83 ? 47  PHE A C     1 
ATOM   371  O O     . PHE A 1 47  ? 5.852   -1.458  -10.726 1.00 19.47 ? 47  PHE A O     1 
ATOM   372  C CB    . PHE A 1 47  ? 3.018   -1.060  -11.992 1.00 19.09 ? 47  PHE A CB    1 
ATOM   373  C CG    . PHE A 1 47  ? 3.223   -0.302  -13.268 1.00 20.81 ? 47  PHE A CG    1 
ATOM   374  C CD1   . PHE A 1 47  ? 4.151   0.719   -13.341 1.00 20.73 ? 47  PHE A CD1   1 
ATOM   375  C CD2   . PHE A 1 47  ? 2.504   -0.624  -14.401 1.00 23.87 ? 47  PHE A CD2   1 
ATOM   376  C CE1   . PHE A 1 47  ? 4.348   1.405   -14.514 1.00 21.13 ? 47  PHE A CE1   1 
ATOM   377  C CE2   . PHE A 1 47  ? 2.700   0.064   -15.575 1.00 20.98 ? 47  PHE A CE2   1 
ATOM   378  C CZ    . PHE A 1 47  ? 3.624   1.079   -15.628 1.00 18.35 ? 47  PHE A CZ    1 
ATOM   379  N N     . PRO A 1 48  ? 6.110   -1.984  -12.896 1.00 19.30 ? 48  PRO A N     1 
ATOM   380  C CA    . PRO A 1 48  ? 7.498   -1.519  -12.945 1.00 18.78 ? 48  PRO A CA    1 
ATOM   381  C C     . PRO A 1 48  ? 7.595   -0.004  -13.074 1.00 18.81 ? 48  PRO A C     1 
ATOM   382  O O     . PRO A 1 48  ? 7.444   0.527   -14.166 1.00 20.03 ? 48  PRO A O     1 
ATOM   383  C CB    . PRO A 1 48  ? 8.048   -2.199  -14.201 1.00 19.21 ? 48  PRO A CB    1 
ATOM   384  C CG    . PRO A 1 48  ? 6.866   -2.398  -15.069 1.00 18.81 ? 48  PRO A CG    1 
ATOM   385  C CD    . PRO A 1 48  ? 5.695   -2.629  -14.153 1.00 18.88 ? 48  PRO A CD    1 
ATOM   386  N N     . MET A 1 49  ? 7.847   0.678   -11.964 1.00 18.94 ? 49  MET A N     1 
ATOM   387  C CA    . MET A 1 49  ? 7.927   2.133   -11.966 1.00 20.06 ? 49  MET A CA    1 
ATOM   388  C C     . MET A 1 49  ? 9.203   2.619   -12.651 1.00 19.99 ? 49  MET A C     1 
ATOM   389  O O     . MET A 1 49  ? 10.304  2.240   -12.267 1.00 19.79 ? 49  MET A O     1 
ATOM   390  C CB    . MET A 1 49  ? 7.848   2.683   -10.540 1.00 16.44 ? 49  MET A CB    1 
ATOM   391  C CG    . MET A 1 49  ? 6.473   2.551   -9.897  1.00 17.71 ? 49  MET A CG    1 
ATOM   392  S SD    . MET A 1 49  ? 5.185   3.451   -10.779 1.00 23.99 ? 49  MET A SD    1 
ATOM   393  C CE    . MET A 1 49  ? 5.692   5.134   -10.475 1.00 25.83 ? 49  MET A CE    1 
ATOM   394  N N     . SER A 1 50  ? 9.039   3.459   -13.667 1.00 21.16 ? 50  SER A N     1 
ATOM   395  C CA    . SER A 1 50  ? 10.159  3.900   -14.494 1.00 20.07 ? 50  SER A CA    1 
ATOM   396  C C     . SER A 1 50  ? 10.776  5.182   -13.955 1.00 19.62 ? 50  SER A C     1 
ATOM   397  O O     . SER A 1 50  ? 10.065  6.133   -13.650 1.00 22.64 ? 50  SER A O     1 
ATOM   398  C CB    . SER A 1 50  ? 9.708   4.121   -15.937 1.00 18.17 ? 50  SER A CB    1 
ATOM   399  O OG    . SER A 1 50  ? 10.720  4.761   -16.692 1.00 21.33 ? 50  SER A OG    1 
ATOM   400  N N     . PRO A 1 51  ? 12.109  5.213   -13.847 1.00 18.30 ? 51  PRO A N     1 
ATOM   401  C CA    . PRO A 1 51  ? 12.824  6.438   -13.480 1.00 21.09 ? 51  PRO A CA    1 
ATOM   402  C C     . PRO A 1 51  ? 12.989  7.388   -14.664 1.00 21.54 ? 51  PRO A C     1 
ATOM   403  O O     . PRO A 1 51  ? 13.576  8.454   -14.510 1.00 20.52 ? 51  PRO A O     1 
ATOM   404  C CB    . PRO A 1 51  ? 14.183  5.920   -13.017 1.00 18.09 ? 51  PRO A CB    1 
ATOM   405  C CG    . PRO A 1 51  ? 14.375  4.650   -13.759 1.00 20.93 ? 51  PRO A CG    1 
ATOM   406  C CD    . PRO A 1 51  ? 13.021  4.079   -14.063 1.00 17.72 ? 51  PRO A CD    1 
ATOM   407  N N     . TYR A 1 52  ? 12.506  6.977   -15.828 1.00 20.51 ? 52  TYR A N     1 
ATOM   408  C CA    . TYR A 1 52  ? 12.726  7.710   -17.062 1.00 16.56 ? 52  TYR A CA    1 
ATOM   409  C C     . TYR A 1 52  ? 11.539  8.585   -17.462 1.00 23.15 ? 52  TYR A C     1 
ATOM   410  O O     . TYR A 1 52  ? 11.605  9.322   -18.422 1.00 23.89 ? 52  TYR A O     1 
ATOM   411  C CB    . TYR A 1 52  ? 13.075  6.750   -18.198 1.00 21.47 ? 52  TYR A CB    1 
ATOM   412  C CG    . TYR A 1 52  ? 14.128  5.744   -17.823 1.00 18.18 ? 52  TYR A CG    1 
ATOM   413  C CD1   . TYR A 1 52  ? 15.296  6.141   -17.211 1.00 19.99 ? 52  TYR A CD1   1 
ATOM   414  C CD2   . TYR A 1 52  ? 13.945  4.394   -18.064 1.00 23.55 ? 52  TYR A CD2   1 
ATOM   415  C CE1   . TYR A 1 52  ? 16.250  5.234   -16.856 1.00 18.85 ? 52  TYR A CE1   1 
ATOM   416  C CE2   . TYR A 1 52  ? 14.899  3.475   -17.709 1.00 19.30 ? 52  TYR A CE2   1 
ATOM   417  C CZ    . TYR A 1 52  ? 16.050  3.902   -17.111 1.00 19.53 ? 52  TYR A CZ    1 
ATOM   418  O OH    . TYR A 1 52  ? 17.006  3.010   -16.748 1.00 20.25 ? 52  TYR A OH    1 
ATOM   419  N N     . THR A 1 53  ? 10.452  8.487   -16.720 1.00 22.03 ? 53  THR A N     1 
ATOM   420  C CA    . THR A 1 53  ? 9.316   9.360   -16.945 1.00 24.65 ? 53  THR A CA    1 
ATOM   421  C C     . THR A 1 53  ? 9.681   10.832  -16.714 1.00 29.41 ? 53  THR A C     1 
ATOM   422  O O     . THR A 1 53  ? 10.200  11.180  -15.675 1.00 31.29 ? 53  THR A O     1 
ATOM   423  C CB    . THR A 1 53  ? 8.190   9.044   -15.974 1.00 27.06 ? 53  THR A CB    1 
ATOM   424  O OG1   . THR A 1 53  ? 7.919   7.646   -15.997 1.00 24.15 ? 53  THR A OG1   1 
ATOM   425  C CG2   . THR A 1 53  ? 6.958   9.799   -16.377 1.00 28.28 ? 53  THR A CG2   1 
ATOM   426  N N     . SER A 1 54  ? 9.373   11.699  -17.671 1.00 33.76 ? 54  SER A N     1 
ATOM   427  C CA    . SER A 1 54  ? 9.575   13.119  -17.450 1.00 38.21 ? 54  SER A CA    1 
ATOM   428  C C     . SER A 1 54  ? 8.446   13.719  -16.615 1.00 41.23 ? 54  SER A C     1 
ATOM   429  O O     . SER A 1 54  ? 7.279   13.512  -16.893 1.00 44.44 ? 54  SER A O     1 
ATOM   430  C CB    . SER A 1 54  ? 9.709   13.866  -18.773 1.00 44.26 ? 54  SER A CB    1 
ATOM   431  O OG    . SER A 1 54  ? 8.784   13.397  -19.724 1.00 47.51 ? 54  SER A OG    1 
ATOM   432  N N     . SER A 1 55  ? 8.799   14.458  -15.578 1.00 39.89 ? 55  SER A N     1 
ATOM   433  C CA    . SER A 1 55  ? 7.803   15.268  -14.894 1.00 42.18 ? 55  SER A CA    1 
ATOM   434  C C     . SER A 1 55  ? 6.985   14.622  -13.777 1.00 43.90 ? 55  SER A C     1 
ATOM   435  O O     . SER A 1 55  ? 6.060   15.243  -13.281 1.00 46.73 ? 55  SER A O     1 
ATOM   436  C CB    . SER A 1 55  ? 6.840   15.871  -15.925 1.00 49.05 ? 55  SER A CB    1 
ATOM   437  O OG    . SER A 1 55  ? 5.761   15.004  -16.207 1.00 45.82 ? 55  SER A OG    1 
ATOM   438  N N     . SER A 1 56  ? 7.316   13.399  -13.381 1.00 36.98 ? 56  SER A N     1 
ATOM   439  C CA    . SER A 1 56  ? 6.612   12.728  -12.295 1.00 33.26 ? 56  SER A CA    1 
ATOM   440  C C     . SER A 1 56  ? 7.095   13.212  -10.927 1.00 36.75 ? 56  SER A C     1 
ATOM   441  O O     . SER A 1 56  ? 8.243   13.605  -10.787 1.00 34.88 ? 56  SER A O     1 
ATOM   442  C CB    . SER A 1 56  ? 6.796   11.219  -12.419 1.00 28.22 ? 56  SER A CB    1 
ATOM   443  O OG    . SER A 1 56  ? 6.472   10.568  -11.211 1.00 30.64 ? 56  SER A OG    1 
ATOM   444  N N     . ARG A 1 57  ? 6.208   13.196  -9.933  1.00 26.84 ? 57  ARG A N     1 
ATOM   445  C CA    . ARG A 1 57  ? 6.546   13.533  -8.554  1.00 31.58 ? 57  ARG A CA    1 
ATOM   446  C C     . ARG A 1 57  ? 7.083   12.317  -7.804  1.00 29.46 ? 57  ARG A C     1 
ATOM   447  O O     . ARG A 1 57  ? 7.553   12.430  -6.676  1.00 30.44 ? 57  ARG A O     1 
ATOM   448  C CB    . ARG A 1 57  ? 5.326   14.090  -7.821  1.00 35.51 ? 57  ARG A CB    1 
ATOM   449  C CG    . ARG A 1 57  ? 4.752   15.364  -8.412  1.00 36.78 ? 57  ARG A CG    1 
ATOM   450  C CD    . ARG A 1 57  ? 5.658   16.554  -8.162  1.00 38.66 ? 57  ARG A CD    1 
ATOM   451  N NE    . ARG A 1 57  ? 5.807   16.866  -6.742  1.00 44.37 ? 57  ARG A NE    1 
ATOM   452  C CZ    . ARG A 1 57  ? 4.947   17.598  -6.039  1.00 49.70 ? 57  ARG A CZ    1 
ATOM   453  N NH1   . ARG A 1 57  ? 3.863   18.095  -6.621  1.00 43.39 ? 57  ARG A NH1   1 
ATOM   454  N NH2   . ARG A 1 57  ? 5.170   17.833  -4.752  1.00 48.52 ? 57  ARG A NH2   1 
ATOM   455  N N     . TRP A 1 58  ? 6.997   11.155  -8.443  1.00 24.59 ? 58  TRP A N     1 
ATOM   456  C CA    . TRP A 1 58  ? 7.530   9.914   -7.896  1.00 25.62 ? 58  TRP A CA    1 
ATOM   457  C C     . TRP A 1 58  ? 9.057   9.935   -7.861  1.00 26.20 ? 58  TRP A C     1 
ATOM   458  O O     . TRP A 1 58  ? 9.703   10.209  -8.874  1.00 33.57 ? 58  TRP A O     1 
ATOM   459  C CB    . TRP A 1 58  ? 7.041   8.735   -8.742  1.00 26.36 ? 58  TRP A CB    1 
ATOM   460  C CG    . TRP A 1 58  ? 7.283   7.400   -8.136  1.00 20.52 ? 58  TRP A CG    1 
ATOM   461  C CD1   . TRP A 1 58  ? 8.435   6.675   -8.180  1.00 23.95 ? 58  TRP A CD1   1 
ATOM   462  C CD2   . TRP A 1 58  ? 6.343   6.613   -7.402  1.00 17.44 ? 58  TRP A CD2   1 
ATOM   463  N NE1   . TRP A 1 58  ? 8.275   5.489   -7.514  1.00 20.00 ? 58  TRP A NE1   1 
ATOM   464  C CE2   . TRP A 1 58  ? 6.998   5.426   -7.024  1.00 20.25 ? 58  TRP A CE2   1 
ATOM   465  C CE3   . TRP A 1 58  ? 5.011   6.798   -7.022  1.00 20.84 ? 58  TRP A CE3   1 
ATOM   466  C CZ2   . TRP A 1 58  ? 6.368   4.432   -6.287  1.00 19.49 ? 58  TRP A CZ2   1 
ATOM   467  C CZ3   . TRP A 1 58  ? 4.390   5.811   -6.291  1.00 19.07 ? 58  TRP A CZ3   1 
ATOM   468  C CH2   . TRP A 1 58  ? 5.066   4.643   -5.931  1.00 22.02 ? 58  TRP A CH2   1 
ATOM   469  N N     . ARG A 1 59  ? 9.632   9.651   -6.699  1.00 21.98 ? 59  ARG A N     1 
ATOM   470  C CA    . ARG A 1 59  ? 11.083  9.664   -6.554  1.00 31.55 ? 59  ARG A CA    1 
ATOM   471  C C     . ARG A 1 59  ? 11.653  8.303   -6.158  1.00 31.22 ? 59  ARG A C     1 
ATOM   472  O O     . ARG A 1 59  ? 12.809  8.201   -5.757  1.00 33.89 ? 59  ARG A O     1 
ATOM   473  C CB    . ARG A 1 59  ? 11.512  10.728  -5.544  1.00 36.41 ? 59  ARG A CB    1 
ATOM   474  C CG    . ARG A 1 59  ? 11.203  12.145  -5.978  1.00 35.94 ? 59  ARG A CG    1 
ATOM   475  C CD    . ARG A 1 59  ? 12.117  12.579  -7.110  1.00 34.30 ? 59  ARG A CD    1 
ATOM   476  N NE    . ARG A 1 59  ? 11.802  13.923  -7.584  1.00 42.64 ? 59  ARG A NE    1 
ATOM   477  C CZ    . ARG A 1 59  ? 10.709  14.234  -8.272  1.00 42.25 ? 59  ARG A CZ    1 
ATOM   478  N NH1   . ARG A 1 59  ? 9.825   13.299  -8.573  1.00 40.11 ? 59  ARG A NH1   1 
ATOM   479  N NH2   . ARG A 1 59  ? 10.504  15.483  -8.662  1.00 46.39 ? 59  ARG A NH2   1 
ATOM   480  N N     . GLY A 1 60  ? 10.836  7.264   -6.281  1.00 27.21 ? 60  GLY A N     1 
ATOM   481  C CA    . GLY A 1 60  ? 11.246  5.920   -5.912  1.00 15.61 ? 60  GLY A CA    1 
ATOM   482  C C     . GLY A 1 60  ? 10.362  5.348   -4.825  1.00 21.58 ? 60  GLY A C     1 
ATOM   483  O O     . GLY A 1 60  ? 9.702   6.097   -4.111  1.00 25.84 ? 60  GLY A O     1 
ATOM   484  N N     . PRO A 1 61  ? 10.338  4.015   -4.695  1.00 17.17 ? 61  PRO A N     1 
ATOM   485  C CA    . PRO A 1 61  ? 11.264  3.088   -5.353  1.00 17.26 ? 61  PRO A CA    1 
ATOM   486  C C     . PRO A 1 61  ? 10.870  2.794   -6.796  1.00 21.06 ? 61  PRO A C     1 
ATOM   487  O O     . PRO A 1 61  ? 9.703   2.900   -7.152  1.00 20.02 ? 61  PRO A O     1 
ATOM   488  C CB    . PRO A 1 61  ? 11.125  1.824   -4.512  1.00 19.23 ? 61  PRO A CB    1 
ATOM   489  C CG    . PRO A 1 61  ? 9.726   1.858   -4.042  1.00 19.45 ? 61  PRO A CG    1 
ATOM   490  C CD    . PRO A 1 61  ? 9.402   3.309   -3.804  1.00 20.29 ? 61  PRO A CD    1 
ATOM   491  N N     . PHE A 1 62  ? 11.849  2.421   -7.612  1.00 19.05 ? 62  PHE A N     1 
ATOM   492  C CA    . PHE A 1 62  ? 11.597  2.073   -9.003  1.00 18.51 ? 62  PHE A CA    1 
ATOM   493  C C     . PHE A 1 62  ? 11.611  0.564   -9.211  1.00 17.53 ? 62  PHE A C     1 
ATOM   494  O O     . PHE A 1 62  ? 12.066  -0.183  -8.354  1.00 21.40 ? 62  PHE A O     1 
ATOM   495  C CB    . PHE A 1 62  ? 12.621  2.752   -9.913  1.00 18.52 ? 62  PHE A CB    1 
ATOM   496  C CG    . PHE A 1 62  ? 12.597  4.246   -9.822  1.00 16.54 ? 62  PHE A CG    1 
ATOM   497  C CD1   . PHE A 1 62  ? 11.604  4.971   -10.448 1.00 20.27 ? 62  PHE A CD1   1 
ATOM   498  C CD2   . PHE A 1 62  ? 13.556  4.925   -9.096  1.00 21.13 ? 62  PHE A CD2   1 
ATOM   499  C CE1   . PHE A 1 62  ? 11.573  6.343   -10.358 1.00 20.62 ? 62  PHE A CE1   1 
ATOM   500  C CE2   . PHE A 1 62  ? 13.527  6.297   -9.003  1.00 20.93 ? 62  PHE A CE2   1 
ATOM   501  C CZ    . PHE A 1 62  ? 12.537  7.005   -9.637  1.00 23.73 ? 62  PHE A CZ    1 
ATOM   502  N N     . GLY A 1 63  ? 11.105  0.126   -10.355 1.00 18.14 ? 63  GLY A N     1 
ATOM   503  C CA    . GLY A 1 63  ? 10.795  -1.275  -10.553 1.00 15.16 ? 63  GLY A CA    1 
ATOM   504  C C     . GLY A 1 63  ? 9.559   -1.706  -9.789  1.00 21.32 ? 63  GLY A C     1 
ATOM   505  O O     . GLY A 1 63  ? 8.731   -0.879  -9.412  1.00 17.72 ? 63  GLY A O     1 
ATOM   506  N N     . ARG A 1 64  ? 9.440   -3.009  -9.567  1.00 17.41 ? 64  ARG A N     1 
ATOM   507  C CA    . ARG A 1 64  ? 8.189   -3.604  -9.123  1.00 16.68 ? 64  ARG A CA    1 
ATOM   508  C C     . ARG A 1 64  ? 8.126   -3.659  -7.601  1.00 17.68 ? 64  ARG A C     1 
ATOM   509  O O     . ARG A 1 64  ? 8.185   -4.733  -7.011  1.00 17.37 ? 64  ARG A O     1 
ATOM   510  C CB    . ARG A 1 64  ? 8.038   -5.011  -9.696  1.00 18.72 ? 64  ARG A CB    1 
ATOM   511  C CG    . ARG A 1 64  ? 8.025   -5.086  -11.212 1.00 17.72 ? 64  ARG A CG    1 
ATOM   512  C CD    . ARG A 1 64  ? 7.766   -6.510  -11.672 1.00 19.10 ? 64  ARG A CD    1 
ATOM   513  N NE    . ARG A 1 64  ? 7.951   -6.676  -13.106 1.00 19.36 ? 64  ARG A NE    1 
ATOM   514  C CZ    . ARG A 1 64  ? 7.003   -6.464  -14.011 1.00 22.90 ? 64  ARG A CZ    1 
ATOM   515  N NH1   . ARG A 1 64  ? 5.797   -6.073  -13.633 1.00 20.64 ? 64  ARG A NH1   1 
ATOM   516  N NH2   . ARG A 1 64  ? 7.265   -6.644  -15.296 1.00 27.09 ? 64  ARG A NH2   1 
ATOM   517  N N     . PHE A 1 65  ? 8.009   -2.494  -6.971  1.00 17.31 ? 65  PHE A N     1 
ATOM   518  C CA    . PHE A 1 65  ? 8.294   -2.370  -5.548  1.00 18.66 ? 65  PHE A CA    1 
ATOM   519  C C     . PHE A 1 65  ? 7.147   -1.747  -4.755  1.00 18.94 ? 65  PHE A C     1 
ATOM   520  O O     . PHE A 1 65  ? 7.215   -1.659  -3.534  1.00 20.12 ? 65  PHE A O     1 
ATOM   521  C CB    . PHE A 1 65  ? 9.571   -1.565  -5.325  1.00 21.59 ? 65  PHE A CB    1 
ATOM   522  C CG    . PHE A 1 65  ? 10.810  -2.401  -5.281  1.00 20.08 ? 65  PHE A CG    1 
ATOM   523  C CD1   . PHE A 1 65  ? 11.559  -2.605  -6.422  1.00 23.32 ? 65  PHE A CD1   1 
ATOM   524  C CD2   . PHE A 1 65  ? 11.225  -2.984  -4.103  1.00 23.43 ? 65  PHE A CD2   1 
ATOM   525  C CE1   . PHE A 1 65  ? 12.700  -3.376  -6.386  1.00 24.52 ? 65  PHE A CE1   1 
ATOM   526  C CE2   . PHE A 1 65  ? 12.365  -3.755  -4.061  1.00 25.04 ? 65  PHE A CE2   1 
ATOM   527  C CZ    . PHE A 1 65  ? 13.102  -3.952  -5.202  1.00 23.08 ? 65  PHE A CZ    1 
ATOM   528  N N     . SER A 1 66  ? 6.099   -1.315  -5.444  1.00 14.26 ? 66  SER A N     1 
ATOM   529  C CA    . SER A 1 66  ? 4.985   -0.659  -4.771  1.00 15.37 ? 66  SER A CA    1 
ATOM   530  C C     . SER A 1 66  ? 3.631   -1.149  -5.272  1.00 18.29 ? 66  SER A C     1 
ATOM   531  O O     . SER A 1 66  ? 3.509   -1.623  -6.395  1.00 19.11 ? 66  SER A O     1 
ATOM   532  C CB    . SER A 1 66  ? 5.088   0.860   -4.915  1.00 18.05 ? 66  SER A CB    1 
ATOM   533  O OG    . SER A 1 66  ? 6.380   1.311   -4.564  1.00 20.93 ? 66  SER A OG    1 
ATOM   534  N N     . ILE A 1 67  ? 2.619   -1.032  -4.421  1.00 18.23 ? 67  ILE A N     1 
ATOM   535  C CA    . ILE A 1 67  ? 1.290   -1.527  -4.744  1.00 16.92 ? 67  ILE A CA    1 
ATOM   536  C C     . ILE A 1 67  ? 0.227   -0.447  -4.556  1.00 14.90 ? 67  ILE A C     1 
ATOM   537  O O     . ILE A 1 67  ? 0.284   0.334   -3.611  1.00 15.92 ? 67  ILE A O     1 
ATOM   538  C CB    . ILE A 1 67  ? 0.922   -2.757  -3.894  1.00 18.27 ? 67  ILE A CB    1 
ATOM   539  C CG1   . ILE A 1 67  ? -0.489  -3.236  -4.234  1.00 18.75 ? 67  ILE A CG1   1 
ATOM   540  C CG2   . ILE A 1 67  ? 1.046   -2.443  -2.414  1.00 18.57 ? 67  ILE A CG2   1 
ATOM   541  C CD1   . ILE A 1 67  ? -0.623  -4.731  -4.300  1.00 21.89 ? 67  ILE A CD1   1 
ATOM   542  N N     . ARG A 1 68  ? -0.735  -0.412  -5.469  1.00 14.62 ? 68  ARG A N     1 
ATOM   543  C CA    . ARG A 1 68  ? -1.865  0.497   -5.362  1.00 16.12 ? 68  ARG A CA    1 
ATOM   544  C C     . ARG A 1 68  ? -2.911  -0.047  -4.399  1.00 18.81 ? 68  ARG A C     1 
ATOM   545  O O     . ARG A 1 68  ? -3.319  -1.202  -4.503  1.00 19.51 ? 68  ARG A O     1 
ATOM   546  C CB    . ARG A 1 68  ? -2.496  0.722   -6.733  1.00 20.32 ? 68  ARG A CB    1 
ATOM   547  C CG    . ARG A 1 68  ? -3.678  1.662   -6.714  1.00 21.82 ? 68  ARG A CG    1 
ATOM   548  C CD    . ARG A 1 68  ? -3.943  2.222   -8.087  1.00 28.32 ? 68  ARG A CD    1 
ATOM   549  N NE    . ARG A 1 68  ? -4.401  1.182   -8.992  1.00 34.69 ? 68  ARG A NE    1 
ATOM   550  C CZ    . ARG A 1 68  ? -3.964  1.024   -10.234 1.00 32.92 ? 68  ARG A CZ    1 
ATOM   551  N NH1   . ARG A 1 68  ? -3.053  1.845   -10.731 1.00 30.79 ? 68  ARG A NH1   1 
ATOM   552  N NH2   . ARG A 1 68  ? -4.443  0.041   -10.979 1.00 34.05 ? 68  ARG A NH2   1 
ATOM   553  N N     . CYS A 1 69  ? -3.342  0.795   -3.465  1.00 17.54 ? 69  CYS A N     1 
ATOM   554  C CA    . CYS A 1 69  ? -4.447  0.459   -2.577  1.00 15.09 ? 69  CYS A CA    1 
ATOM   555  C C     . CYS A 1 69  ? -5.631  1.393   -2.799  1.00 18.18 ? 69  CYS A C     1 
ATOM   556  O O     . CYS A 1 69  ? -5.494  2.607   -2.710  1.00 17.87 ? 69  CYS A O     1 
ATOM   557  C CB    . CYS A 1 69  ? -3.996  0.524   -1.117  1.00 16.56 ? 69  CYS A CB    1 
ATOM   558  S SG    . CYS A 1 69  ? -2.433  -0.320  -0.780  1.00 20.38 ? 69  CYS A SG    1 
ATOM   559  N N     . ILE A 1 70  ? -6.792  0.811   -3.081  1.00 16.41 ? 70  ILE A N     1 
ATOM   560  C CA    . ILE A 1 70  ? -8.014  1.587   -3.229  1.00 19.57 ? 70  ILE A CA    1 
ATOM   561  C C     . ILE A 1 70  ? -8.881  1.523   -1.978  1.00 17.51 ? 70  ILE A C     1 
ATOM   562  O O     . ILE A 1 70  ? -9.275  0.448   -1.539  1.00 18.39 ? 70  ILE A O     1 
ATOM   563  C CB    . ILE A 1 70  ? -8.846  1.120   -4.430  1.00 19.32 ? 70  ILE A CB    1 
ATOM   564  C CG1   . ILE A 1 70  ? -7.957  0.961   -5.662  1.00 23.98 ? 70  ILE A CG1   1 
ATOM   565  C CG2   . ILE A 1 70  ? -9.970  2.104   -4.707  1.00 21.76 ? 70  ILE A CG2   1 
ATOM   566  C CD1   . ILE A 1 70  ? -8.018  2.121   -6.610  1.00 26.59 ? 70  ILE A CD1   1 
ATOM   567  N N     . LEU A 1 71  ? -9.177  2.691   -1.417  1.00 16.03 ? 71  LEU A N     1 
ATOM   568  C CA    . LEU A 1 71  ? -9.921  2.787   -0.173  1.00 17.03 ? 71  LEU A CA    1 
ATOM   569  C C     . LEU A 1 71  ? -11.309 3.361   -0.437  1.00 17.58 ? 71  LEU A C     1 
ATOM   570  O O     . LEU A 1 71  ? -11.440 4.481   -0.920  1.00 16.55 ? 71  LEU A O     1 
ATOM   571  C CB    . LEU A 1 71  ? -9.168  3.661   0.833   1.00 16.95 ? 71  LEU A CB    1 
ATOM   572  C CG    . LEU A 1 71  ? -8.032  3.016   1.633   1.00 18.98 ? 71  LEU A CG    1 
ATOM   573  C CD1   . LEU A 1 71  ? -6.981  2.429   0.713   1.00 20.17 ? 71  LEU A CD1   1 
ATOM   574  C CD2   . LEU A 1 71  ? -7.400  4.017   2.575   1.00 17.45 ? 71  LEU A CD2   1 
ATOM   575  N N     . TRP A 1 72  ? -12.340 2.580   -0.127  1.00 18.49 ? 72  TRP A N     1 
ATOM   576  C CA    . TRP A 1 72  ? -13.719 2.995   -0.350  1.00 19.26 ? 72  TRP A CA    1 
ATOM   577  C C     . TRP A 1 72  ? -14.390 3.381   0.963   1.00 19.62 ? 72  TRP A C     1 
ATOM   578  O O     . TRP A 1 72  ? -13.974 2.943   2.032   1.00 19.25 ? 72  TRP A O     1 
ATOM   579  C CB    . TRP A 1 72  ? -14.531 1.876   -0.998  1.00 19.41 ? 72  TRP A CB    1 
ATOM   580  C CG    . TRP A 1 72  ? -14.018 1.400   -2.315  1.00 22.30 ? 72  TRP A CG    1 
ATOM   581  C CD1   . TRP A 1 72  ? -13.269 0.287   -2.547  1.00 20.61 ? 72  TRP A CD1   1 
ATOM   582  C CD2   . TRP A 1 72  ? -14.238 2.007   -3.590  1.00 19.86 ? 72  TRP A CD2   1 
ATOM   583  N NE1   . TRP A 1 72  ? -13.001 0.166   -3.886  1.00 23.89 ? 72  TRP A NE1   1 
ATOM   584  C CE2   . TRP A 1 72  ? -13.586 1.211   -4.549  1.00 20.52 ? 72  TRP A CE2   1 
ATOM   585  C CE3   . TRP A 1 72  ? -14.920 3.148   -4.015  1.00 20.33 ? 72  TRP A CE3   1 
ATOM   586  C CZ2   . TRP A 1 72  ? -13.594 1.522   -5.903  1.00 24.11 ? 72  TRP A CZ2   1 
ATOM   587  C CZ3   . TRP A 1 72  ? -14.928 3.450   -5.355  1.00 24.00 ? 72  TRP A CZ3   1 
ATOM   588  C CH2   . TRP A 1 72  ? -14.270 2.643   -6.285  1.00 25.81 ? 72  TRP A CH2   1 
ATOM   589  N N     . ASP A 1 73  ? -15.439 4.189   0.866   1.00 18.07 ? 73  ASP A N     1 
ATOM   590  C CA    . ASP A 1 73  ? -16.341 4.417   1.989   1.00 19.86 ? 73  ASP A CA    1 
ATOM   591  C C     . ASP A 1 73  ? -15.569 4.791   3.253   1.00 21.56 ? 73  ASP A C     1 
ATOM   592  O O     . ASP A 1 73  ? -14.711 5.670   3.222   1.00 21.80 ? 73  ASP A O     1 
ATOM   593  C CB    . ASP A 1 73  ? -17.220 3.189   2.223   1.00 22.81 ? 73  ASP A CB    1 
ATOM   594  C CG    . ASP A 1 73  ? -17.886 2.703   0.949   1.00 23.25 ? 73  ASP A CG    1 
ATOM   595  O OD1   . ASP A 1 73  ? -18.541 3.521   0.276   1.00 21.89 ? 73  ASP A OD1   1 
ATOM   596  O OD2   . ASP A 1 73  ? -17.754 1.509   0.617   1.00 23.23 ? 73  ASP A OD2   1 
ATOM   597  N N     . GLU A 1 74  ? -15.871 4.127   4.362   1.00 20.65 ? 74  GLU A N     1 
ATOM   598  C CA    . GLU A 1 74  ? -15.420 4.607   5.664   1.00 19.99 ? 74  GLU A CA    1 
ATOM   599  C C     . GLU A 1 74  ? -13.897 4.685   5.715   1.00 19.53 ? 74  GLU A C     1 
ATOM   600  O O     . GLU A 1 74  ? -13.333 5.533   6.400   1.00 19.71 ? 74  GLU A O     1 
ATOM   601  C CB    . GLU A 1 74  ? -15.953 3.722   6.791   1.00 19.35 ? 74  GLU A CB    1 
ATOM   602  C CG    . GLU A 1 74  ? -15.361 2.322   6.821   1.00 17.81 ? 74  GLU A CG    1 
ATOM   603  C CD    . GLU A 1 74  ? -16.233 1.300   6.122   1.00 23.14 ? 74  GLU A CD    1 
ATOM   604  O OE1   . GLU A 1 74  ? -17.069 1.695   5.288   1.00 22.14 ? 74  GLU A OE1   1 
ATOM   605  O OE2   . GLU A 1 74  ? -16.077 0.098   6.407   1.00 23.14 ? 74  GLU A OE2   1 
ATOM   606  N N     . HIS A 1 75  ? -13.240 3.799   4.975   1.00 19.14 ? 75  HIS A N     1 
ATOM   607  C CA    . HIS A 1 75  ? -11.788 3.828   4.848   1.00 17.97 ? 75  HIS A CA    1 
ATOM   608  C C     . HIS A 1 75  ? -11.314 5.096   4.145   1.00 17.62 ? 75  HIS A C     1 
ATOM   609  O O     . HIS A 1 75  ? -10.341 5.718   4.556   1.00 18.21 ? 75  HIS A O     1 
ATOM   610  C CB    . HIS A 1 75  ? -11.297 2.597   4.083   1.00 17.63 ? 75  HIS A CB    1 
ATOM   611  C CG    . HIS A 1 75  ? -12.027 1.337   4.433   1.00 19.99 ? 75  HIS A CG    1 
ATOM   612  N ND1   . HIS A 1 75  ? -11.786 0.637   5.595   1.00 20.23 ? 75  HIS A ND1   1 
ATOM   613  C CD2   . HIS A 1 75  ? -12.993 0.656   3.776   1.00 21.04 ? 75  HIS A CD2   1 
ATOM   614  C CE1   . HIS A 1 75  ? -12.571 -0.423  5.636   1.00 21.30 ? 75  HIS A CE1   1 
ATOM   615  N NE2   . HIS A 1 75  ? -13.315 -0.434  4.546   1.00 22.92 ? 75  HIS A NE2   1 
ATOM   616  N N     . ASP A 1 76  ? -12.010 5.458   3.076   1.00 17.53 ? 76  ASP A N     1 
ATOM   617  C CA    . ASP A 1 76  ? -11.761 6.702   2.361   1.00 19.25 ? 76  ASP A CA    1 
ATOM   618  C C     . ASP A 1 76  ? -11.910 7.892   3.305   1.00 19.05 ? 76  ASP A C     1 
ATOM   619  O O     . ASP A 1 76  ? -10.973 8.658   3.504   1.00 19.05 ? 76  ASP A O     1 
ATOM   620  C CB    . ASP A 1 76  ? -12.721 6.813   1.172   1.00 21.27 ? 76  ASP A CB    1 
ATOM   621  C CG    . ASP A 1 76  ? -12.645 8.149   0.461   1.00 20.15 ? 76  ASP A CG    1 
ATOM   622  O OD1   . ASP A 1 76  ? -11.781 8.976   0.801   1.00 19.38 ? 76  ASP A OD1   1 
ATOM   623  O OD2   . ASP A 1 76  ? -13.463 8.365   -0.450  1.00 22.25 ? 76  ASP A OD2   1 
ATOM   624  N N     . PHE A 1 77  ? -13.091 8.027   3.895   1.00 20.35 ? 77  PHE A N     1 
ATOM   625  C CA    . PHE A 1 77  ? -13.408 9.182   4.722   1.00 19.78 ? 77  PHE A CA    1 
ATOM   626  C C     . PHE A 1 77  ? -12.442 9.317   5.892   1.00 18.85 ? 77  PHE A C     1 
ATOM   627  O O     . PHE A 1 77  ? -12.053 10.422  6.257   1.00 17.23 ? 77  PHE A O     1 
ATOM   628  C CB    . PHE A 1 77  ? -14.847 9.095   5.232   1.00 21.36 ? 77  PHE A CB    1 
ATOM   629  C CG    . PHE A 1 77  ? -15.859 8.843   4.153   1.00 21.84 ? 77  PHE A CG    1 
ATOM   630  C CD1   . PHE A 1 77  ? -15.710 9.408   2.902   1.00 27.11 ? 77  PHE A CD1   1 
ATOM   631  C CD2   . PHE A 1 77  ? -16.962 8.046   4.391   1.00 25.77 ? 77  PHE A CD2   1 
ATOM   632  C CE1   . PHE A 1 77  ? -16.637 9.177   1.913   1.00 26.16 ? 77  PHE A CE1   1 
ATOM   633  C CE2   . PHE A 1 77  ? -17.890 7.815   3.405   1.00 27.57 ? 77  PHE A CE2   1 
ATOM   634  C CZ    . PHE A 1 77  ? -17.727 8.380   2.165   1.00 30.12 ? 77  PHE A CZ    1 
ATOM   635  N N     . TYR A 1 78  ? -12.042 8.187   6.462   1.00 15.22 ? 78  TYR A N     1 
ATOM   636  C CA    . TYR A 1 78  ? -11.130 8.203   7.590   1.00 18.43 ? 78  TYR A CA    1 
ATOM   637  C C     . TYR A 1 78  ? -9.745  8.635   7.167   1.00 20.61 ? 78  TYR A C     1 
ATOM   638  O O     . TYR A 1 78  ? -9.115  9.427   7.833   1.00 19.83 ? 78  TYR A O     1 
ATOM   639  C CB    . TYR A 1 78  ? -11.028 6.822   8.242   1.00 15.92 ? 78  TYR A CB    1 
ATOM   640  C CG    . TYR A 1 78  ? -10.062 6.749   9.405   1.00 15.71 ? 78  TYR A CG    1 
ATOM   641  C CD1   . TYR A 1 78  ? -10.095 7.682   10.420  1.00 18.96 ? 78  TYR A CD1   1 
ATOM   642  C CD2   . TYR A 1 78  ? -9.131  5.735   9.501   1.00 17.96 ? 78  TYR A CD2   1 
ATOM   643  C CE1   . TYR A 1 78  ? -9.223  7.613   11.476  1.00 19.87 ? 78  TYR A CE1   1 
ATOM   644  C CE2   . TYR A 1 78  ? -8.256  5.666   10.546  1.00 19.44 ? 78  TYR A CE2   1 
ATOM   645  C CZ    . TYR A 1 78  ? -8.305  6.597   11.538  1.00 19.80 ? 78  TYR A CZ    1 
ATOM   646  O OH    . TYR A 1 78  ? -7.444  6.521   12.587  1.00 19.52 ? 78  TYR A OH    1 
ATOM   647  N N     . CYS A 1 79  ? -9.266  8.069   6.068   1.00 18.56 ? 79  CYS A N     1 
ATOM   648  C CA    . CYS A 1 79  ? -7.882  8.263   5.663   1.00 17.91 ? 79  CYS A CA    1 
ATOM   649  C C     . CYS A 1 79  ? -7.573  9.513   4.821   1.00 18.56 ? 79  CYS A C     1 
ATOM   650  O O     . CYS A 1 79  ? -6.462  10.000  4.865   1.00 19.95 ? 79  CYS A O     1 
ATOM   651  C CB    . CYS A 1 79  ? -7.375  7.025   4.939   1.00 17.63 ? 79  CYS A CB    1 
ATOM   652  S SG    . CYS A 1 79  ? -7.157  5.590   5.997   1.00 19.38 ? 79  CYS A SG    1 
ATOM   653  N N     . ARG A 1 80  ? -8.548  9.995   4.059   1.00 16.26 ? 80  ARG A N     1 
ATOM   654  C CA    . ARG A 1 80  ? -8.348  11.060  3.075   1.00 16.08 ? 80  ARG A CA    1 
ATOM   655  C C     . ARG A 1 80  ? -7.493  12.195  3.580   1.00 22.06 ? 80  ARG A C     1 
ATOM   656  O O     . ARG A 1 80  ? -6.638  12.708  2.892   1.00 22.17 ? 80  ARG A O     1 
ATOM   657  C CB    . ARG A 1 80  ? -9.661  11.724  2.712   1.00 28.09 ? 80  ARG A CB    1 
ATOM   658  C CG    . ARG A 1 80  ? -10.690 10.922  2.082   1.00 32.36 ? 80  ARG A CG    1 
ATOM   659  C CD    . ARG A 1 80  ? -11.935 11.781  1.993   1.00 25.73 ? 80  ARG A CD    1 
ATOM   660  N NE    . ARG A 1 80  ? -11.817 12.782  0.944   1.00 28.08 ? 80  ARG A NE    1 
ATOM   661  C CZ    . ARG A 1 80  ? -11.648 12.510  -0.350  1.00 30.57 ? 80  ARG A CZ    1 
ATOM   662  N NH1   . ARG A 1 80  ? -11.547 11.253  -0.771  1.00 27.46 ? 80  ARG A NH1   1 
ATOM   663  N NH2   . ARG A 1 80  ? -11.562 13.500  -1.227  1.00 22.80 ? 80  ARG A NH2   1 
ATOM   664  N N     . ASN A 1 81  ? -7.810  12.647  4.771   1.00 22.32 ? 81  ASN A N     1 
ATOM   665  C CA    . ASN A 1 81  ? -7.112  13.787  5.353   1.00 23.48 ? 81  ASN A CA    1 
ATOM   666  C C     . ASN A 1 81  ? -6.286  13.420  6.580   1.00 22.23 ? 81  ASN A C     1 
ATOM   667  O O     . ASN A 1 81  ? -6.186  14.199  7.521   1.00 25.53 ? 81  ASN A O     1 
ATOM   668  C CB    . ASN A 1 81  ? -8.095  14.902  5.716   1.00 23.47 ? 81  ASN A CB    1 
ATOM   669  C CG    . ASN A 1 81  ? -9.107  15.174  4.622   1.00 33.16 ? 81  ASN A CG    1 
ATOM   670  O OD1   . ASN A 1 81  ? -10.284 14.834  4.750   1.00 36.11 ? 81  ASN A OD1   1 
ATOM   671  N ND2   . ASN A 1 81  ? -8.657  15.802  3.544   1.00 31.11 ? 81  ASN A ND2   1 
ATOM   672  N N     . TYR A 1 82  ? -5.693  12.232  6.564   1.00 19.12 ? 82  TYR A N     1 
ATOM   673  C CA    . TYR A 1 82  ? -5.086  11.671  7.761   1.00 20.92 ? 82  TYR A CA    1 
ATOM   674  C C     . TYR A 1 82  ? -3.802  10.933  7.413   1.00 23.81 ? 82  TYR A C     1 
ATOM   675  O O     . TYR A 1 82  ? -2.748  11.197  7.982   1.00 24.48 ? 82  TYR A O     1 
ATOM   676  C CB    . TYR A 1 82  ? -6.066  10.724  8.458   1.00 18.30 ? 82  TYR A CB    1 
ATOM   677  C CG    . TYR A 1 82  ? -5.520  10.042  9.692   1.00 17.44 ? 82  TYR A CG    1 
ATOM   678  C CD1   . TYR A 1 82  ? -4.976  10.777  10.733  1.00 24.91 ? 82  TYR A CD1   1 
ATOM   679  C CD2   . TYR A 1 82  ? -5.561  8.662   9.819   1.00 21.40 ? 82  TYR A CD2   1 
ATOM   680  C CE1   . TYR A 1 82  ? -4.485  10.156  11.866  1.00 23.23 ? 82  TYR A CE1   1 
ATOM   681  C CE2   . TYR A 1 82  ? -5.068  8.033   10.946  1.00 20.96 ? 82  TYR A CE2   1 
ATOM   682  C CZ    . TYR A 1 82  ? -4.534  8.787   11.966  1.00 23.79 ? 82  TYR A CZ    1 
ATOM   683  O OH    . TYR A 1 82  ? -4.042  8.169   13.089  1.00 26.19 ? 82  TYR A OH    1 
ATOM   684  N N     . ILE A 1 83  ? -3.901  10.007  6.467   1.00 20.27 ? 83  ILE A N     1 
ATOM   685  C CA    . ILE A 1 83  ? -2.731  9.289   5.986   1.00 19.43 ? 83  ILE A CA    1 
ATOM   686  C C     . ILE A 1 83  ? -1.983  10.118  4.948   1.00 19.79 ? 83  ILE A C     1 
ATOM   687  O O     . ILE A 1 83  ? -2.544  10.499  3.929   1.00 19.81 ? 83  ILE A O     1 
ATOM   688  C CB    . ILE A 1 83  ? -3.112  7.933   5.372   1.00 20.63 ? 83  ILE A CB    1 
ATOM   689  C CG1   . ILE A 1 83  ? -3.881  7.084   6.388   1.00 20.89 ? 83  ILE A CG1   1 
ATOM   690  C CG2   . ILE A 1 83  ? -1.876  7.204   4.906   1.00 22.50 ? 83  ILE A CG2   1 
ATOM   691  C CD1   . ILE A 1 83  ? -3.131  6.825   7.664   1.00 22.92 ? 83  ILE A CD1   1 
ATOM   692  N N     . LYS A 1 84  ? -0.714  10.391  5.222   1.00 19.64 ? 84  LYS A N     1 
ATOM   693  C CA    . LYS A 1 84  ? 0.091   11.255  4.371   1.00 22.13 ? 84  LYS A CA    1 
ATOM   694  C C     . LYS A 1 84  ? 1.229   10.471  3.722   1.00 21.45 ? 84  LYS A C     1 
ATOM   695  O O     . LYS A 1 84  ? 1.708   9.487   4.277   1.00 19.44 ? 84  LYS A O     1 
ATOM   696  C CB    . LYS A 1 84  ? 0.660   12.422  5.178   1.00 20.11 ? 84  LYS A CB    1 
ATOM   697  C CG    . LYS A 1 84  ? -0.375  13.199  5.972   1.00 27.95 ? 84  LYS A CG    1 
ATOM   698  C CD    . LYS A 1 84  ? -1.407  13.845  5.067   1.00 28.71 ? 84  LYS A CD    1 
ATOM   699  C CE    . LYS A 1 84  ? -2.445  14.613  5.873   1.00 31.77 ? 84  LYS A CE    1 
ATOM   700  N NZ    . LYS A 1 84  ? -3.664  14.909  5.081   1.00 33.77 ? 84  LYS A NZ    1 
ATOM   701  N N     . GLU A 1 85  ? 1.660   10.922  2.549   1.00 18.53 ? 85  GLU A N     1 
ATOM   702  C CA    . GLU A 1 85  ? 2.903   10.447  1.962   1.00 21.11 ? 85  GLU A CA    1 
ATOM   703  C C     . GLU A 1 85  ? 4.051   10.508  2.966   1.00 20.02 ? 85  GLU A C     1 
ATOM   704  O O     . GLU A 1 85  ? 4.290   11.539  3.589   1.00 19.90 ? 85  GLU A O     1 
ATOM   705  C CB    . GLU A 1 85  ? 3.235   11.242  0.695   1.00 21.64 ? 85  GLU A CB    1 
ATOM   706  C CG    . GLU A 1 85  ? 2.057   11.382  -0.255  1.00 21.84 ? 85  GLU A CG    1 
ATOM   707  C CD    . GLU A 1 85  ? 2.431   11.963  -1.604  1.00 21.23 ? 85  GLU A CD    1 
ATOM   708  O OE1   . GLU A 1 85  ? 3.490   12.612  -1.705  1.00 22.28 ? 85  GLU A OE1   1 
ATOM   709  O OE2   . GLU A 1 85  ? 1.656   11.777  -2.560  1.00 20.31 ? 85  GLU A OE2   1 
ATOM   710  N N     . GLY A 1 86  ? 4.744   9.388   3.128   1.00 18.46 ? 86  GLY A N     1 
ATOM   711  C CA    . GLY A 1 86  ? 5.829   9.289   4.084   1.00 20.52 ? 86  GLY A CA    1 
ATOM   712  C C     . GLY A 1 86  ? 5.450   8.552   5.354   1.00 19.60 ? 86  GLY A C     1 
ATOM   713  O O     . GLY A 1 86  ? 6.309   8.009   6.044   1.00 19.81 ? 86  GLY A O     1 
ATOM   714  N N     . ASP A 1 87  ? 4.161   8.531   5.663   1.00 17.64 ? 87  ASP A N     1 
ATOM   715  C CA    . ASP A 1 87  ? 3.680   7.829   6.847   1.00 17.71 ? 87  ASP A CA    1 
ATOM   716  C C     . ASP A 1 87  ? 3.965   6.336   6.732   1.00 23.32 ? 87  ASP A C     1 
ATOM   717  O O     . ASP A 1 87  ? 3.984   5.783   5.637   1.00 21.48 ? 87  ASP A O     1 
ATOM   718  C CB    . ASP A 1 87  ? 2.180   8.055   7.038   1.00 22.37 ? 87  ASP A CB    1 
ATOM   719  C CG    . ASP A 1 87  ? 1.859   9.443   7.551   1.00 24.80 ? 87  ASP A CG    1 
ATOM   720  O OD1   . ASP A 1 87  ? 2.797   10.175  7.918   1.00 22.89 ? 87  ASP A OD1   1 
ATOM   721  O OD2   . ASP A 1 87  ? 0.664   9.793   7.587   1.00 26.38 ? 87  ASP A OD2   1 
ATOM   722  N N     . TYR A 1 88  ? 4.178   5.690   7.872   1.00 19.54 ? 88  TYR A N     1 
ATOM   723  C CA    . TYR A 1 88  ? 4.130   4.238   7.940   1.00 19.84 ? 88  TYR A CA    1 
ATOM   724  C C     . TYR A 1 88  ? 2.749   3.762   8.362   1.00 22.75 ? 88  TYR A C     1 
ATOM   725  O O     . TYR A 1 88  ? 2.130   4.346   9.239   1.00 22.87 ? 88  TYR A O     1 
ATOM   726  C CB    . TYR A 1 88  ? 5.180   3.720   8.918   1.00 20.12 ? 88  TYR A CB    1 
ATOM   727  C CG    . TYR A 1 88  ? 6.596   4.050   8.516   1.00 23.31 ? 88  TYR A CG    1 
ATOM   728  C CD1   . TYR A 1 88  ? 7.245   5.156   9.044   1.00 28.71 ? 88  TYR A CD1   1 
ATOM   729  C CD2   . TYR A 1 88  ? 7.284   3.257   7.611   1.00 21.48 ? 88  TYR A CD2   1 
ATOM   730  C CE1   . TYR A 1 88  ? 8.537   5.463   8.686   1.00 27.65 ? 88  TYR A CE1   1 
ATOM   731  C CE2   . TYR A 1 88  ? 8.579   3.556   7.244   1.00 23.20 ? 88  TYR A CE2   1 
ATOM   732  C CZ    . TYR A 1 88  ? 9.202   4.662   7.785   1.00 24.88 ? 88  TYR A CZ    1 
ATOM   733  O OH    . TYR A 1 88  ? 10.492  4.971   7.429   1.00 29.40 ? 88  TYR A OH    1 
ATOM   734  N N     . VAL A 1 89  ? 2.275   2.697   7.726   1.00 22.51 ? 89  VAL A N     1 
ATOM   735  C CA    . VAL A 1 89  ? 0.963   2.145   8.030   1.00 22.33 ? 89  VAL A CA    1 
ATOM   736  C C     . VAL A 1 89  ? 1.043   0.654   8.318   1.00 21.50 ? 89  VAL A C     1 
ATOM   737  O O     . VAL A 1 89  ? 1.943   -0.031  7.845   1.00 23.34 ? 89  VAL A O     1 
ATOM   738  C CB    . VAL A 1 89  ? -0.031  2.381   6.881   1.00 21.90 ? 89  VAL A CB    1 
ATOM   739  C CG1   . VAL A 1 89  ? -0.355  3.863   6.754   1.00 25.77 ? 89  VAL A CG1   1 
ATOM   740  C CG2   . VAL A 1 89  ? 0.528   1.839   5.582   1.00 22.23 ? 89  VAL A CG2   1 
ATOM   741  N N     . VAL A 1 90  ? 0.095   0.159   9.104   1.00 20.16 ? 90  VAL A N     1 
ATOM   742  C CA    . VAL A 1 90  ? -0.212  -1.264  9.125   1.00 22.39 ? 90  VAL A CA    1 
ATOM   743  C C     . VAL A 1 90  ? -1.623  -1.519  8.620   1.00 21.83 ? 90  VAL A C     1 
ATOM   744  O O     . VAL A 1 90  ? -2.584  -0.929  9.101   1.00 20.08 ? 90  VAL A O     1 
ATOM   745  C CB    . VAL A 1 90  ? -0.041  -1.875  10.538  1.00 24.07 ? 90  VAL A CB    1 
ATOM   746  C CG1   . VAL A 1 90  ? -0.969  -1.202  11.535  1.00 19.83 ? 90  VAL A CG1   1 
ATOM   747  C CG2   . VAL A 1 90  ? -0.282  -3.371  10.498  1.00 22.38 ? 90  VAL A CG2   1 
ATOM   748  N N     . MET A 1 91  ? -1.731  -2.399  7.632   1.00 15.13 ? 91  MET A N     1 
ATOM   749  C CA    . MET A 1 91  ? -3.006  -2.683  7.002   1.00 18.22 ? 91  MET A CA    1 
ATOM   750  C C     . MET A 1 91  ? -3.395  -4.141  7.228   1.00 21.36 ? 91  MET A C     1 
ATOM   751  O O     . MET A 1 91  ? -2.599  -5.046  7.004   1.00 22.47 ? 91  MET A O     1 
ATOM   752  C CB    . MET A 1 91  ? -2.946  -2.346  5.512   1.00 20.62 ? 91  MET A CB    1 
ATOM   753  C CG    . MET A 1 91  ? -2.484  -0.921  5.246   1.00 19.53 ? 91  MET A CG    1 
ATOM   754  S SD    . MET A 1 91  ? -2.265  -0.503  3.505   1.00 27.90 ? 91  MET A SD    1 
ATOM   755  C CE    . MET A 1 91  ? -3.880  -0.897  2.862   1.00 21.45 ? 91  MET A CE    1 
ATOM   756  N N     . LYS A 1 92  ? -4.615  -4.356  7.700   1.00 18.21 ? 92  LYS A N     1 
ATOM   757  C CA    . LYS A 1 92  ? -5.007  -5.655  8.219   1.00 20.90 ? 92  LYS A CA    1 
ATOM   758  C C     . LYS A 1 92  ? -6.217  -6.179  7.468   1.00 22.14 ? 92  LYS A C     1 
ATOM   759  O O     . LYS A 1 92  ? -7.223  -5.491  7.339   1.00 19.95 ? 92  LYS A O     1 
ATOM   760  C CB    . LYS A 1 92  ? -5.297  -5.580  9.720   1.00 21.82 ? 92  LYS A CB    1 
ATOM   761  C CG    . LYS A 1 92  ? -4.067  -5.328  10.570  1.00 21.21 ? 92  LYS A CG    1 
ATOM   762  C CD    . LYS A 1 92  ? -4.398  -5.326  12.050  1.00 25.72 ? 92  LYS A CD    1 
ATOM   763  C CE    . LYS A 1 92  ? -3.155  -5.090  12.885  1.00 33.90 ? 92  LYS A CE    1 
ATOM   764  N NZ    . LYS A 1 92  ? -3.458  -4.510  14.219  1.00 29.31 ? 92  LYS A NZ    1 
ATOM   765  N N     . ASN A 1 93  ? -6.099  -7.399  6.961   1.00 20.91 ? 93  ASN A N     1 
ATOM   766  C CA    . ASN A 1 93  ? -7.247  -8.137  6.469   1.00 22.02 ? 93  ASN A CA    1 
ATOM   767  C C     . ASN A 1 93  ? -7.822  -7.512  5.207   1.00 21.08 ? 93  ASN A C     1 
ATOM   768  O O     . ASN A 1 93  ? -9.017  -7.597  4.946   1.00 25.13 ? 93  ASN A O     1 
ATOM   769  C CB    . ASN A 1 93  ? -8.313  -8.252  7.558   1.00 23.12 ? 93  ASN A CB    1 
ATOM   770  C CG    . ASN A 1 93  ? -7.859  -9.108  8.720   1.00 28.03 ? 93  ASN A CG    1 
ATOM   771  O OD1   . ASN A 1 93  ? -7.099  -10.056 8.540   1.00 28.48 ? 93  ASN A OD1   1 
ATOM   772  N ND2   . ASN A 1 93  ? -8.320  -8.777  9.916   1.00 28.54 ? 93  ASN A ND2   1 
ATOM   773  N N     . VAL A 1 94  ? -6.965  -6.921  4.382   1.00 22.18 ? 94  VAL A N     1 
ATOM   774  C CA    . VAL A 1 94  ? -7.397  -6.308  3.117   1.00 20.25 ? 94  VAL A CA    1 
ATOM   775  C C     . VAL A 1 94  ? -7.409  -7.308  1.939   1.00 21.97 ? 94  VAL A C     1 
ATOM   776  O O     . VAL A 1 94  ? -6.693  -8.274  1.993   1.00 22.31 ? 94  VAL A O     1 
ATOM   777  C CB    . VAL A 1 94  ? -6.506  -5.100  2.782   1.00 22.27 ? 94  VAL A CB    1 
ATOM   778  C CG1   . VAL A 1 94  ? -6.428  -4.158  3.962   1.00 21.13 ? 94  VAL A CG1   1 
ATOM   779  C CG2   . VAL A 1 94  ? -5.135  -5.548  2.415   1.00 22.42 ? 94  VAL A CG2   1 
ATOM   780  N N     . ARG A 1 95  ? -8.200  -7.006  0.924   1.00 20.75 ? 95  ARG A N     1 
ATOM   781  C CA    . ARG A 1 95  ? -8.359  -7.878  -0.214  1.00 18.55 ? 95  ARG A CA    1 
ATOM   782  C C     . ARG A 1 95  ? -7.366  -7.503  -1.284  1.00 23.56 ? 95  ARG A C     1 
ATOM   783  O O     . ARG A 1 95  ? -7.072  -6.336  -1.487  1.00 23.28 ? 95  ARG A O     1 
ATOM   784  C CB    . ARG A 1 95  ? -9.761  -7.746  -0.805  1.00 26.64 ? 95  ARG A CB    1 
ATOM   785  C CG    . ARG A 1 95  ? -10.801 -8.637  -0.186  1.00 34.15 ? 95  ARG A CG    1 
ATOM   786  C CD    . ARG A 1 95  ? -10.408 -10.106 -0.273  1.00 30.95 ? 95  ARG A CD    1 
ATOM   787  N NE    . ARG A 1 95  ? -10.663 -10.702 -1.577  1.00 34.74 ? 95  ARG A NE    1 
ATOM   788  C CZ    . ARG A 1 95  ? -10.794 -12.008 -1.766  1.00 34.57 ? 95  ARG A CZ    1 
ATOM   789  N NH1   . ARG A 1 95  ? -10.701 -12.819 -0.729  1.00 29.71 ? 95  ARG A NH1   1 
ATOM   790  N NH2   . ARG A 1 95  ? -11.018 -12.498 -2.972  1.00 29.91 ? 95  ARG A NH2   1 
ATOM   791  N N     . THR A 1 96  ? -6.878  -8.510  -1.988  1.00 18.36 ? 96  THR A N     1 
ATOM   792  C CA    . THR A 1 96  ? -6.061  -8.274  -3.147  1.00 19.71 ? 96  THR A CA    1 
ATOM   793  C C     . THR A 1 96  ? -6.860  -8.683  -4.364  1.00 23.40 ? 96  THR A C     1 
ATOM   794  O O     . THR A 1 96  ? -7.718  -9.550  -4.304  1.00 19.79 ? 96  THR A O     1 
ATOM   795  C CB    . THR A 1 96  ? -4.757  -9.083  -3.123  1.00 23.23 ? 96  THR A CB    1 
ATOM   796  O OG1   . THR A 1 96  ? -5.070  -10.471 -3.206  1.00 20.23 ? 96  THR A OG1   1 
ATOM   797  C CG2   . THR A 1 96  ? -3.957  -8.817  -1.874  1.00 19.25 ? 96  THR A CG2   1 
ATOM   798  N N     . LYS A 1 97  ? -6.570  -8.031  -5.472  1.00 20.30 ? 97  LYS A N     1 
ATOM   799  C CA    . LYS A 1 97  ? -7.086  -8.463  -6.755  1.00 22.55 ? 97  LYS A CA    1 
ATOM   800  C C     . LYS A 1 97  ? -6.108  -8.111  -7.861  1.00 20.79 ? 97  LYS A C     1 
ATOM   801  O O     . LYS A 1 97  ? -5.042  -7.563  -7.609  1.00 19.72 ? 97  LYS A O     1 
ATOM   802  C CB    . LYS A 1 97  ? -8.439  -7.814  -7.031  1.00 23.16 ? 97  LYS A CB    1 
ATOM   803  C CG    . LYS A 1 97  ? -8.369  -6.319  -7.253  1.00 25.34 ? 97  LYS A CG    1 
ATOM   804  C CD    . LYS A 1 97  ? -9.753  -5.716  -7.379  1.00 29.66 ? 97  LYS A CD    1 
ATOM   805  C CE    . LYS A 1 97  ? -9.999  -5.205  -8.780  1.00 35.57 ? 97  LYS A CE    1 
ATOM   806  N NZ    . LYS A 1 97  ? -11.432 -5.260  -9.140  1.00 42.06 ? 97  LYS A NZ    1 
ATOM   807  N N     . ILE A 1 98  ? -6.491  -8.436  -9.087  1.00 22.97 ? 98  ILE A N     1 
ATOM   808  C CA    . ILE A 1 98  ? -5.737  -8.059  -10.269 1.00 25.90 ? 98  ILE A CA    1 
ATOM   809  C C     . ILE A 1 98  ? -6.548  -7.051  -11.071 1.00 28.67 ? 98  ILE A C     1 
ATOM   810  O O     . ILE A 1 98  ? -7.759  -7.202  -11.213 1.00 30.56 ? 98  ILE A O     1 
ATOM   811  C CB    . ILE A 1 98  ? -5.460  -9.295  -11.141 1.00 28.92 ? 98  ILE A CB    1 
ATOM   812  C CG1   . ILE A 1 98  ? -4.538  -10.262 -10.409 1.00 31.94 ? 98  ILE A CG1   1 
ATOM   813  C CG2   . ILE A 1 98  ? -4.858  -8.898  -12.462 1.00 36.19 ? 98  ILE A CG2   1 
ATOM   814  C CD1   . ILE A 1 98  ? -3.117  -9.824  -10.380 1.00 28.51 ? 98  ILE A CD1   1 
ATOM   815  N N     . ASP A 1 99  ? -5.888  -6.023  -11.591 1.00 22.00 ? 99  ASP A N     1 
ATOM   816  C CA    . ASP A 1 99  ? -6.580  -5.053  -12.433 1.00 28.15 ? 99  ASP A CA    1 
ATOM   817  C C     . ASP A 1 99  ? -6.656  -5.502  -13.890 1.00 28.61 ? 99  ASP A C     1 
ATOM   818  O O     . ASP A 1 99  ? -6.345  -6.643  -14.216 1.00 27.57 ? 99  ASP A O     1 
ATOM   819  C CB    . ASP A 1 99  ? -5.966  -3.650  -12.306 1.00 22.05 ? 99  ASP A CB    1 
ATOM   820  C CG    . ASP A 1 99  ? -4.584  -3.546  -12.922 1.00 26.66 ? 99  ASP A CG    1 
ATOM   821  O OD1   . ASP A 1 99  ? -4.183  -4.448  -13.681 1.00 25.51 ? 99  ASP A OD1   1 
ATOM   822  O OD2   . ASP A 1 99  ? -3.895  -2.547  -12.641 1.00 28.70 ? 99  ASP A OD2   1 
ATOM   823  N N     . HIS A 1 100 ? -7.087  -4.594  -14.758 1.00 28.68 ? 100 HIS A N     1 
ATOM   824  C CA    . HIS A 1 100 ? -7.435  -4.950  -16.123 1.00 30.18 ? 100 HIS A CA    1 
ATOM   825  C C     . HIS A 1 100 ? -6.188  -5.256  -16.949 1.00 30.54 ? 100 HIS A C     1 
ATOM   826  O O     . HIS A 1 100 ? -6.282  -5.714  -18.083 1.00 32.99 ? 100 HIS A O     1 
ATOM   827  C CB    . HIS A 1 100 ? -8.245  -3.828  -16.774 1.00 27.96 ? 100 HIS A CB    1 
ATOM   828  C CG    . HIS A 1 100 ? -9.621  -3.662  -16.204 1.00 37.17 ? 100 HIS A CG    1 
ATOM   829  N ND1   . HIS A 1 100 ? -10.631 -4.574  -16.420 1.00 41.76 ? 100 HIS A ND1   1 
ATOM   830  C CD2   . HIS A 1 100 ? -10.154 -2.686  -15.435 1.00 39.34 ? 100 HIS A CD2   1 
ATOM   831  C CE1   . HIS A 1 100 ? -11.728 -4.166  -15.806 1.00 41.27 ? 100 HIS A CE1   1 
ATOM   832  N NE2   . HIS A 1 100 ? -11.464 -3.025  -15.198 1.00 39.44 ? 100 HIS A NE2   1 
ATOM   833  N N     . LEU A 1 101 ? -5.021  -4.999  -16.372 1.00 28.93 ? 101 LEU A N     1 
ATOM   834  C CA    . LEU A 1 101 ? -3.763  -5.109  -17.100 1.00 29.39 ? 101 LEU A CA    1 
ATOM   835  C C     . LEU A 1 101 ? -2.889  -6.202  -16.503 1.00 30.89 ? 101 LEU A C     1 
ATOM   836  O O     . LEU A 1 101 ? -1.818  -6.502  -17.020 1.00 35.18 ? 101 LEU A O     1 
ATOM   837  C CB    . LEU A 1 101 ? -3.012  -3.778  -17.070 1.00 34.06 ? 101 LEU A CB    1 
ATOM   838  C CG    . LEU A 1 101 ? -3.606  -2.630  -17.884 1.00 36.16 ? 101 LEU A CG    1 
ATOM   839  C CD1   . LEU A 1 101 ? -2.743  -1.390  -17.756 1.00 35.99 ? 101 LEU A CD1   1 
ATOM   840  C CD2   . LEU A 1 101 ? -3.768  -3.031  -19.338 1.00 33.58 ? 101 LEU A CD2   1 
ATOM   841  N N     . GLY A 1 102 ? -3.351  -6.787  -15.403 1.00 27.60 ? 102 GLY A N     1 
ATOM   842  C CA    . GLY A 1 102 ? -2.682  -7.928  -14.809 1.00 25.07 ? 102 GLY A CA    1 
ATOM   843  C C     . GLY A 1 102 ? -1.869  -7.594  -13.577 1.00 28.04 ? 102 GLY A C     1 
ATOM   844  O O     . GLY A 1 102 ? -1.077  -8.409  -13.115 1.00 29.44 ? 102 GLY A O     1 
ATOM   845  N N     . TYR A 1 103 ? -2.063  -6.394  -13.040 1.00 24.20 ? 103 TYR A N     1 
ATOM   846  C CA    . TYR A 1 103 ? -1.283  -5.933  -11.900 1.00 21.69 ? 103 TYR A CA    1 
ATOM   847  C C     . TYR A 1 103 ? -2.043  -6.113  -10.595 1.00 18.90 ? 103 TYR A C     1 
ATOM   848  O O     . TYR A 1 103 ? -3.236  -5.854  -10.525 1.00 19.74 ? 103 TYR A O     1 
ATOM   849  C CB    . TYR A 1 103 ? -0.886  -4.466  -12.075 1.00 20.09 ? 103 TYR A CB    1 
ATOM   850  C CG    . TYR A 1 103 ? -0.027  -4.223  -13.290 1.00 22.66 ? 103 TYR A CG    1 
ATOM   851  C CD1   . TYR A 1 103 ? 1.297   -4.631  -13.320 1.00 20.91 ? 103 TYR A CD1   1 
ATOM   852  C CD2   . TYR A 1 103 ? -0.544  -3.597  -14.412 1.00 27.88 ? 103 TYR A CD2   1 
ATOM   853  C CE1   . TYR A 1 103 ? 2.081   -4.419  -14.430 1.00 21.03 ? 103 TYR A CE1   1 
ATOM   854  C CE2   . TYR A 1 103 ? 0.235   -3.379  -15.527 1.00 25.69 ? 103 TYR A CE2   1 
ATOM   855  C CZ    . TYR A 1 103 ? 1.544   -3.793  -15.532 1.00 27.38 ? 103 TYR A CZ    1 
ATOM   856  O OH    . TYR A 1 103 ? 2.320   -3.575  -16.644 1.00 28.28 ? 103 TYR A OH    1 
ATOM   857  N N     . LEU A 1 104 ? -1.332  -6.559  -9.568  1.00 18.02 ? 104 LEU A N     1 
ATOM   858  C CA    . LEU A 1 104 ? -1.881  -6.656  -8.226  1.00 19.88 ? 104 LEU A CA    1 
ATOM   859  C C     . LEU A 1 104 ? -2.328  -5.290  -7.717  1.00 18.38 ? 104 LEU A C     1 
ATOM   860  O O     . LEU A 1 104 ? -1.655  -4.291  -7.931  1.00 22.26 ? 104 LEU A O     1 
ATOM   861  C CB    . LEU A 1 104 ? -0.834  -7.232  -7.276  1.00 25.59 ? 104 LEU A CB    1 
ATOM   862  C CG    . LEU A 1 104 ? -1.031  -8.647  -6.737  1.00 27.47 ? 104 LEU A CG    1 
ATOM   863  C CD1   . LEU A 1 104 ? 0.035   -8.967  -5.708  1.00 26.32 ? 104 LEU A CD1   1 
ATOM   864  C CD2   . LEU A 1 104 ? -2.415  -8.811  -6.150  1.00 21.59 ? 104 LEU A CD2   1 
ATOM   865  N N     . GLU A 1 105 ? -3.459  -5.257  -7.027  1.00 19.03 ? 105 GLU A N     1 
ATOM   866  C CA    . GLU A 1 105 ? -3.779  -4.133  -6.161  1.00 18.31 ? 105 GLU A CA    1 
ATOM   867  C C     . GLU A 1 105 ? -4.529  -4.583  -4.910  1.00 19.40 ? 105 GLU A C     1 
ATOM   868  O O     . GLU A 1 105 ? -5.114  -5.660  -4.882  1.00 20.91 ? 105 GLU A O     1 
ATOM   869  C CB    . GLU A 1 105 ? -4.592  -3.088  -6.924  1.00 21.17 ? 105 GLU A CB    1 
ATOM   870  C CG    . GLU A 1 105 ? -5.835  -3.632  -7.591  1.00 24.98 ? 105 GLU A CG    1 
ATOM   871  C CD    . GLU A 1 105 ? -6.572  -2.578  -8.392  1.00 28.59 ? 105 GLU A CD    1 
ATOM   872  O OE1   . GLU A 1 105 ? -5.937  -1.588  -8.800  1.00 29.19 ? 105 GLU A OE1   1 
ATOM   873  O OE2   . GLU A 1 105 ? -7.785  -2.744  -8.615  1.00 28.29 ? 105 GLU A OE2   1 
ATOM   874  N N     . CYS A 1 106 ? -4.499  -3.748  -3.880  1.00 19.04 ? 106 CYS A N     1 
ATOM   875  C CA    A CYS A 1 106 ? -5.240  -4.026  -2.662  0.50 19.18 ? 106 CYS A CA    1 
ATOM   876  C CA    B CYS A 1 106 ? -5.231  -4.005  -2.642  0.50 19.30 ? 106 CYS A CA    1 
ATOM   877  C C     . CYS A 1 106 ? -6.480  -3.133  -2.564  1.00 20.07 ? 106 CYS A C     1 
ATOM   878  O O     . CYS A 1 106 ? -6.465  -1.979  -2.989  1.00 18.98 ? 106 CYS A O     1 
ATOM   879  C CB    A CYS A 1 106 ? -4.331  -3.853  -1.442  0.50 20.47 ? 106 CYS A CB    1 
ATOM   880  C CB    B CYS A 1 106 ? -4.353  -3.719  -1.421  0.50 20.39 ? 106 CYS A CB    1 
ATOM   881  S SG    A CYS A 1 106 ? -5.146  -3.231  0.031   0.50 31.36 ? 106 CYS A SG    1 
ATOM   882  S SG    B CYS A 1 106 ? -2.983  -4.854  -1.177  0.50 18.42 ? 106 CYS A SG    1 
ATOM   883  N N     . ILE A 1 107 ? -7.556  -3.685  -2.011  1.00 19.33 ? 107 ILE A N     1 
ATOM   884  C CA    . ILE A 1 107 ? -8.824  -2.977  -1.908  1.00 19.61 ? 107 ILE A CA    1 
ATOM   885  C C     . ILE A 1 107 ? -9.357  -3.021  -0.484  1.00 22.81 ? 107 ILE A C     1 
ATOM   886  O O     . ILE A 1 107 ? -9.336  -4.062  0.161   1.00 21.29 ? 107 ILE A O     1 
ATOM   887  C CB    . ILE A 1 107 ? -9.891  -3.586  -2.828  1.00 21.50 ? 107 ILE A CB    1 
ATOM   888  C CG1   . ILE A 1 107 ? -9.295  -3.904  -4.203  1.00 24.47 ? 107 ILE A CG1   1 
ATOM   889  C CG2   . ILE A 1 107 ? -11.094 -2.652  -2.937  1.00 22.33 ? 107 ILE A CG2   1 
ATOM   890  C CD1   . ILE A 1 107 ? -9.059  -2.696  -5.054  1.00 23.91 ? 107 ILE A CD1   1 
ATOM   891  N N     . LEU A 1 108 ? -9.842  -1.883  -0.006  1.00 18.84 ? 108 LEU A N     1 
ATOM   892  C CA    . LEU A 1 108 ? -10.708 -1.850  1.162   1.00 21.50 ? 108 LEU A CA    1 
ATOM   893  C C     . LEU A 1 108 ? -12.113 -1.415  0.775   1.00 21.04 ? 108 LEU A C     1 
ATOM   894  O O     . LEU A 1 108 ? -12.381 -0.227  0.645   1.00 21.41 ? 108 LEU A O     1 
ATOM   895  C CB    . LEU A 1 108 ? -10.146 -0.896  2.215   1.00 21.78 ? 108 LEU A CB    1 
ATOM   896  C CG    . LEU A 1 108 ? -8.832  -1.303  2.876   1.00 22.50 ? 108 LEU A CG    1 
ATOM   897  C CD1   . LEU A 1 108 ? -7.662  -1.081  1.933   1.00 22.19 ? 108 LEU A CD1   1 
ATOM   898  C CD2   . LEU A 1 108 ? -8.633  -0.545  4.173   1.00 25.77 ? 108 LEU A CD2   1 
ATOM   899  N N     . HIS A 1 109 ? -13.005 -2.384  0.593   1.00 20.93 ? 109 HIS A N     1 
ATOM   900  C CA    . HIS A 1 109 ? -14.424 -2.100  0.429   1.00 20.91 ? 109 HIS A CA    1 
ATOM   901  C C     . HIS A 1 109 ? -15.061 -1.650  1.737   1.00 20.52 ? 109 HIS A C     1 
ATOM   902  O O     . HIS A 1 109 ? -14.609 -2.019  2.814   1.00 22.21 ? 109 HIS A O     1 
ATOM   903  C CB    . HIS A 1 109 ? -15.166 -3.333  -0.087  1.00 20.64 ? 109 HIS A CB    1 
ATOM   904  C CG    . HIS A 1 109 ? -14.722 -3.787  -1.441  1.00 24.25 ? 109 HIS A CG    1 
ATOM   905  N ND1   . HIS A 1 109 ? -15.201 -3.232  -2.605  1.00 26.96 ? 109 HIS A ND1   1 
ATOM   906  C CD2   . HIS A 1 109 ? -13.850 -4.751  -1.813  1.00 26.99 ? 109 HIS A CD2   1 
ATOM   907  C CE1   . HIS A 1 109 ? -14.641 -3.831  -3.639  1.00 23.73 ? 109 HIS A CE1   1 
ATOM   908  N NE2   . HIS A 1 109 ? -13.816 -4.757  -3.185  1.00 29.97 ? 109 HIS A NE2   1 
ATOM   909  N N     . GLY A 1 110 ? -16.125 -0.865  1.632   1.00 22.77 ? 110 GLY A N     1 
ATOM   910  C CA    . GLY A 1 110 ? -17.027 -0.656  2.747   1.00 23.14 ? 110 GLY A CA    1 
ATOM   911  C C     . GLY A 1 110 ? -17.403 -1.934  3.475   1.00 26.11 ? 110 GLY A C     1 
ATOM   912  O O     . GLY A 1 110 ? -17.692 -2.949  2.851   1.00 23.05 ? 110 GLY A O     1 
ATOM   913  N N     . ASP A 1 111 ? -17.394 -1.876  4.803   1.00 25.31 ? 111 ASP A N     1 
ATOM   914  C CA    . ASP A 1 111 ? -17.747 -3.018  5.638   1.00 26.71 ? 111 ASP A CA    1 
ATOM   915  C C     . ASP A 1 111 ? -18.468 -2.557  6.908   1.00 28.49 ? 111 ASP A C     1 
ATOM   916  O O     . ASP A 1 111 ? -17.973 -2.729  8.018   1.00 27.58 ? 111 ASP A O     1 
ATOM   917  C CB    . ASP A 1 111 ? -16.496 -3.827  5.989   1.00 24.95 ? 111 ASP A CB    1 
ATOM   918  C CG    . ASP A 1 111 ? -16.818 -5.157  6.641   1.00 31.52 ? 111 ASP A CG    1 
ATOM   919  O OD1   . ASP A 1 111 ? -17.954 -5.644  6.487   1.00 25.03 ? 111 ASP A OD1   1 
ATOM   920  O OD2   . ASP A 1 111 ? -15.925 -5.716  7.308   1.00 27.96 ? 111 ASP A OD2   1 
ATOM   921  N N     . SER A 1 112 ? -19.643 -1.965  6.726   1.00 28.24 ? 112 SER A N     1 
ATOM   922  C CA    . SER A 1 112 ? -20.446 -1.481  7.843   1.00 31.84 ? 112 SER A CA    1 
ATOM   923  C C     . SER A 1 112 ? -20.911 -2.623  8.742   1.00 32.84 ? 112 SER A C     1 
ATOM   924  O O     . SER A 1 112 ? -21.140 -2.429  9.933   1.00 30.78 ? 112 SER A O     1 
ATOM   925  C CB    . SER A 1 112 ? -21.658 -0.704  7.330   1.00 32.11 ? 112 SER A CB    1 
ATOM   926  O OG    . SER A 1 112 ? -21.262 0.483   6.673   1.00 38.67 ? 112 SER A OG    1 
ATOM   927  N N     . ALA A 1 113 ? -21.056 -3.810  8.160   1.00 33.96 ? 113 ALA A N     1 
ATOM   928  C CA    . ALA A 1 113 ? -21.467 -4.987  8.919   1.00 34.89 ? 113 ALA A CA    1 
ATOM   929  C C     . ALA A 1 113 ? -20.302 -5.579  9.704   1.00 33.10 ? 113 ALA A C     1 
ATOM   930  O O     . ALA A 1 113 ? -20.472 -6.538  10.452  1.00 35.96 ? 113 ALA A O     1 
ATOM   931  C CB    . ALA A 1 113 ? -22.065 -6.031  7.994   1.00 36.65 ? 113 ALA A CB    1 
ATOM   932  N N     . LYS A 1 114 ? -19.122 -5.001  9.522   1.00 31.88 ? 114 LYS A N     1 
ATOM   933  C CA    . LYS A 1 114 ? -17.953 -5.367  10.310  1.00 34.24 ? 114 LYS A CA    1 
ATOM   934  C C     . LYS A 1 114 ? -17.661 -6.861  10.246  1.00 36.98 ? 114 LYS A C     1 
ATOM   935  O O     . LYS A 1 114 ? -17.343 -7.486  11.255  1.00 38.04 ? 114 LYS A O     1 
ATOM   936  C CB    . LYS A 1 114 ? -18.122 -4.920  11.762  1.00 36.26 ? 114 LYS A CB    1 
ATOM   937  C CG    . LYS A 1 114 ? -17.783 -3.458  11.991  1.00 32.73 ? 114 LYS A CG    1 
ATOM   938  C CD    . LYS A 1 114 ? -18.358 -2.950  13.297  1.00 42.10 ? 114 LYS A CD    1 
ATOM   939  C CE    . LYS A 1 114 ? -18.066 -1.472  13.484  1.00 39.11 ? 114 LYS A CE    1 
ATOM   940  N NZ    . LYS A 1 114 ? -18.095 -1.065  14.913  1.00 39.94 ? 114 LYS A NZ    1 
ATOM   941  N N     . ARG A 1 115 ? -17.749 -7.409  9.047   1.00 36.54 ? 115 ARG A N     1 
ATOM   942  C CA    . ARG A 1 115 ? -17.557 -8.835  8.837   1.00 35.50 ? 115 ARG A CA    1 
ATOM   943  C C     . ARG A 1 115 ? -16.086 -9.242  8.758   1.00 36.88 ? 115 ARG A C     1 
ATOM   944  O O     . ARG A 1 115 ? -15.721 -10.309 9.229   1.00 33.04 ? 115 ARG A O     1 
ATOM   945  C CB    . ARG A 1 115 ? -18.311 -9.278  7.581   1.00 38.33 ? 115 ARG A CB    1 
ATOM   946  C CG    . ARG A 1 115 ? -17.901 -10.632 7.025   1.00 42.48 ? 115 ARG A CG    1 
ATOM   947  C CD    . ARG A 1 115 ? -18.209 -11.775 7.984   1.00 45.06 ? 115 ARG A CD    1 
ATOM   948  N NE    . ARG A 1 115 ? -17.749 -13.061 7.470   1.00 47.62 ? 115 ARG A NE    1 
ATOM   949  C CZ    . ARG A 1 115 ? -16.506 -13.516 7.594   1.00 47.79 ? 115 ARG A CZ    1 
ATOM   950  N NH1   . ARG A 1 115 ? -15.589 -12.796 8.221   1.00 42.05 ? 115 ARG A NH1   1 
ATOM   951  N NH2   . ARG A 1 115 ? -16.180 -14.694 7.092   1.00 46.13 ? 115 ARG A NH2   1 
ATOM   952  N N     . TYR A 1 116 ? -15.249 -8.385  8.172   1.00 31.16 ? 116 TYR A N     1 
ATOM   953  C CA    . TYR A 1 116 ? -13.878 -8.757  7.831   1.00 26.51 ? 116 TYR A CA    1 
ATOM   954  C C     . TYR A 1 116 ? -12.778 -8.186  8.714   1.00 28.39 ? 116 TYR A C     1 
ATOM   955  O O     . TYR A 1 116 ? -11.616 -8.523  8.565   1.00 28.39 ? 116 TYR A O     1 
ATOM   956  C CB    . TYR A 1 116 ? -13.610 -8.421  6.375   1.00 31.43 ? 116 TYR A CB    1 
ATOM   957  C CG    . TYR A 1 116 ? -14.499 -9.203  5.461   1.00 37.57 ? 116 TYR A CG    1 
ATOM   958  C CD1   . TYR A 1 116 ? -14.411 -10.585 5.407   1.00 35.29 ? 116 TYR A CD1   1 
ATOM   959  C CD2   . TYR A 1 116 ? -15.454 -8.577  4.692   1.00 32.01 ? 116 TYR A CD2   1 
ATOM   960  C CE1   . TYR A 1 116 ? -15.231 -11.303 4.606   1.00 35.20 ? 116 TYR A CE1   1 
ATOM   961  C CE2   . TYR A 1 116 ? -16.276 -9.291  3.883   1.00 36.93 ? 116 TYR A CE2   1 
ATOM   962  C CZ    . TYR A 1 116 ? -16.161 -10.662 3.837   1.00 40.60 ? 116 TYR A CZ    1 
ATOM   963  O OH    . TYR A 1 116 ? -16.985 -11.381 3.025   1.00 36.92 ? 116 TYR A OH    1 
ATOM   964  N N     . ASN A 1 117 ? -13.146 -7.316  9.634   1.00 26.31 ? 117 ASN A N     1 
ATOM   965  C CA    . ASN A 1 117 ? -12.175 -6.795  10.585  1.00 29.19 ? 117 ASN A CA    1 
ATOM   966  C C     . ASN A 1 117 ? -11.004 -6.124  9.870   1.00 27.64 ? 117 ASN A C     1 
ATOM   967  O O     . ASN A 1 117 ? -9.863  -6.216  10.313  1.00 28.68 ? 117 ASN A O     1 
ATOM   968  C CB    . ASN A 1 117 ? -11.671 -7.917  11.498  1.00 30.56 ? 117 ASN A CB    1 
ATOM   969  C CG    . ASN A 1 117 ? -10.874 -7.398  12.679  1.00 34.88 ? 117 ASN A CG    1 
ATOM   970  O OD1   . ASN A 1 117 ? -11.089 -6.280  13.144  1.00 37.25 ? 117 ASN A OD1   1 
ATOM   971  N ND2   . ASN A 1 117 ? -9.948  -8.210  13.169  1.00 36.99 ? 117 ASN A ND2   1 
ATOM   972  N N     . MET A 1 118 ? -11.291 -5.452  8.769   1.00 24.79 ? 118 MET A N     1 
ATOM   973  C CA    . MET A 1 118 ? -10.272 -4.711  8.050   1.00 25.02 ? 118 MET A CA    1 
ATOM   974  C C     . MET A 1 118 ? -9.901  -3.452  8.787   1.00 26.61 ? 118 MET A C     1 
ATOM   975  O O     . MET A 1 118 ? -10.741 -2.817  9.405   1.00 27.62 ? 118 MET A O     1 
ATOM   976  C CB    . MET A 1 118 ? -10.779 -4.294  6.682   1.00 31.25 ? 118 MET A CB    1 
ATOM   977  C CG    . MET A 1 118 ? -10.628 -5.307  5.603   1.00 32.26 ? 118 MET A CG    1 
ATOM   978  S SD    . MET A 1 118 ? -11.200 -4.638  4.055   1.00 33.82 ? 118 MET A SD    1 
ATOM   979  C CE    . MET A 1 118 ? -12.876 -4.189  4.448   1.00 30.55 ? 118 MET A CE    1 
ATOM   980  N N     . SER A 1 119 ? -8.640  -3.076  8.688   1.00 21.75 ? 119 SER A N     1 
ATOM   981  C CA    . SER A 1 119 ? -8.194  -1.824  9.236   1.00 19.90 ? 119 SER A CA    1 
ATOM   982  C C     . SER A 1 119 ? -6.901  -1.328  8.607   1.00 22.55 ? 119 SER A C     1 
ATOM   983  O O     . SER A 1 119 ? -6.119  -2.071  8.081   1.00 20.99 ? 119 SER A O     1 
ATOM   984  C CB    . SER A 1 119 ? -8.030  -1.920  10.745  1.00 23.12 ? 119 SER A CB    1 
ATOM   985  O OG    . SER A 1 119 ? -7.014  -2.823  11.097  1.00 22.24 ? 119 SER A OG    1 
ATOM   986  N N     . ILE A 1 120 ? -6.743  -0.026  8.670   1.00 23.12 ? 120 ILE A N     1 
ATOM   987  C CA    . ILE A 1 120 ? -5.502  0.688   8.466   1.00 19.44 ? 120 ILE A CA    1 
ATOM   988  C C     . ILE A 1 120 ? -5.328  1.749   9.542   1.00 23.62 ? 120 ILE A C     1 
ATOM   989  O O     . ILE A 1 120 ? -6.274  2.443   9.900   1.00 25.74 ? 120 ILE A O     1 
ATOM   990  C CB    . ILE A 1 120 ? -5.446  1.320   7.060   1.00 20.06 ? 120 ILE A CB    1 
ATOM   991  C CG1   . ILE A 1 120 ? -4.076  1.945   6.798   1.00 23.81 ? 120 ILE A CG1   1 
ATOM   992  C CG2   . ILE A 1 120 ? -6.559  2.328   6.878   1.00 28.34 ? 120 ILE A CG2   1 
ATOM   993  C CD1   . ILE A 1 120 ? -3.847  2.300   5.349   1.00 29.23 ? 120 ILE A CD1   1 
ATOM   994  N N     . GLU A 1 121 ? -4.130  1.719   10.032  1.00 21.32 ? 121 GLU A N     1 
ATOM   995  C CA    . GLU A 1 121 ? -3.787  2.775   10.968  1.00 25.54 ? 121 GLU A CA    1 
ATOM   996  C C     . GLU A 1 121 ? -2.316  3.174   10.846  1.00 23.56 ? 121 GLU A C     1 
ATOM   997  O O     . GLU A 1 121 ? -1.505  2.446   10.276  1.00 25.36 ? 121 GLU A O     1 
ATOM   998  C CB    . GLU A 1 121 ? -4.126  2.353   12.404  1.00 31.30 ? 121 GLU A CB    1 
ATOM   999  C CG    . GLU A 1 121 ? -5.612  2.052   12.644  1.00 34.22 ? 121 GLU A CG    1 
ATOM   1000 C CD    . GLU A 1 121 ? -6.402  3.269   13.104  1.00 35.08 ? 121 GLU A CD    1 
ATOM   1001 O OE1   . GLU A 1 121 ? -5.948  4.401   12.855  1.00 29.25 ? 121 GLU A OE1   1 
ATOM   1002 O OE2   . GLU A 1 121 ? -7.479  3.095   13.717  1.00 31.99 ? 121 GLU A OE2   1 
ATOM   1003 N N     . LYS A 1 122 ? -1.988  4.344   11.374  1.00 21.53 ? 122 LYS A N     1 
ATOM   1004 C CA    . LYS A 1 122 ? -0.629  4.853   11.336  1.00 23.29 ? 122 LYS A CA    1 
ATOM   1005 C C     . LYS A 1 122 ? 0.259   4.066   12.285  1.00 25.17 ? 122 LYS A C     1 
ATOM   1006 O O     . LYS A 1 122 ? -0.190  3.600   13.324  1.00 27.44 ? 122 LYS A O     1 
ATOM   1007 C CB    . LYS A 1 122 ? -0.613  6.324   11.737  1.00 25.10 ? 122 LYS A CB    1 
ATOM   1008 C CG    . LYS A 1 122 ? -0.208  7.269   10.643  1.00 31.63 ? 122 LYS A CG    1 
ATOM   1009 C CD    . LYS A 1 122 ? -0.344  8.708   11.110  1.00 23.48 ? 122 LYS A CD    1 
ATOM   1010 C CE    . LYS A 1 122 ? -1.242  9.505   10.188  1.00 26.86 ? 122 LYS A CE    1 
ATOM   1011 N NZ    . LYS A 1 122 ? -0.928  10.957  10.246  1.00 26.85 ? 122 LYS A NZ    1 
ATOM   1012 N N     . VAL A 1 123 ? 1.528   3.936   11.926  1.00 27.10 ? 123 VAL A N     1 
ATOM   1013 C CA    . VAL A 1 123 ? 2.510   3.351   12.819  1.00 25.71 ? 123 VAL A CA    1 
ATOM   1014 C C     . VAL A 1 123 ? 3.621   4.347   13.097  1.00 32.60 ? 123 VAL A C     1 
ATOM   1015 O O     . VAL A 1 123 ? 4.151   4.969   12.180  1.00 31.29 ? 123 VAL A O     1 
ATOM   1016 C CB    . VAL A 1 123 ? 3.116   2.075   12.223  1.00 27.84 ? 123 VAL A CB    1 
ATOM   1017 C CG1   . VAL A 1 123 ? 4.167   1.506   13.150  1.00 27.43 ? 123 VAL A CG1   1 
ATOM   1018 C CG2   . VAL A 1 123 ? 2.029   1.057   11.947  1.00 23.02 ? 123 VAL A CG2   1 
ATOM   1019 N N     . ASP A 1 124 ? 3.969   4.502   14.365  1.00 35.60 ? 124 ASP A N     1 
ATOM   1020 C CA    . ASP A 1 124 ? 4.999   5.452   14.740  1.00 38.01 ? 124 ASP A CA    1 
ATOM   1021 C C     . ASP A 1 124 ? 6.342   5.040   14.162  1.00 37.84 ? 124 ASP A C     1 
ATOM   1022 O O     . ASP A 1 124 ? 6.693   3.863   14.169  1.00 36.22 ? 124 ASP A O     1 
ATOM   1023 C CB    . ASP A 1 124 ? 5.095   5.578   16.259  1.00 40.93 ? 124 ASP A CB    1 
ATOM   1024 C CG    . ASP A 1 124 ? 5.909   6.777   16.687  1.00 45.69 ? 124 ASP A CG    1 
ATOM   1025 O OD1   . ASP A 1 124 ? 5.327   7.872   16.828  1.00 55.99 ? 124 ASP A OD1   1 
ATOM   1026 O OD2   . ASP A 1 124 ? 7.134   6.624   16.877  1.00 47.20 ? 124 ASP A OD2   1 
ATOM   1027 N N     . SER A 1 125 ? 7.087   6.021   13.665  1.00 40.82 ? 125 SER A N     1 
ATOM   1028 C CA    . SER A 1 125 ? 8.312   5.765   12.919  1.00 39.84 ? 125 SER A CA    1 
ATOM   1029 C C     . SER A 1 125 ? 9.306   4.956   13.745  1.00 43.41 ? 125 SER A C     1 
ATOM   1030 O O     . SER A 1 125 ? 10.225  4.348   13.205  1.00 40.06 ? 125 SER A O     1 
ATOM   1031 C CB    . SER A 1 125 ? 8.948   7.083   12.469  1.00 44.97 ? 125 SER A CB    1 
ATOM   1032 O OG    . SER A 1 125 ? 8.726   8.111   13.418  1.00 45.91 ? 125 SER A OG    1 
ATOM   1033 N N     . GLU A 1 126 ? 9.106   4.947   15.058  1.00 38.66 ? 126 GLU A N     1 
ATOM   1034 C CA    . GLU A 1 126 ? 10.086  4.389   15.976  1.00 42.33 ? 126 GLU A CA    1 
ATOM   1035 C C     . GLU A 1 126 ? 9.776   2.936   16.309  1.00 42.54 ? 126 GLU A C     1 
ATOM   1036 O O     . GLU A 1 126 ? 10.579  2.253   16.940  1.00 43.00 ? 126 GLU A O     1 
ATOM   1037 C CB    . GLU A 1 126 ? 10.150  5.219   17.257  1.00 46.58 ? 126 GLU A CB    1 
ATOM   1038 C CG    . GLU A 1 126 ? 10.895  6.538   17.109  1.00 47.34 ? 126 GLU A CG    1 
ATOM   1039 C CD    . GLU A 1 126 ? 12.183  6.403   16.315  1.00 54.28 ? 126 GLU A CD    1 
ATOM   1040 O OE1   . GLU A 1 126 ? 13.100  5.690   16.777  1.00 55.92 ? 126 GLU A OE1   1 
ATOM   1041 O OE2   . GLU A 1 126 ? 12.281  7.015   15.232  1.00 49.94 ? 126 GLU A OE2   1 
ATOM   1042 N N     . GLU A 1 127 ? 8.608   2.467   15.885  1.00 39.25 ? 127 GLU A N     1 
ATOM   1043 C CA    . GLU A 1 127 ? 8.211   1.092   16.147  1.00 35.04 ? 127 GLU A CA    1 
ATOM   1044 C C     . GLU A 1 127 ? 9.121   0.117   15.415  1.00 37.62 ? 127 GLU A C     1 
ATOM   1045 O O     . GLU A 1 127 ? 9.348   0.251   14.215  1.00 35.83 ? 127 GLU A O     1 
ATOM   1046 C CB    . GLU A 1 127 ? 6.755   0.857   15.741  1.00 38.17 ? 127 GLU A CB    1 
ATOM   1047 C CG    . GLU A 1 127 ? 5.733   1.358   16.745  1.00 43.08 ? 127 GLU A CG    1 
ATOM   1048 C CD    . GLU A 1 127 ? 6.119   1.057   18.180  1.00 42.71 ? 127 GLU A CD    1 
ATOM   1049 O OE1   . GLU A 1 127 ? 6.414   -0.113  18.485  1.00 43.53 ? 127 GLU A OE1   1 
ATOM   1050 O OE2   . GLU A 1 127 ? 6.129   1.992   19.002  1.00 49.43 ? 127 GLU A OE2   1 
ATOM   1051 N N     . PRO A 1 128 ? 9.650   -0.871  16.144  1.00 34.20 ? 128 PRO A N     1 
ATOM   1052 C CA    . PRO A 1 128 ? 10.647  -1.796  15.601  1.00 34.29 ? 128 PRO A CA    1 
ATOM   1053 C C     . PRO A 1 128 ? 10.048  -2.744  14.565  1.00 32.73 ? 128 PRO A C     1 
ATOM   1054 O O     . PRO A 1 128 ? 10.785  -3.456  13.886  1.00 32.60 ? 128 PRO A O     1 
ATOM   1055 C CB    . PRO A 1 128 ? 11.108  -2.570  16.832  1.00 35.52 ? 128 PRO A CB    1 
ATOM   1056 C CG    . PRO A 1 128 ? 9.966   -2.488  17.782  1.00 40.37 ? 128 PRO A CG    1 
ATOM   1057 C CD    . PRO A 1 128 ? 9.324   -1.162  17.549  1.00 35.99 ? 128 PRO A CD    1 
ATOM   1058 N N     . GLU A 1 129 ? 8.726   -2.737  14.443  1.00 32.84 ? 129 GLU A N     1 
ATOM   1059 C CA    . GLU A 1 129 ? 8.049   -3.487  13.396  1.00 31.30 ? 129 GLU A CA    1 
ATOM   1060 C C     . GLU A 1 129 ? 8.407   -2.949  12.019  1.00 30.84 ? 129 GLU A C     1 
ATOM   1061 O O     . GLU A 1 129 ? 8.151   -3.593  11.005  1.00 28.40 ? 129 GLU A O     1 
ATOM   1062 C CB    . GLU A 1 129 ? 6.532   -3.442  13.601  1.00 35.53 ? 129 GLU A CB    1 
ATOM   1063 C CG    . GLU A 1 129 ? 6.004   -4.513  14.540  1.00 34.42 ? 129 GLU A CG    1 
ATOM   1064 C CD    . GLU A 1 129 ? 6.018   -4.076  15.988  1.00 35.79 ? 129 GLU A CD    1 
ATOM   1065 O OE1   . GLU A 1 129 ? 6.484   -2.956  16.268  1.00 34.21 ? 129 GLU A OE1   1 
ATOM   1066 O OE2   . GLU A 1 129 ? 5.563   -4.854  16.848  1.00 39.72 ? 129 GLU A OE2   1 
ATOM   1067 N N     . LEU A 1 130 ? 9.001   -1.761  11.994  1.00 28.76 ? 130 LEU A N     1 
ATOM   1068 C CA    . LEU A 1 130 ? 9.297   -1.079  10.742  1.00 29.35 ? 130 LEU A CA    1 
ATOM   1069 C C     . LEU A 1 130 ? 10.771  -1.208  10.379  1.00 30.77 ? 130 LEU A C     1 
ATOM   1070 O O     . LEU A 1 130 ? 11.225  -0.651  9.386   1.00 31.15 ? 130 LEU A O     1 
ATOM   1071 C CB    . LEU A 1 130 ? 8.913   0.398   10.832  1.00 32.01 ? 130 LEU A CB    1 
ATOM   1072 C CG    . LEU A 1 130 ? 7.505   0.729   11.324  1.00 26.78 ? 130 LEU A CG    1 
ATOM   1073 C CD1   . LEU A 1 130 ? 7.378   2.213   11.548  1.00 28.21 ? 130 LEU A CD1   1 
ATOM   1074 C CD2   . LEU A 1 130 ? 6.468   0.250   10.336  1.00 27.01 ? 130 LEU A CD2   1 
ATOM   1075 N N     . ASN A 1 131 ? 11.513  -1.944  11.195  1.00 31.51 ? 131 ASN A N     1 
ATOM   1076 C CA    . ASN A 1 131 ? 12.964  -1.918  11.123  1.00 33.42 ? 131 ASN A CA    1 
ATOM   1077 C C     . ASN A 1 131 ? 13.484  -2.487  9.806   1.00 30.00 ? 131 ASN A C     1 
ATOM   1078 O O     . ASN A 1 131 ? 14.456  -1.991  9.245   1.00 31.22 ? 131 ASN A O     1 
ATOM   1079 C CB    . ASN A 1 131 ? 13.569  -2.665  12.310  1.00 31.45 ? 131 ASN A CB    1 
ATOM   1080 C CG    . ASN A 1 131 ? 13.592  -1.828  13.567  1.00 31.44 ? 131 ASN A CG    1 
ATOM   1081 O OD1   . ASN A 1 131 ? 13.389  -0.619  13.522  1.00 39.16 ? 131 ASN A OD1   1 
ATOM   1082 N ND2   . ASN A 1 131 ? 13.839  -2.468  14.699  1.00 36.02 ? 131 ASN A ND2   1 
ATOM   1083 N N     . GLU A 1 132 ? 12.824  -3.529  9.314   1.00 31.72 ? 132 GLU A N     1 
ATOM   1084 C CA    . GLU A 1 132 ? 13.277  -4.210  8.109   1.00 32.88 ? 132 GLU A CA    1 
ATOM   1085 C C     . GLU A 1 132 ? 12.906  -3.441  6.845   1.00 31.04 ? 132 GLU A C     1 
ATOM   1086 O O     . GLU A 1 132 ? 13.645  -3.458  5.865   1.00 29.24 ? 132 GLU A O     1 
ATOM   1087 C CB    . GLU A 1 132 ? 12.716  -5.631  8.055   1.00 31.94 ? 132 GLU A CB    1 
ATOM   1088 C CG    . GLU A 1 132 ? 13.158  -6.512  9.222   1.00 42.75 ? 132 GLU A CG    1 
ATOM   1089 C CD    . GLU A 1 132 ? 14.333  -7.410  8.875   1.00 49.65 ? 132 GLU A CD    1 
ATOM   1090 O OE1   . GLU A 1 132 ? 14.646  -7.548  7.675   1.00 53.94 ? 132 GLU A OE1   1 
ATOM   1091 O OE2   . GLU A 1 132 ? 14.943  -7.977  9.807   1.00 54.98 ? 132 GLU A OE2   1 
ATOM   1092 N N     . ILE A 1 133 ? 11.762  -2.763  6.870   1.00 28.82 ? 133 ILE A N     1 
ATOM   1093 C CA    . ILE A 1 133 ? 11.458  -1.746  5.872   1.00 26.62 ? 133 ILE A CA    1 
ATOM   1094 C C     . ILE A 1 133 ? 12.582  -0.724  5.765   1.00 27.52 ? 133 ILE A C     1 
ATOM   1095 O O     . ILE A 1 133 ? 13.070  -0.435  4.677   1.00 31.28 ? 133 ILE A O     1 
ATOM   1096 C CB    . ILE A 1 133 ? 10.149  -1.006  6.192   1.00 27.48 ? 133 ILE A CB    1 
ATOM   1097 C CG1   . ILE A 1 133 ? 8.956   -1.955  6.081   1.00 27.21 ? 133 ILE A CG1   1 
ATOM   1098 C CG2   . ILE A 1 133 ? 9.966   0.171   5.256   1.00 27.15 ? 133 ILE A CG2   1 
ATOM   1099 C CD1   . ILE A 1 133 ? 7.620   -1.265  6.199   1.00 24.13 ? 133 ILE A CD1   1 
ATOM   1100 N N     . LYS A 1 134 ? 12.983  -0.177  6.902   1.00 29.29 ? 134 LYS A N     1 
ATOM   1101 C CA    . LYS A 1 134 ? 14.024  0.832   6.936   1.00 30.84 ? 134 LYS A CA    1 
ATOM   1102 C C     . LYS A 1 134 ? 15.365  0.263   6.489   1.00 31.83 ? 134 LYS A C     1 
ATOM   1103 O O     . LYS A 1 134 ? 16.072  0.876   5.701   1.00 31.91 ? 134 LYS A O     1 
ATOM   1104 C CB    . LYS A 1 134 ? 14.139  1.428   8.333   1.00 33.80 ? 134 LYS A CB    1 
ATOM   1105 C CG    . LYS A 1 134 ? 12.944  2.235   8.751   1.00 33.70 ? 134 LYS A CG    1 
ATOM   1106 C CD    . LYS A 1 134 ? 13.188  2.927   10.068  1.00 35.85 ? 134 LYS A CD    1 
ATOM   1107 C CE    . LYS A 1 134 ? 11.909  3.476   10.647  1.00 37.84 ? 134 LYS A CE    1 
ATOM   1108 N NZ    . LYS A 1 134 ? 12.182  4.417   11.765  1.00 43.85 ? 134 LYS A NZ    1 
ATOM   1109 N N     . SER A 1 135 ? 15.704  -0.912  6.998   1.00 29.82 ? 135 SER A N     1 
ATOM   1110 C CA    . SER A 1 135 ? 16.941  -1.569  6.616   1.00 33.89 ? 135 SER A CA    1 
ATOM   1111 C C     . SER A 1 135 ? 16.991  -1.808  5.107   1.00 32.85 ? 135 SER A C     1 
ATOM   1112 O O     . SER A 1 135 ? 17.985  -1.529  4.472   1.00 33.32 ? 135 SER A O     1 
ATOM   1113 C CB    . SER A 1 135 ? 17.115  -2.873  7.383   1.00 32.12 ? 135 SER A CB    1 
ATOM   1114 O OG    . SER A 1 135 ? 17.730  -3.864  6.590   1.00 46.54 ? 135 SER A OG    1 
ATOM   1115 N N     . ARG A 1 136 ? 15.901  -2.311  4.550   1.00 29.04 ? 136 ARG A N     1 
ATOM   1116 C CA    . ARG A 1 136 ? 15.811  -2.556  3.122   1.00 27.90 ? 136 ARG A CA    1 
ATOM   1117 C C     . ARG A 1 136 ? 15.851  -1.274  2.276   1.00 28.02 ? 136 ARG A C     1 
ATOM   1118 O O     . ARG A 1 136 ? 16.432  -1.266  1.210   1.00 25.94 ? 136 ARG A O     1 
ATOM   1119 C CB    . ARG A 1 136 ? 14.549  -3.355  2.804   1.00 29.43 ? 136 ARG A CB    1 
ATOM   1120 C CG    . ARG A 1 136 ? 14.597  -4.804  3.231   1.00 30.54 ? 136 ARG A CG    1 
ATOM   1121 C CD    . ARG A 1 136 ? 13.481  -5.607  2.601   1.00 27.24 ? 136 ARG A CD    1 
ATOM   1122 N NE    . ARG A 1 136 ? 12.163  -5.195  3.067   1.00 25.70 ? 136 ARG A NE    1 
ATOM   1123 C CZ    . ARG A 1 136 ? 11.556  -5.701  4.128   1.00 28.46 ? 136 ARG A CZ    1 
ATOM   1124 N NH1   . ARG A 1 136 ? 12.146  -6.643  4.843   1.00 28.98 ? 136 ARG A NH1   1 
ATOM   1125 N NH2   . ARG A 1 136 ? 10.362  -5.270  4.479   1.00 23.86 ? 136 ARG A NH2   1 
ATOM   1126 N N     . LYS A 1 137 ? 15.231  -0.200  2.751   1.00 26.56 ? 137 LYS A N     1 
ATOM   1127 C CA    . LYS A 1 137 ? 15.197  1.047   1.995   1.00 28.40 ? 137 LYS A CA    1 
ATOM   1128 C C     . LYS A 1 137 ? 16.593  1.621   1.795   1.00 30.71 ? 137 LYS A C     1 
ATOM   1129 O O     . LYS A 1 137 ? 16.839  2.358   0.846   1.00 34.33 ? 137 LYS A O     1 
ATOM   1130 C CB    . LYS A 1 137 ? 14.304  2.087   2.674   1.00 30.64 ? 137 LYS A CB    1 
ATOM   1131 C CG    . LYS A 1 137 ? 14.035  3.308   1.806   1.00 35.82 ? 137 LYS A CG    1 
ATOM   1132 C CD    . LYS A 1 137 ? 13.725  4.548   2.626   1.00 34.88 ? 137 LYS A CD    1 
ATOM   1133 C CE    . LYS A 1 137 ? 13.979  5.809   1.816   1.00 33.74 ? 137 LYS A CE    1 
ATOM   1134 N NZ    . LYS A 1 137 ? 12.776  6.669   1.713   1.00 37.22 ? 137 LYS A NZ    1 
ATOM   1135 N N     . ARG A 1 138 ? 17.504  1.273   2.694   1.00 29.69 ? 138 ARG A N     1 
ATOM   1136 C CA    . ARG A 1 138 ? 18.891  1.699   2.573   1.00 34.49 ? 138 ARG A CA    1 
ATOM   1137 C C     . ARG A 1 138 ? 19.594  1.060   1.378   1.00 38.60 ? 138 ARG A C     1 
ATOM   1138 O O     . ARG A 1 138 ? 20.583  1.589   0.883   1.00 36.51 ? 138 ARG A O     1 
ATOM   1139 C CB    . ARG A 1 138 ? 19.649  1.399   3.860   1.00 33.43 ? 138 ARG A CB    1 
ATOM   1140 C CG    . ARG A 1 138 ? 19.036  2.044   5.081   1.00 39.44 ? 138 ARG A CG    1 
ATOM   1141 C CD    . ARG A 1 138 ? 20.033  2.147   6.215   1.00 43.72 ? 138 ARG A CD    1 
ATOM   1142 N NE    . ARG A 1 138 ? 20.353  0.846   6.788   1.00 43.54 ? 138 ARG A NE    1 
ATOM   1143 C CZ    . ARG A 1 138 ? 19.852  0.386   7.930   1.00 44.41 ? 138 ARG A CZ    1 
ATOM   1144 N NH1   . ARG A 1 138 ? 18.995  1.119   8.626   1.00 45.90 ? 138 ARG A NH1   1 
ATOM   1145 N NH2   . ARG A 1 138 ? 20.203  -0.811  8.375   1.00 49.81 ? 138 ARG A NH2   1 
ATOM   1146 N N     . LEU A 1 139 ? 19.071  -0.073  0.919   1.00 32.40 ? 139 LEU A N     1 
ATOM   1147 C CA    . LEU A 1 139 ? 19.633  -0.771  -0.231  1.00 30.74 ? 139 LEU A CA    1 
ATOM   1148 C C     . LEU A 1 139 ? 19.401  -0.001  -1.518  1.00 35.64 ? 139 LEU A C     1 
ATOM   1149 O O     . LEU A 1 139 ? 20.106  -0.199  -2.503  1.00 34.72 ? 139 LEU A O     1 
ATOM   1150 C CB    . LEU A 1 139 ? 19.023  -2.163  -0.362  1.00 34.72 ? 139 LEU A CB    1 
ATOM   1151 C CG    . LEU A 1 139 ? 19.290  -3.151  0.769   1.00 36.24 ? 139 LEU A CG    1 
ATOM   1152 C CD1   . LEU A 1 139 ? 18.511  -4.432  0.539   1.00 36.31 ? 139 LEU A CD1   1 
ATOM   1153 C CD2   . LEU A 1 139 ? 20.775  -3.437  0.886   1.00 42.10 ? 139 LEU A CD2   1 
ATOM   1154 N N     . TYR A 1 140 ? 18.399  0.870   -1.508  1.00 32.90 ? 140 TYR A N     1 
ATOM   1155 C CA    . TYR A 1 140 ? 17.813  1.375   -2.742  1.00 30.91 ? 140 TYR A CA    1 
ATOM   1156 C C     . TYR A 1 140 ? 17.948  2.891   -2.836  1.00 36.72 ? 140 TYR A C     1 
ATOM   1157 O O     . TYR A 1 140 ? 17.633  3.489   -3.864  1.00 38.44 ? 140 TYR A O     1 
ATOM   1158 C CB    . TYR A 1 140 ? 16.347  0.952   -2.845  1.00 29.58 ? 140 TYR A CB    1 
ATOM   1159 C CG    . TYR A 1 140 ? 16.165  -0.547  -2.918  1.00 32.46 ? 140 TYR A CG    1 
ATOM   1160 C CD1   . TYR A 1 140 ? 16.499  -1.250  -4.067  1.00 30.99 ? 140 TYR A CD1   1 
ATOM   1161 C CD2   . TYR A 1 140 ? 15.678  -1.263  -1.836  1.00 28.83 ? 140 TYR A CD2   1 
ATOM   1162 C CE1   . TYR A 1 140 ? 16.344  -2.621  -4.139  1.00 30.62 ? 140 TYR A CE1   1 
ATOM   1163 C CE2   . TYR A 1 140 ? 15.520  -2.635  -1.901  1.00 29.95 ? 140 TYR A CE2   1 
ATOM   1164 C CZ    . TYR A 1 140 ? 15.855  -3.308  -3.052  1.00 29.62 ? 140 TYR A CZ    1 
ATOM   1165 O OH    . TYR A 1 140 ? 15.698  -4.671  -3.123  1.00 29.38 ? 140 TYR A OH    1 
ATOM   1166 N N     . VAL A 1 141 ? 18.420  3.506   -1.757  1.00 38.20 ? 141 VAL A N     1 
ATOM   1167 C CA    . VAL A 1 141 ? 18.992  4.844   -1.826  1.00 39.37 ? 141 VAL A CA    1 
ATOM   1168 C C     . VAL A 1 141 ? 20.514  4.797   -1.805  1.00 46.82 ? 141 VAL A C     1 
ATOM   1169 O O     . VAL A 1 141 ? 21.106  3.859   -1.277  1.00 49.01 ? 141 VAL A O     1 
ATOM   1170 C CB    . VAL A 1 141 ? 18.507  5.730   -0.665  1.00 43.68 ? 141 VAL A CB    1 
ATOM   1171 C CG1   . VAL A 1 141 ? 17.008  5.928   -0.745  1.00 42.93 ? 141 VAL A CG1   1 
ATOM   1172 C CG2   . VAL A 1 141 ? 18.903  5.125   0.669   1.00 41.89 ? 141 VAL A CG2   1 
ATOM   1173 O "O5'" . DG  B 2 1   ? -19.452 -1.500  -9.140  1.00 49.38 ? 1   DG  B "O5'" 1 
ATOM   1174 C "C5'" . DG  B 2 1   ? -19.988 -0.252  -9.554  1.00 45.70 ? 1   DG  B "C5'" 1 
ATOM   1175 C "C4'" . DG  B 2 1   ? -19.104 0.881   -9.075  1.00 45.43 ? 1   DG  B "C4'" 1 
ATOM   1176 O "O4'" . DG  B 2 1   ? -19.020 0.794   -7.635  1.00 38.79 ? 1   DG  B "O4'" 1 
ATOM   1177 C "C3'" . DG  B 2 1   ? -17.665 0.813   -9.576  1.00 44.78 ? 1   DG  B "C3'" 1 
ATOM   1178 O "O3'" . DG  B 2 1   ? -17.484 1.602   -10.770 1.00 49.56 ? 1   DG  B "O3'" 1 
ATOM   1179 C "C2'" . DG  B 2 1   ? -16.815 1.291   -8.397  1.00 39.29 ? 1   DG  B "C2'" 1 
ATOM   1180 C "C1'" . DG  B 2 1   ? -17.778 1.300   -7.205  1.00 34.66 ? 1   DG  B "C1'" 1 
ATOM   1181 N N9    . DG  B 2 1   ? -17.349 0.523   -6.043  1.00 28.66 ? 1   DG  B N9    1 
ATOM   1182 C C8    . DG  B 2 1   ? -16.672 -0.669  -6.009  1.00 32.08 ? 1   DG  B C8    1 
ATOM   1183 N N7    . DG  B 2 1   ? -16.442 -1.101  -4.799  1.00 28.89 ? 1   DG  B N7    1 
ATOM   1184 C C5    . DG  B 2 1   ? -17.003 -0.133  -3.976  1.00 24.29 ? 1   DG  B C5    1 
ATOM   1185 C C6    . DG  B 2 1   ? -17.074 -0.043  -2.564  1.00 20.42 ? 1   DG  B C6    1 
ATOM   1186 O O6    . DG  B 2 1   ? -16.639 -0.822  -1.712  1.00 21.35 ? 1   DG  B O6    1 
ATOM   1187 N N1    . DG  B 2 1   ? -17.738 1.112   -2.161  1.00 20.63 ? 1   DG  B N1    1 
ATOM   1188 C C2    . DG  B 2 1   ? -18.266 2.055   -3.004  1.00 23.21 ? 1   DG  B C2    1 
ATOM   1189 N N2    . DG  B 2 1   ? -18.870 3.104   -2.437  1.00 28.88 ? 1   DG  B N2    1 
ATOM   1190 N N3    . DG  B 2 1   ? -18.206 1.980   -4.319  1.00 28.84 ? 1   DG  B N3    1 
ATOM   1191 C C4    . DG  B 2 1   ? -17.563 0.866   -4.732  1.00 27.72 ? 1   DG  B C4    1 
ATOM   1192 P P     . DG  B 2 2   ? -17.338 3.200   -10.676 1.00 48.87 ? 2   DG  B P     1 
ATOM   1193 O OP1   . DG  B 2 2   ? -18.148 3.665   -9.534  1.00 53.49 ? 2   DG  B OP1   1 
ATOM   1194 O OP2   . DG  B 2 2   ? -17.578 3.759   -12.019 1.00 51.16 ? 2   DG  B OP2   1 
ATOM   1195 O "O5'" . DG  B 2 2   ? -15.792 3.418   -10.354 1.00 42.38 ? 2   DG  B "O5'" 1 
ATOM   1196 C "C5'" . DG  B 2 2   ? -15.391 4.518   -9.550  1.00 38.56 ? 2   DG  B "C5'" 1 
ATOM   1197 C "C4'" . DG  B 2 2   ? -14.005 4.989   -9.935  1.00 37.10 ? 2   DG  B "C4'" 1 
ATOM   1198 O "O4'" . DG  B 2 2   ? -13.003 4.139   -9.323  1.00 36.08 ? 2   DG  B "O4'" 1 
ATOM   1199 C "C3'" . DG  B 2 2   ? -13.740 4.940   -11.431 1.00 41.27 ? 2   DG  B "C3'" 1 
ATOM   1200 O "O3'" . DG  B 2 2   ? -12.854 5.979   -11.790 1.00 42.79 ? 2   DG  B "O3'" 1 
ATOM   1201 C "C2'" . DG  B 2 2   ? -13.101 3.568   -11.618 1.00 37.72 ? 2   DG  B "C2'" 1 
ATOM   1202 C "C1'" . DG  B 2 2   ? -12.339 3.378   -10.311 1.00 34.79 ? 2   DG  B "C1'" 1 
ATOM   1203 N N9    . DG  B 2 2   ? -12.301 1.986   -9.879  1.00 33.82 ? 2   DG  B N9    1 
ATOM   1204 C C8    . DG  B 2 2   ? -13.382 1.182   -9.623  1.00 36.07 ? 2   DG  B C8    1 
ATOM   1205 N N7    . DG  B 2 2   ? -13.053 -0.020  -9.257  1.00 32.38 ? 2   DG  B N7    1 
ATOM   1206 C C5    . DG  B 2 2   ? -11.670 -0.015  -9.273  1.00 27.24 ? 2   DG  B C5    1 
ATOM   1207 C C6    . DG  B 2 2   ? -10.760 -1.049  -8.964  1.00 29.26 ? 2   DG  B C6    1 
ATOM   1208 O O6    . DG  B 2 2   ? -11.008 -2.202  -8.604  1.00 25.45 ? 2   DG  B O6    1 
ATOM   1209 N N1    . DG  B 2 2   ? -9.445  -0.629  -9.109  1.00 26.17 ? 2   DG  B N1    1 
ATOM   1210 C C2    . DG  B 2 2   ? -9.060  0.630   -9.500  1.00 31.68 ? 2   DG  B C2    1 
ATOM   1211 N N2    . DG  B 2 2   ? -7.742  0.845   -9.581  1.00 33.46 ? 2   DG  B N2    1 
ATOM   1212 N N3    . DG  B 2 2   ? -9.906  1.608   -9.789  1.00 29.97 ? 2   DG  B N3    1 
ATOM   1213 C C4    . DG  B 2 2   ? -11.191 1.212   -9.655  1.00 29.28 ? 2   DG  B C4    1 
ATOM   1214 P P     . DA  B 2 3   ? -12.796 6.500   -13.307 1.00 50.08 ? 3   DA  B P     1 
ATOM   1215 O OP1   . DA  B 2 3   ? -12.475 7.938   -13.280 1.00 42.95 ? 3   DA  B OP1   1 
ATOM   1216 O OP2   . DA  B 2 3   ? -14.007 6.021   -14.002 1.00 47.17 ? 3   DA  B OP2   1 
ATOM   1217 O "O5'" . DA  B 2 3   ? -11.543 5.728   -13.917 1.00 37.42 ? 3   DA  B "O5'" 1 
ATOM   1218 C "C5'" . DA  B 2 3   ? -10.263 6.004   -13.387 1.00 38.85 ? 3   DA  B "C5'" 1 
ATOM   1219 C "C4'" . DA  B 2 3   ? -9.241  5.008   -13.894 1.00 35.97 ? 3   DA  B "C4'" 1 
ATOM   1220 O "O4'" . DA  B 2 3   ? -9.549  3.692   -13.377 1.00 38.71 ? 3   DA  B "O4'" 1 
ATOM   1221 C "C3'" . DA  B 2 3   ? -9.193  4.863   -15.409 1.00 41.10 ? 3   DA  B "C3'" 1 
ATOM   1222 O "O3'" . DA  B 2 3   ? -7.855  4.667   -15.794 1.00 41.89 ? 3   DA  B "O3'" 1 
ATOM   1223 C "C2'" . DA  B 2 3   ? -10.013 3.605   -15.662 1.00 34.09 ? 3   DA  B "C2'" 1 
ATOM   1224 C "C1'" . DA  B 2 3   ? -9.643  2.776   -14.445 1.00 40.65 ? 3   DA  B "C1'" 1 
ATOM   1225 N N9    . DA  B 2 3   ? -10.656 1.790   -14.095 1.00 37.94 ? 3   DA  B N9    1 
ATOM   1226 C C8    . DA  B 2 3   ? -11.994 1.853   -14.354 1.00 37.77 ? 3   DA  B C8    1 
ATOM   1227 N N7    . DA  B 2 3   ? -12.665 0.821   -13.918 1.00 34.96 ? 3   DA  B N7    1 
ATOM   1228 C C5    . DA  B 2 3   ? -11.701 0.025   -13.334 1.00 36.18 ? 3   DA  B C5    1 
ATOM   1229 C C6    . DA  B 2 3   ? -11.773 -1.215  -12.682 1.00 37.80 ? 3   DA  B C6    1 
ATOM   1230 N N6    . DA  B 2 3   ? -12.912 -1.893  -12.513 1.00 43.04 ? 3   DA  B N6    1 
ATOM   1231 N N1    . DA  B 2 3   ? -10.621 -1.733  -12.213 1.00 39.95 ? 3   DA  B N1    1 
ATOM   1232 C C2    . DA  B 2 3   ? -9.482  -1.053  -12.382 1.00 32.49 ? 3   DA  B C2    1 
ATOM   1233 N N3    . DA  B 2 3   ? -9.291  0.121   -12.977 1.00 36.18 ? 3   DA  B N3    1 
ATOM   1234 C C4    . DA  B 2 3   ? -10.455 0.607   -13.431 1.00 34.00 ? 3   DA  B C4    1 
ATOM   1235 P P     . DT  B 2 4   ? -7.352  5.131   -17.245 1.00 45.05 ? 4   DT  B P     1 
ATOM   1236 O OP1   . DT  B 2 4   ? -7.970  6.436   -17.547 1.00 46.35 ? 4   DT  B OP1   1 
ATOM   1237 O OP2   . DT  B 2 4   ? -7.554  4.005   -18.175 1.00 42.72 ? 4   DT  B OP2   1 
ATOM   1238 O "O5'" . DT  B 2 4   ? -5.789  5.351   -17.031 1.00 37.90 ? 4   DT  B "O5'" 1 
ATOM   1239 C "C5'" . DT  B 2 4   ? -5.383  5.816   -15.757 1.00 33.08 ? 4   DT  B "C5'" 1 
ATOM   1240 C "C4'" . DT  B 2 4   ? -4.132  5.129   -15.245 1.00 35.41 ? 4   DT  B "C4'" 1 
ATOM   1241 O "O4'" . DT  B 2 4   ? -4.477  3.889   -14.582 1.00 35.01 ? 4   DT  B "O4'" 1 
ATOM   1242 C "C3'" . DT  B 2 4   ? -3.097  4.762   -16.298 1.00 33.76 ? 4   DT  B "C3'" 1 
ATOM   1243 O "O3'" . DT  B 2 4   ? -1.825  4.905   -15.717 1.00 35.18 ? 4   DT  B "O3'" 1 
ATOM   1244 C "C2'" . DT  B 2 4   ? -3.403  3.293   -16.564 1.00 35.57 ? 4   DT  B "C2'" 1 
ATOM   1245 C "C1'" . DT  B 2 4   ? -3.720  2.839   -15.146 1.00 32.94 ? 4   DT  B "C1'" 1 
ATOM   1246 N N1    . DT  B 2 4   ? -4.534  1.607   -15.068 1.00 31.23 ? 4   DT  B N1    1 
ATOM   1247 C C2    . DT  B 2 4   ? -4.115  0.576   -14.265 1.00 33.96 ? 4   DT  B C2    1 
ATOM   1248 O O2    . DT  B 2 4   ? -3.092  0.616   -13.611 1.00 32.09 ? 4   DT  B O2    1 
ATOM   1249 N N3    . DT  B 2 4   ? -4.944  -0.513  -14.263 1.00 28.51 ? 4   DT  B N3    1 
ATOM   1250 C C4    . DT  B 2 4   ? -6.121  -0.664  -14.962 1.00 29.22 ? 4   DT  B C4    1 
ATOM   1251 O O4    . DT  B 2 4   ? -6.800  -1.679  -14.895 1.00 29.92 ? 4   DT  B O4    1 
ATOM   1252 C C5    . DT  B 2 4   ? -6.499  0.455   -15.783 1.00 35.69 ? 4   DT  B C5    1 
ATOM   1253 C C7    . DT  B 2 4   ? -7.762  0.405   -16.590 1.00 35.78 ? 4   DT  B C7    1 
ATOM   1254 C C6    . DT  B 2 4   ? -5.698  1.525   -15.794 1.00 34.62 ? 4   DT  B C6    1 
ATOM   1255 P P     . DA  B 2 5   ? -0.580  5.278   -16.624 1.00 35.36 ? 5   DA  B P     1 
ATOM   1256 O OP1   . DA  B 2 5   ? -0.925  6.492   -17.337 1.00 33.24 ? 5   DA  B OP1   1 
ATOM   1257 O OP2   . DA  B 2 5   ? -0.183  4.079   -17.350 1.00 36.68 ? 5   DA  B OP2   1 
ATOM   1258 O "O5'" . DA  B 2 5   ? 0.535   5.540   -15.538 1.00 30.19 ? 5   DA  B "O5'" 1 
ATOM   1259 C "C5'" . DA  B 2 5   ? 0.382   6.566   -14.592 1.00 30.98 ? 5   DA  B "C5'" 1 
ATOM   1260 C "C4'" . DA  B 2 5   ? 1.318   6.394   -13.409 1.00 25.42 ? 5   DA  B "C4'" 1 
ATOM   1261 O "O4'" . DA  B 2 5   ? 0.907   5.293   -12.567 1.00 24.51 ? 5   DA  B "O4'" 1 
ATOM   1262 C "C3'" . DA  B 2 5   ? 2.758   6.094   -13.781 1.00 25.65 ? 5   DA  B "C3'" 1 
ATOM   1263 O "O3'" . DA  B 2 5   ? 3.618   6.671   -12.840 1.00 26.23 ? 5   DA  B "O3'" 1 
ATOM   1264 C "C2'" . DA  B 2 5   ? 2.808   4.568   -13.742 1.00 23.51 ? 5   DA  B "C2'" 1 
ATOM   1265 C "C1'" . DA  B 2 5   ? 1.866   4.251   -12.590 1.00 24.66 ? 5   DA  B "C1'" 1 
ATOM   1266 N N9    . DA  B 2 5   ? 1.120   3.003   -12.722 1.00 25.06 ? 5   DA  B N9    1 
ATOM   1267 C C8    . DA  B 2 5   ? 0.579   2.502   -13.862 1.00 24.61 ? 5   DA  B C8    1 
ATOM   1268 N N7    . DA  B 2 5   ? -0.064  1.381   -13.714 1.00 23.01 ? 5   DA  B N7    1 
ATOM   1269 C C5    . DA  B 2 5   ? 0.062   1.126   -12.366 1.00 26.02 ? 5   DA  B C5    1 
ATOM   1270 C C6    . DA  B 2 5   ? -0.410  0.073   -11.567 1.00 27.24 ? 5   DA  B C6    1 
ATOM   1271 N N6    . DA  B 2 5   ? -1.122  -0.936  -12.050 1.00 29.52 ? 5   DA  B N6    1 
ATOM   1272 N N1    . DA  B 2 5   ? -0.114  0.110   -10.260 1.00 25.07 ? 5   DA  B N1    1 
ATOM   1273 C C2    . DA  B 2 5   ? 0.598   1.126   -9.783  1.00 20.57 ? 5   DA  B C2    1 
ATOM   1274 N N3    . DA  B 2 5   ? 1.094   2.172   -10.434 1.00 24.49 ? 5   DA  B N3    1 
ATOM   1275 C C4    . DA  B 2 5   ? 0.781   2.114   -11.733 1.00 23.90 ? 5   DA  B C4    1 
ATOM   1276 P P     . DC  B 2 6   ? 4.769   7.596   -13.412 1.00 28.00 ? 6   DC  B P     1 
ATOM   1277 O OP1   . DC  B 2 6   ? 5.463   6.839   -14.449 1.00 32.44 ? 6   DC  B OP1   1 
ATOM   1278 O OP2   . DC  B 2 6   ? 5.548   8.179   -12.325 1.00 26.81 ? 6   DC  B OP2   1 
ATOM   1279 O "O5'" . DC  B 2 6   ? 3.928   8.716   -14.149 1.00 22.18 ? 6   DC  B "O5'" 1 
ATOM   1280 C "C5'" . DC  B 2 6   ? 3.314   9.737   -13.430 1.00 31.69 ? 6   DC  B "C5'" 1 
ATOM   1281 C "C4'" . DC  B 2 6   ? 2.355   10.492  -14.326 1.00 29.97 ? 6   DC  B "C4'" 1 
ATOM   1282 O "O4'" . DC  B 2 6   ? 1.119   9.754   -14.440 1.00 35.43 ? 6   DC  B "O4'" 1 
ATOM   1283 C "C3'" . DC  B 2 6   ? 1.957   11.881  -13.841 1.00 32.36 ? 6   DC  B "C3'" 1 
ATOM   1284 O "O3'" . DC  B 2 6   ? 1.822   12.721  -14.975 1.00 35.43 ? 6   DC  B "O3'" 1 
ATOM   1285 C "C2'" . DC  B 2 6   ? 0.633   11.625  -13.138 1.00 28.41 ? 6   DC  B "C2'" 1 
ATOM   1286 C "C1'" . DC  B 2 6   ? 0.032   10.573  -14.045 1.00 29.66 ? 6   DC  B "C1'" 1 
ATOM   1287 N N1    . DC  B 2 6   ? -0.979  9.728   -13.385 1.00 33.89 ? 6   DC  B N1    1 
ATOM   1288 C C2    . DC  B 2 6   ? -2.177  9.491   -14.028 1.00 37.96 ? 6   DC  B C2    1 
ATOM   1289 O O2    . DC  B 2 6   ? -2.338  10.009  -15.128 1.00 40.07 ? 6   DC  B O2    1 
ATOM   1290 N N3    . DC  B 2 6   ? -3.107  8.707   -13.440 1.00 30.51 ? 6   DC  B N3    1 
ATOM   1291 C C4    . DC  B 2 6   ? -2.880  8.181   -12.253 1.00 29.76 ? 6   DC  B C4    1 
ATOM   1292 N N4    . DC  B 2 6   ? -3.830  7.416   -11.712 1.00 31.61 ? 6   DC  B N4    1 
ATOM   1293 C C5    . DC  B 2 6   ? -1.659  8.404   -11.573 1.00 29.67 ? 6   DC  B C5    1 
ATOM   1294 C C6    . DC  B 2 6   ? -0.751  9.174   -12.169 1.00 28.08 ? 6   DC  B C6    1 
ATOM   1295 P P     . DG  B 2 7   ? 2.128   14.276  -14.848 1.00 35.29 ? 7   DG  B P     1 
ATOM   1296 O OP1   . DG  B 2 7   ? 2.044   14.845  -16.210 1.00 38.35 ? 7   DG  B OP1   1 
ATOM   1297 O OP2   . DG  B 2 7   ? 3.350   14.477  -14.052 1.00 39.47 ? 7   DG  B OP2   1 
ATOM   1298 O "O5'" . DG  B 2 7   ? 0.890   14.807  -13.986 1.00 34.50 ? 7   DG  B "O5'" 1 
ATOM   1299 C "C5'" . DG  B 2 7   ? -0.265  15.294  -14.653 1.00 30.54 ? 7   DG  B "C5'" 1 
ATOM   1300 C "C4'" . DG  B 2 7   ? -1.450  15.419  -13.715 1.00 35.03 ? 7   DG  B "C4'" 1 
ATOM   1301 O "O4'" . DG  B 2 7   ? -1.738  14.129  -13.133 1.00 28.94 ? 7   DG  B "O4'" 1 
ATOM   1302 C "C3'" . DG  B 2 7   ? -1.260  16.363  -12.534 1.00 34.87 ? 7   DG  B "C3'" 1 
ATOM   1303 O "O3'" . DG  B 2 7   ? -1.966  17.572  -12.765 1.00 35.75 ? 7   DG  B "O3'" 1 
ATOM   1304 C "C2'" . DG  B 2 7   ? -1.856  15.619  -11.340 1.00 34.79 ? 7   DG  B "C2'" 1 
ATOM   1305 C "C1'" . DG  B 2 7   ? -2.463  14.363  -11.955 1.00 26.59 ? 7   DG  B "C1'" 1 
ATOM   1306 N N9    . DG  B 2 7   ? -2.350  13.196  -11.090 1.00 24.28 ? 7   DG  B N9    1 
ATOM   1307 C C8    . DG  B 2 7   ? -1.296  12.853  -10.280 1.00 27.10 ? 7   DG  B C8    1 
ATOM   1308 N N7    . DG  B 2 7   ? -1.486  11.754  -9.614  1.00 23.70 ? 7   DG  B N7    1 
ATOM   1309 C C5    . DG  B 2 7   ? -2.753  11.341  -10.006 1.00 23.84 ? 7   DG  B C5    1 
ATOM   1310 C C6    . DG  B 2 7   ? -3.504  10.208  -9.616  1.00 23.13 ? 7   DG  B C6    1 
ATOM   1311 O O6    . DG  B 2 7   ? -3.181  9.319   -8.823  1.00 21.70 ? 7   DG  B O6    1 
ATOM   1312 N N1    . DG  B 2 7   ? -4.740  10.165  -10.252 1.00 19.88 ? 7   DG  B N1    1 
ATOM   1313 C C2    . DG  B 2 7   ? -5.194  11.100  -11.149 1.00 23.12 ? 7   DG  B C2    1 
ATOM   1314 N N2    . DG  B 2 7   ? -6.414  10.890  -11.659 1.00 22.77 ? 7   DG  B N2    1 
ATOM   1315 N N3    . DG  B 2 7   ? -4.500  12.166  -11.523 1.00 24.77 ? 7   DG  B N3    1 
ATOM   1316 C C4    . DG  B 2 7   ? -3.297  12.220  -10.915 1.00 24.89 ? 7   DG  B C4    1 
ATOM   1317 P P     . DG  B 2 8   ? -1.925  18.753  -11.678 1.00 43.60 ? 8   DG  B P     1 
ATOM   1318 O OP1   . DG  B 2 8   ? -3.054  18.560  -10.745 1.00 50.04 ? 8   DG  B OP1   1 
ATOM   1319 O OP2   . DG  B 2 8   ? -1.757  20.029  -12.394 1.00 50.06 ? 8   DG  B OP2   1 
ATOM   1320 O "O5'" . DG  B 2 8   ? -0.604  18.458  -10.855 1.00 42.22 ? 8   DG  B "O5'" 1 
ATOM   1321 C "C5'" . DG  B 2 8   ? -0.376  19.215  -9.695  1.00 42.67 ? 8   DG  B "C5'" 1 
ATOM   1322 C "C4'" . DG  B 2 8   ? -1.010  18.594  -8.465  1.00 40.62 ? 8   DG  B "C4'" 1 
ATOM   1323 O "O4'" . DG  B 2 8   ? -0.985  17.145  -8.551  1.00 40.47 ? 8   DG  B "O4'" 1 
ATOM   1324 C "C3'" . DG  B 2 8   ? -0.260  18.932  -7.190  1.00 38.25 ? 8   DG  B "C3'" 1 
ATOM   1325 O "O3'" . DG  B 2 8   ? -1.133  18.888  -6.085  1.00 37.46 ? 8   DG  B "O3'" 1 
ATOM   1326 C "C2'" . DG  B 2 8   ? 0.766   17.810  -7.138  1.00 40.09 ? 8   DG  B "C2'" 1 
ATOM   1327 C "C1'" . DG  B 2 8   ? -0.076  16.629  -7.597  1.00 34.67 ? 8   DG  B "C1'" 1 
ATOM   1328 N N9    . DG  B 2 8   ? 0.695   15.543  -8.199  1.00 32.87 ? 8   DG  B N9    1 
ATOM   1329 C C8    . DG  B 2 8   ? 0.901   14.307  -7.650  1.00 30.28 ? 8   DG  B C8    1 
ATOM   1330 N N7    . DG  B 2 8   ? 1.621   13.515  -8.391  1.00 34.75 ? 8   DG  B N7    1 
ATOM   1331 C C5    . DG  B 2 8   ? 1.917   14.271  -9.512  1.00 36.07 ? 8   DG  B C5    1 
ATOM   1332 C C6    . DG  B 2 8   ? 2.673   13.934  -10.661 1.00 34.32 ? 8   DG  B C6    1 
ATOM   1333 O O6    . DG  B 2 8   ? 3.247   12.872  -10.924 1.00 30.79 ? 8   DG  B O6    1 
ATOM   1334 N N1    . DG  B 2 8   ? 2.728   14.987  -11.565 1.00 29.44 ? 8   DG  B N1    1 
ATOM   1335 C C2    . DG  B 2 8   ? 2.133   16.211  -11.380 1.00 37.64 ? 8   DG  B C2    1 
ATOM   1336 N N2    . DG  B 2 8   ? 2.304   17.103  -12.367 1.00 36.22 ? 8   DG  B N2    1 
ATOM   1337 N N3    . DG  B 2 8   ? 1.423   16.536  -10.307 1.00 37.26 ? 8   DG  B N3    1 
ATOM   1338 C C4    . DG  B 2 8   ? 1.355   15.524  -9.411  1.00 34.46 ? 8   DG  B C4    1 
ATOM   1339 P P     . DT  B 2 9   ? -2.002  20.177  -5.688  1.00 35.04 ? 9   DT  B P     1 
ATOM   1340 O OP1   . DT  B 2 9   ? -1.363  21.363  -6.287  1.00 37.20 ? 9   DT  B OP1   1 
ATOM   1341 O OP2   . DT  B 2 9   ? -2.236  20.131  -4.234  1.00 44.32 ? 9   DT  B OP2   1 
ATOM   1342 O "O5'" . DT  B 2 9   ? -3.394  19.924  -6.419  1.00 37.23 ? 9   DT  B "O5'" 1 
ATOM   1343 C "C5'" . DT  B 2 9   ? -4.353  20.956  -6.551  1.00 34.71 ? 9   DT  B "C5'" 1 
ATOM   1344 C "C4'" . DT  B 2 9   ? -5.669  20.365  -7.016  1.00 37.41 ? 9   DT  B "C4'" 1 
ATOM   1345 O "O4'" . DT  B 2 9   ? -5.466  19.002  -7.471  1.00 34.55 ? 9   DT  B "O4'" 1 
ATOM   1346 C "C3'" . DT  B 2 9   ? -6.720  20.260  -5.925  1.00 39.78 ? 9   DT  B "C3'" 1 
ATOM   1347 O "O3'" . DT  B 2 9   ? -7.468  21.465  -5.874  1.00 44.39 ? 9   DT  B "O3'" 1 
ATOM   1348 C "C2'" . DT  B 2 9   ? -7.580  19.088  -6.389  1.00 30.73 ? 9   DT  B "C2'" 1 
ATOM   1349 C "C1'" . DT  B 2 9   ? -6.592  18.206  -7.147  1.00 32.02 ? 9   DT  B "C1'" 1 
ATOM   1350 N N1    . DT  B 2 9   ? -6.139  17.027  -6.354  1.00 25.59 ? 9   DT  B N1    1 
ATOM   1351 C C2    . DT  B 2 9   ? -6.920  15.892  -6.300  1.00 26.81 ? 9   DT  B C2    1 
ATOM   1352 O O2    . DT  B 2 9   ? -7.985  15.776  -6.871  1.00 22.88 ? 9   DT  B O2    1 
ATOM   1353 N N3    . DT  B 2 9   ? -6.398  14.879  -5.541  1.00 24.02 ? 9   DT  B N3    1 
ATOM   1354 C C4    . DT  B 2 9   ? -5.206  14.883  -4.846  1.00 26.63 ? 9   DT  B C4    1 
ATOM   1355 O O4    . DT  B 2 9   ? -4.820  13.927  -4.187  1.00 22.32 ? 9   DT  B O4    1 
ATOM   1356 C C5    . DT  B 2 9   ? -4.443  16.098  -4.944  1.00 30.06 ? 9   DT  B C5    1 
ATOM   1357 C C7    . DT  B 2 9   ? -3.132  16.215  -4.225  1.00 32.13 ? 9   DT  B C7    1 
ATOM   1358 C C6    . DT  B 2 9   ? -4.940  17.097  -5.682  1.00 29.20 ? 9   DT  B C6    1 
HETATM 1359 O O     . HOH C 3 .   ? 5.862   -0.460  -8.204  1.00 16.43 ? 201 HOH A O     1 
HETATM 1360 O O     . HOH C 3 .   ? 6.979   -3.508  -1.568  1.00 20.00 ? 202 HOH A O     1 
HETATM 1361 O O     . HOH C 3 .   ? -0.470  -1.803  -8.009  1.00 19.07 ? 203 HOH A O     1 
HETATM 1362 O O     . HOH C 3 .   ? -8.264  8.151   -5.559  1.00 20.61 ? 204 HOH A O     1 
HETATM 1363 O O     . HOH C 3 .   ? -11.570 13.045  6.741   1.00 22.57 ? 205 HOH A O     1 
HETATM 1364 O O     . HOH C 3 .   ? -8.968  12.160  7.400   1.00 17.51 ? 206 HOH A O     1 
HETATM 1365 O O     . HOH C 3 .   ? 6.234   -5.380  5.285   1.00 19.51 ? 207 HOH A O     1 
HETATM 1366 O O     . HOH C 3 .   ? 8.439   7.809   -12.291 1.00 26.49 ? 208 HOH A O     1 
HETATM 1367 O O     . HOH C 3 .   ? 7.810   0.836   -6.934  1.00 16.93 ? 209 HOH A O     1 
HETATM 1368 O O     . HOH C 3 .   ? 2.104   -1.880  -8.590  1.00 21.40 ? 210 HOH A O     1 
HETATM 1369 O O     . HOH C 3 .   ? 4.464   -6.976  6.613   1.00 25.65 ? 211 HOH A O     1 
HETATM 1370 O O     . HOH C 3 .   ? 9.541   -3.784  8.663   1.00 28.86 ? 212 HOH A O     1 
HETATM 1371 O O     . HOH C 3 .   ? -3.981  5.360   13.028  1.00 24.87 ? 213 HOH A O     1 
HETATM 1372 O O     . HOH C 3 .   ? -3.074  13.402  -1.888  1.00 24.01 ? 214 HOH A O     1 
HETATM 1373 O O     . HOH C 3 .   ? -4.552  -1.846  10.987  1.00 23.96 ? 215 HOH A O     1 
HETATM 1374 O O     . HOH C 3 .   ? 12.819  -8.002  -2.904  1.00 29.57 ? 216 HOH A O     1 
HETATM 1375 O O     . HOH C 3 .   ? -12.533 -2.104  -5.898  1.00 29.31 ? 217 HOH A O     1 
HETATM 1376 O O     . HOH C 3 .   ? -15.579 6.142   -1.180  1.00 25.20 ? 218 HOH A O     1 
HETATM 1377 O O     . HOH C 3 .   ? -0.186  13.838  -2.622  1.00 25.81 ? 219 HOH A O     1 
HETATM 1378 O O     . HOH C 3 .   ? -14.577 10.157  -2.002  1.00 23.35 ? 220 HOH A O     1 
HETATM 1379 O O     . HOH C 3 .   ? 14.518  2.266   -6.374  1.00 24.21 ? 221 HOH A O     1 
HETATM 1380 O O     . HOH C 3 .   ? 0.128   13.243  1.575   1.00 24.68 ? 222 HOH A O     1 
HETATM 1381 O O     . HOH C 3 .   ? 3.470   0.944   -8.180  1.00 26.26 ? 223 HOH A O     1 
HETATM 1382 O O     . HOH C 3 .   ? 8.582   -5.613  6.695   1.00 26.32 ? 224 HOH A O     1 
HETATM 1383 O O     . HOH C 3 .   ? -3.888  12.706  3.357   1.00 24.88 ? 225 HOH A O     1 
HETATM 1384 O O     . HOH C 3 .   ? 3.983   7.072   10.443  1.00 32.26 ? 226 HOH A O     1 
HETATM 1385 O O     . HOH C 3 .   ? 5.638   10.176  -4.388  1.00 22.84 ? 227 HOH A O     1 
HETATM 1386 O O     . HOH C 3 .   ? 4.057   10.875  -6.316  1.00 26.96 ? 228 HOH A O     1 
HETATM 1387 O O     . HOH C 3 .   ? 6.028   -8.318  8.590   1.00 31.04 ? 229 HOH A O     1 
HETATM 1388 O O     . HOH C 3 .   ? -0.984  -11.776 5.424   1.00 23.56 ? 230 HOH A O     1 
HETATM 1389 O O     . HOH C 3 .   ? -12.092 -5.127  0.711   1.00 25.52 ? 231 HOH A O     1 
HETATM 1390 O O     . HOH C 3 .   ? -6.773  5.704   -8.227  1.00 31.00 ? 232 HOH A O     1 
HETATM 1391 O O     . HOH C 3 .   ? 5.203   -5.946  -17.172 1.00 34.30 ? 233 HOH A O     1 
HETATM 1392 O O     . HOH C 3 .   ? -3.938  -9.364  10.929  1.00 35.63 ? 234 HOH A O     1 
HETATM 1393 O O     . HOH C 3 .   ? -3.528  15.210  0.063   1.00 26.57 ? 235 HOH A O     1 
HETATM 1394 O O     . HOH C 3 .   ? 0.339   15.442  -4.612  1.00 33.61 ? 236 HOH A O     1 
HETATM 1395 O O     . HOH C 3 .   ? -14.001 -4.239  8.249   1.00 29.24 ? 237 HOH A O     1 
HETATM 1396 O O     . HOH C 3 .   ? 10.342  -11.087 -4.434  1.00 27.93 ? 238 HOH A O     1 
HETATM 1397 O O     . HOH C 3 .   ? -2.636  -13.715 4.142   1.00 31.56 ? 239 HOH A O     1 
HETATM 1398 O O     . HOH C 3 .   ? -11.849 -3.153  12.160  1.00 30.22 ? 240 HOH A O     1 
HETATM 1399 O O     . HOH C 3 .   ? -17.930 6.008   -4.432  1.00 29.28 ? 241 HOH A O     1 
HETATM 1400 O O     . HOH C 3 .   ? 2.147   13.027  -5.109  1.00 32.44 ? 242 HOH A O     1 
HETATM 1401 O O     . HOH C 3 .   ? 4.489   11.911  6.683   1.00 25.76 ? 243 HOH A O     1 
HETATM 1402 O O     . HOH C 3 .   ? -12.123 -7.274  -4.495  1.00 33.89 ? 244 HOH A O     1 
HETATM 1403 O O     . HOH C 3 .   ? -8.228  -5.000  12.108  1.00 23.74 ? 245 HOH A O     1 
HETATM 1404 O O     . HOH C 3 .   ? 11.040  -10.689 0.014   1.00 30.60 ? 246 HOH A O     1 
HETATM 1405 O O     . HOH C 3 .   ? 2.599   3.447   16.402  1.00 38.00 ? 247 HOH A O     1 
HETATM 1406 O O     . HOH C 3 .   ? -2.887  -2.395  -10.003 1.00 25.76 ? 248 HOH A O     1 
HETATM 1407 O O     . HOH C 3 .   ? 14.130  -6.252  -1.399  1.00 27.29 ? 249 HOH A O     1 
HETATM 1408 O O     . HOH C 3 .   ? -0.168  12.350  -5.517  1.00 32.35 ? 250 HOH A O     1 
HETATM 1409 O O     . HOH C 3 .   ? -14.431 -1.451  8.335   1.00 29.05 ? 251 HOH A O     1 
HETATM 1410 O O     . HOH C 3 .   ? 13.859  5.102   6.127   1.00 36.64 ? 252 HOH A O     1 
HETATM 1411 O O     . HOH C 3 .   ? 7.347   -12.069 -7.058  1.00 29.43 ? 253 HOH A O     1 
HETATM 1412 O O     . HOH C 3 .   ? 13.796  -0.246  -5.987  1.00 26.49 ? 254 HOH A O     1 
HETATM 1413 O O     . HOH C 3 .   ? 3.700   -13.350 -4.348  1.00 27.77 ? 255 HOH A O     1 
HETATM 1414 O O     . HOH C 3 .   ? -10.930 -10.918 7.699   1.00 37.29 ? 256 HOH A O     1 
HETATM 1415 O O     . HOH C 3 .   ? -19.680 1.217   4.342   1.00 31.48 ? 257 HOH A O     1 
HETATM 1416 O O     . HOH C 3 .   ? 7.303   0.838   -17.054 1.00 28.70 ? 258 HOH A O     1 
HETATM 1417 O O     . HOH C 3 .   ? -12.589 13.758  -7.937  1.00 32.97 ? 259 HOH A O     1 
HETATM 1418 O O     . HOH C 3 .   ? -18.094 7.136   -1.220  1.00 33.78 ? 260 HOH A O     1 
HETATM 1419 O O     . HOH C 3 .   ? 6.938   9.830   -0.487  1.00 28.88 ? 261 HOH A O     1 
HETATM 1420 O O     . HOH C 3 .   ? 10.338  -12.854 -8.281  1.00 51.54 ? 262 HOH A O     1 
HETATM 1421 O O     . HOH C 3 .   ? -20.882 -1.663  4.096   1.00 29.97 ? 263 HOH A O     1 
HETATM 1422 O O     . HOH C 3 .   ? 8.584   -13.733 -1.397  1.00 34.88 ? 264 HOH A O     1 
HETATM 1423 O O     . HOH C 3 .   ? -4.054  -11.506 7.618   1.00 34.81 ? 265 HOH A O     1 
HETATM 1424 O O     . HOH C 3 .   ? 3.269   -12.495 -7.081  1.00 31.31 ? 266 HOH A O     1 
HETATM 1425 O O     . HOH C 3 .   ? -10.399 -9.927  -4.719  1.00 38.18 ? 267 HOH A O     1 
HETATM 1426 O O     . HOH C 3 .   ? 12.378  -10.457 -2.315  1.00 34.17 ? 268 HOH A O     1 
HETATM 1427 O O     . HOH C 3 .   ? -13.467 -6.335  -7.162  1.00 33.66 ? 269 HOH A O     1 
HETATM 1428 O O     . HOH C 3 .   ? -10.912 -15.111 -0.559  1.00 36.13 ? 270 HOH A O     1 
HETATM 1429 O O     . HOH C 3 .   ? 10.102  14.825  -13.574 1.00 48.49 ? 271 HOH A O     1 
HETATM 1430 O O     . HOH C 3 .   ? -18.780 -8.101  13.908  1.00 49.06 ? 272 HOH A O     1 
HETATM 1431 O O     . HOH C 3 .   ? 11.533  4.204   5.495   1.00 32.76 ? 273 HOH A O     1 
HETATM 1432 O O     . HOH C 3 .   ? 8.502   8.394   1.314   1.00 35.62 ? 274 HOH A O     1 
HETATM 1433 O O     . HOH C 3 .   ? 6.093   3.275   -17.183 1.00 31.77 ? 275 HOH A O     1 
HETATM 1434 O O     . HOH C 3 .   ? 10.108  9.599   -11.797 1.00 30.91 ? 276 HOH A O     1 
HETATM 1435 O O     . HOH C 3 .   ? 12.217  -11.075 -6.589  1.00 35.99 ? 277 HOH A O     1 
HETATM 1436 O O     . HOH C 3 .   ? 8.536   -7.429  8.567   1.00 38.34 ? 278 HOH A O     1 
HETATM 1437 O O     . HOH C 3 .   ? -1.242  -11.003 -13.806 1.00 37.66 ? 279 HOH A O     1 
HETATM 1438 O O     . HOH C 3 .   ? -17.190 9.694   -1.616  1.00 40.97 ? 280 HOH A O     1 
HETATM 1439 O O     . HOH C 3 .   ? 3.965   -15.876 -4.322  1.00 41.95 ? 281 HOH A O     1 
HETATM 1440 O O     . HOH C 3 .   ? 6.166   -10.119 -14.194 1.00 31.91 ? 282 HOH A O     1 
HETATM 1441 O O     . HOH C 3 .   ? -8.093  -2.000  14.568  1.00 42.45 ? 283 HOH A O     1 
HETATM 1442 O O     . HOH C 3 .   ? -6.306  -9.239  12.277  1.00 38.97 ? 284 HOH A O     1 
HETATM 1443 O O     . HOH C 3 .   ? -9.281  -9.253  -11.401 1.00 40.27 ? 285 HOH A O     1 
HETATM 1444 O O     . HOH C 3 .   ? 20.617  -2.436  4.655   1.00 42.83 ? 286 HOH A O     1 
HETATM 1445 O O     . HOH C 3 .   ? -7.349  0.308   15.203  1.00 39.00 ? 287 HOH A O     1 
HETATM 1446 O O     . HOH C 3 .   ? -0.365  -13.355 1.639   1.00 34.06 ? 288 HOH A O     1 
HETATM 1447 O O     . HOH C 3 .   ? 7.136   -15.868 -1.583  1.00 46.29 ? 289 HOH A O     1 
HETATM 1448 O O     . HOH C 3 .   ? 8.007   6.453   -18.139 1.00 32.81 ? 290 HOH A O     1 
HETATM 1449 O O     . HOH C 3 .   ? -4.007  -1.274  13.916  1.00 26.72 ? 291 HOH A O     1 
HETATM 1450 O O     . HOH C 3 .   ? 5.878   12.926  -14.751 1.00 26.72 ? 292 HOH A O     1 
HETATM 1451 O O     . HOH C 3 .   ? -15.184 -1.453  14.439  1.00 26.72 ? 293 HOH A O     1 
HETATM 1452 O O     . HOH C 3 .   ? -10.169 -6.126  -12.612 1.00 26.72 ? 294 HOH A O     1 
HETATM 1453 O O     . HOH C 3 .   ? 5.620   -0.928  -18.527 1.00 26.72 ? 295 HOH A O     1 
HETATM 1454 O O     . HOH C 3 .   ? -7.072  -15.301 1.838   1.00 26.72 ? 296 HOH A O     1 
HETATM 1455 O O     . HOH C 3 .   ? -9.522  11.781  -9.676  1.00 26.72 ? 297 HOH A O     1 
HETATM 1456 O O     . HOH C 3 .   ? 12.621  10.063  -12.072 1.00 26.72 ? 298 HOH A O     1 
HETATM 1457 O O     . HOH C 3 .   ? 8.295   -10.398 -14.528 1.00 26.72 ? 299 HOH A O     1 
HETATM 1458 O O     . HOH C 3 .   ? -12.356 14.990  -4.057  1.00 26.72 ? 300 HOH A O     1 
HETATM 1459 O O     . HOH C 3 .   ? -9.530  -16.835 0.044   1.00 26.72 ? 301 HOH A O     1 
HETATM 1460 O O     . HOH C 3 .   ? 8.399   -6.577  10.940  1.00 26.72 ? 302 HOH A O     1 
HETATM 1461 O O     . HOH C 3 .   ? 7.883   -12.983 -4.912  1.00 26.72 ? 303 HOH A O     1 
HETATM 1462 O O     . HOH C 3 .   ? 0.477   -11.568 -15.348 1.00 26.72 ? 304 HOH A O     1 
HETATM 1463 O O     . HOH C 3 .   ? 16.134  3.729   5.814   1.00 26.72 ? 305 HOH A O     1 
HETATM 1464 O O     . HOH C 3 .   ? 9.686   16.044  -11.268 1.00 26.72 ? 306 HOH A O     1 
HETATM 1465 O O     . HOH C 3 .   ? -6.543  -16.965 -3.714  1.00 26.72 ? 307 HOH A O     1 
HETATM 1466 O O     . HOH C 3 .   ? -19.958 -2.220  15.609  1.00 26.72 ? 308 HOH A O     1 
HETATM 1467 O O     . HOH C 3 .   ? 10.295  8.095   -2.863  1.00 26.72 ? 309 HOH A O     1 
HETATM 1468 O O     . HOH C 3 .   ? -14.763 13.694  1.743   1.00 26.72 ? 310 HOH A O     1 
HETATM 1469 O O     . HOH C 3 .   ? 5.181   -8.936  11.541  1.00 26.72 ? 311 HOH A O     1 
HETATM 1470 O O     . HOH C 3 .   ? -10.293 -3.735  13.691  1.00 26.72 ? 312 HOH A O     1 
HETATM 1471 O O     . HOH C 3 .   ? 10.346  -13.058 -3.565  1.00 26.72 ? 313 HOH A O     1 
HETATM 1472 O O     . HOH C 3 .   ? -6.753  -15.713 -8.092  1.00 26.72 ? 314 HOH A O     1 
HETATM 1473 O O     . HOH C 3 .   ? 11.302  8.124   5.015   1.00 26.72 ? 315 HOH A O     1 
HETATM 1474 O O     . HOH C 3 .   ? -6.538  15.206  1.465   1.00 26.72 ? 316 HOH A O     1 
HETATM 1475 O O     . HOH C 3 .   ? -14.252 -6.573  1.945   1.00 26.72 ? 317 HOH A O     1 
HETATM 1476 O O     . HOH C 3 .   ? 12.329  5.305   -2.269  1.00 26.72 ? 318 HOH A O     1 
HETATM 1477 O O     . HOH C 3 .   ? 14.811  -7.906  5.347   1.00 26.72 ? 319 HOH A O     1 
HETATM 1478 O O     . HOH C 3 .   ? -13.758 -8.312  -2.332  1.00 26.72 ? 320 HOH A O     1 
HETATM 1479 O O     . HOH C 3 .   ? -15.708 12.284  -0.943  1.00 26.72 ? 321 HOH A O     1 
HETATM 1480 O O     . HOH C 3 .   ? -18.008 11.705  -1.364  1.00 26.72 ? 322 HOH A O     1 
HETATM 1481 O O     . HOH C 3 .   ? 14.593  -8.291  -4.994  1.00 26.72 ? 323 HOH A O     1 
HETATM 1482 O O     . HOH C 3 .   ? 7.336   11.535  7.040   1.00 26.72 ? 324 HOH A O     1 
HETATM 1483 O O     . HOH C 3 .   ? 21.592  3.946   1.701   1.00 26.72 ? 325 HOH A O     1 
HETATM 1484 O O     . HOH C 3 .   ? -14.921 -4.959  10.818  1.00 26.72 ? 326 HOH A O     1 
HETATM 1485 O O     . HOH C 3 .   ? -12.435 16.330  -0.580  1.00 26.72 ? 327 HOH A O     1 
HETATM 1486 O O     . HOH C 3 .   ? -1.045  11.745  12.671  1.00 26.72 ? 328 HOH A O     1 
HETATM 1487 O O     . HOH C 3 .   ? -6.074  -2.093  14.442  1.00 26.72 ? 329 HOH A O     1 
HETATM 1488 O O     . HOH C 3 .   ? 3.994   14.366  3.200   1.00 26.72 ? 330 HOH A O     1 
HETATM 1489 O O     . HOH C 3 .   ? 7.659   8.991   8.142   1.00 26.72 ? 331 HOH A O     1 
HETATM 1490 O O     . HOH C 3 .   ? -7.507  -17.208 -1.450  1.00 26.72 ? 332 HOH A O     1 
HETATM 1491 O O     . HOH C 3 .   ? 15.629  -8.266  0.304   1.00 26.72 ? 333 HOH A O     1 
HETATM 1492 O O     . HOH C 3 .   ? -12.948 -12.534 2.111   1.00 26.72 ? 334 HOH A O     1 
HETATM 1493 O O     . HOH C 3 .   ? 10.434  6.117   1.641   1.00 26.72 ? 335 HOH A O     1 
HETATM 1494 O O     . HOH C 3 .   ? -5.033  -16.215 2.692   1.00 26.72 ? 336 HOH A O     1 
HETATM 1495 O O     . HOH C 3 .   ? -2.228  12.532  1.643   1.00 26.72 ? 337 HOH A O     1 
HETATM 1496 O O     . HOH C 3 .   ? 12.099  1.150   13.300  1.00 26.72 ? 338 HOH A O     1 
HETATM 1497 O O     . HOH C 3 .   ? 0.824   15.214  -0.401  1.00 26.72 ? 339 HOH A O     1 
HETATM 1498 O O     . HOH C 3 .   ? -11.215 7.713   -8.309  1.00 26.72 ? 340 HOH A O     1 
HETATM 1499 O O     . HOH C 3 .   ? -7.147  -6.596  13.981  1.00 26.72 ? 341 HOH A O     1 
HETATM 1500 O O     . HOH C 3 .   ? 4.827   -12.009 11.644  1.00 26.72 ? 342 HOH A O     1 
HETATM 1501 O O     . HOH C 3 .   ? 17.069  -5.855  6.040   1.00 26.72 ? 343 HOH A O     1 
HETATM 1502 O O     . HOH C 3 .   ? 2.374   -14.754 5.108   1.00 26.72 ? 344 HOH A O     1 
HETATM 1503 O O     . HOH C 3 .   ? -9.021  16.314  0.917   1.00 26.72 ? 345 HOH A O     1 
HETATM 1504 O O     . HOH C 3 .   ? -3.265  8.880   15.494  1.00 26.72 ? 346 HOH A O     1 
HETATM 1505 O O     . HOH C 3 .   ? 6.271   17.200  -11.551 1.00 26.72 ? 347 HOH A O     1 
HETATM 1506 O O     . HOH C 3 .   ? -6.270  4.341   -11.142 1.00 26.72 ? 348 HOH A O     1 
HETATM 1507 O O     . HOH D 3 .   ? 6.573   4.393   -14.614 1.00 21.86 ? 101 HOH B O     1 
HETATM 1508 O O     . HOH D 3 .   ? 3.263   10.827  -9.056  1.00 26.57 ? 102 HOH B O     1 
HETATM 1509 O O     . HOH D 3 .   ? -6.767  8.281   -9.931  1.00 25.72 ? 103 HOH B O     1 
HETATM 1510 O O     . HOH D 3 .   ? -1.678  4.463   -11.554 1.00 28.87 ? 104 HOH B O     1 
HETATM 1511 O O     . HOH D 3 .   ? -4.192  7.005   -8.248  1.00 24.00 ? 105 HOH B O     1 
HETATM 1512 O O     . HOH D 3 .   ? -4.139  19.019  -2.560  1.00 33.66 ? 106 HOH B O     1 
HETATM 1513 O O     . HOH D 3 .   ? -6.488  2.443   -11.883 1.00 34.01 ? 107 HOH B O     1 
HETATM 1514 O O     . HOH D 3 .   ? -0.653  0.693   -16.342 1.00 35.84 ? 108 HOH B O     1 
HETATM 1515 O O     . HOH D 3 .   ? -2.975  17.566  -0.439  1.00 34.09 ? 109 HOH B O     1 
HETATM 1516 O O     . HOH D 3 .   ? -7.923  3.749   -9.928  1.00 38.10 ? 110 HOH B O     1 
HETATM 1517 O O     . HOH D 3 .   ? 3.542   8.466   -10.237 1.00 26.72 ? 111 HOH B O     1 
HETATM 1518 O O     . HOH D 3 .   ? 0.029   18.115  -3.322  1.00 26.72 ? 112 HOH B O     1 
HETATM 1519 O O     . HOH D 3 .   ? 0.440   -0.396  -18.332 1.00 26.72 ? 113 HOH B O     1 
HETATM 1520 O O     . HOH D 3 .   ? 2.504   3.696   -8.931  1.00 26.72 ? 114 HOH B O     1 
HETATM 1521 O O     . HOH D 3 .   ? -10.812 15.535  -6.187  1.00 26.72 ? 115 HOH B O     1 
HETATM 1522 O O     . HOH D 3 .   ? 4.593   6.897   -16.902 1.00 26.72 ? 116 HOH B O     1 
HETATM 1523 O O     . HOH D 3 .   ? 1.737   6.407   -9.551  1.00 26.72 ? 117 HOH B O     1 
HETATM 1524 O O     . HOH D 3 .   ? -8.619  8.346   -8.555  1.00 26.72 ? 118 HOH B O     1 
HETATM 1525 O O     . HOH D 3 .   ? -14.660 -3.699  -7.005  1.00 26.72 ? 119 HOH B O     1 
HETATM 1526 O O     . HOH D 3 .   ? -19.109 4.244   -5.615  1.00 26.72 ? 120 HOH B O     1 
HETATM 1527 O O     . HOH D 3 .   ? -15.014 -1.954  -8.578  1.00 26.72 ? 121 HOH B O     1 
HETATM 1528 O O     . HOH D 3 .   ? 3.219   4.248   -17.659 1.00 26.72 ? 122 HOH B O     1 
HETATM 1529 O O     . HOH D 3 .   ? 2.036   20.747  -9.228  1.00 26.72 ? 123 HOH B O     1 
HETATM 1530 O O     . HOH D 3 .   ? -1.275  11.461  -17.364 1.00 26.72 ? 124 HOH B O     1 
# 
loop_
_pdbx_poly_seq_scheme.asym_id 
_pdbx_poly_seq_scheme.entity_id 
_pdbx_poly_seq_scheme.seq_id 
_pdbx_poly_seq_scheme.mon_id 
_pdbx_poly_seq_scheme.ndb_seq_num 
_pdbx_poly_seq_scheme.pdb_seq_num 
_pdbx_poly_seq_scheme.auth_seq_num 
_pdbx_poly_seq_scheme.pdb_mon_id 
_pdbx_poly_seq_scheme.auth_mon_id 
_pdbx_poly_seq_scheme.pdb_strand_id 
_pdbx_poly_seq_scheme.pdb_ins_code 
_pdbx_poly_seq_scheme.hetero 
A 1 1   MET 1   1   ?   ?   ?   A . n 
A 1 2   SER 2   2   ?   ?   ?   A . n 
A 1 3   ASP 3   3   ?   ?   ?   A . n 
A 1 4   SER 4   4   4   SER SER A . n 
A 1 5   PHE 5   5   5   PHE PHE A . n 
A 1 6   SER 6   6   6   SER SER A . n 
A 1 7   LEU 7   7   7   LEU LEU A . n 
A 1 8   LEU 8   8   8   LEU LEU A . n 
A 1 9   SER 9   9   9   SER SER A . n 
A 1 10  GLN 10  10  10  GLN GLN A . n 
A 1 11  ILE 11  11  11  ILE ILE A . n 
A 1 12  THR 12  12  12  THR THR A . n 
A 1 13  PRO 13  13  13  PRO PRO A . n 
A 1 14  HIS 14  14  14  HIS HIS A . n 
A 1 15  GLN 15  15  15  GLN GLN A . n 
A 1 16  ARG 16  16  16  ARG ARG A . n 
A 1 17  CYS 17  17  17  CYS CYS A . n 
A 1 18  SER 18  18  18  SER SER A . n 
A 1 19  PHE 19  19  19  PHE PHE A . n 
A 1 20  TYR 20  20  20  TYR TYR A . n 
A 1 21  ALA 21  21  21  ALA ALA A . n 
A 1 22  GLN 22  22  22  GLN GLN A . n 
A 1 23  VAL 23  23  23  VAL VAL A . n 
A 1 24  ILE 24  24  24  ILE ILE A . n 
A 1 25  LYS 25  25  25  LYS LYS A . n 
A 1 26  THR 26  26  26  THR THR A . n 
A 1 27  TRP 27  27  27  TRP TRP A . n 
A 1 28  TYR 28  28  28  TYR TYR A . n 
A 1 29  SER 29  29  29  SER SER A . n 
A 1 30  ASP 30  30  30  ASP ASP A . n 
A 1 31  LYS 31  31  31  LYS LYS A . n 
A 1 32  ASN 32  32  32  ASN ASN A . n 
A 1 33  PHE 33  33  33  PHE PHE A . n 
A 1 34  THR 34  34  34  THR THR A . n 
A 1 35  LEU 35  35  35  LEU LEU A . n 
A 1 36  TYR 36  36  36  TYR TYR A . n 
A 1 37  VAL 37  37  37  VAL VAL A . n 
A 1 38  THR 38  38  38  THR THR A . n 
A 1 39  ASP 39  39  39  ASP ASP A . n 
A 1 40  TYR 40  40  40  TYR TYR A . n 
A 1 41  THR 41  41  41  THR THR A . n 
A 1 42  GLU 42  42  42  GLU GLU A . n 
A 1 43  ASN 43  43  43  ASN ASN A . n 
A 1 44  GLU 44  44  44  GLU GLU A . n 
A 1 45  LEU 45  45  45  LEU LEU A . n 
A 1 46  PHE 46  46  46  PHE PHE A . n 
A 1 47  PHE 47  47  47  PHE PHE A . n 
A 1 48  PRO 48  48  48  PRO PRO A . n 
A 1 49  MET 49  49  49  MET MET A . n 
A 1 50  SER 50  50  50  SER SER A . n 
A 1 51  PRO 51  51  51  PRO PRO A . n 
A 1 52  TYR 52  52  52  TYR TYR A . n 
A 1 53  THR 53  53  53  THR THR A . n 
A 1 54  SER 54  54  54  SER SER A . n 
A 1 55  SER 55  55  55  SER SER A . n 
A 1 56  SER 56  56  56  SER SER A . n 
A 1 57  ARG 57  57  57  ARG ARG A . n 
A 1 58  TRP 58  58  58  TRP TRP A . n 
A 1 59  ARG 59  59  59  ARG ARG A . n 
A 1 60  GLY 60  60  60  GLY GLY A . n 
A 1 61  PRO 61  61  61  PRO PRO A . n 
A 1 62  PHE 62  62  62  PHE PHE A . n 
A 1 63  GLY 63  63  63  GLY GLY A . n 
A 1 64  ARG 64  64  64  ARG ARG A . n 
A 1 65  PHE 65  65  65  PHE PHE A . n 
A 1 66  SER 66  66  66  SER SER A . n 
A 1 67  ILE 67  67  67  ILE ILE A . n 
A 1 68  ARG 68  68  68  ARG ARG A . n 
A 1 69  CYS 69  69  69  CYS CYS A . n 
A 1 70  ILE 70  70  70  ILE ILE A . n 
A 1 71  LEU 71  71  71  LEU LEU A . n 
A 1 72  TRP 72  72  72  TRP TRP A . n 
A 1 73  ASP 73  73  73  ASP ASP A . n 
A 1 74  GLU 74  74  74  GLU GLU A . n 
A 1 75  HIS 75  75  75  HIS HIS A . n 
A 1 76  ASP 76  76  76  ASP ASP A . n 
A 1 77  PHE 77  77  77  PHE PHE A . n 
A 1 78  TYR 78  78  78  TYR TYR A . n 
A 1 79  CYS 79  79  79  CYS CYS A . n 
A 1 80  ARG 80  80  80  ARG ARG A . n 
A 1 81  ASN 81  81  81  ASN ASN A . n 
A 1 82  TYR 82  82  82  TYR TYR A . n 
A 1 83  ILE 83  83  83  ILE ILE A . n 
A 1 84  LYS 84  84  84  LYS LYS A . n 
A 1 85  GLU 85  85  85  GLU GLU A . n 
A 1 86  GLY 86  86  86  GLY GLY A . n 
A 1 87  ASP 87  87  87  ASP ASP A . n 
A 1 88  TYR 88  88  88  TYR TYR A . n 
A 1 89  VAL 89  89  89  VAL VAL A . n 
A 1 90  VAL 90  90  90  VAL VAL A . n 
A 1 91  MET 91  91  91  MET MET A . n 
A 1 92  LYS 92  92  92  LYS LYS A . n 
A 1 93  ASN 93  93  93  ASN ASN A . n 
A 1 94  VAL 94  94  94  VAL VAL A . n 
A 1 95  ARG 95  95  95  ARG ARG A . n 
A 1 96  THR 96  96  96  THR THR A . n 
A 1 97  LYS 97  97  97  LYS LYS A . n 
A 1 98  ILE 98  98  98  ILE ILE A . n 
A 1 99  ASP 99  99  99  ASP ASP A . n 
A 1 100 HIS 100 100 100 HIS HIS A . n 
A 1 101 LEU 101 101 101 LEU LEU A . n 
A 1 102 GLY 102 102 102 GLY GLY A . n 
A 1 103 TYR 103 103 103 TYR TYR A . n 
A 1 104 LEU 104 104 104 LEU LEU A . n 
A 1 105 GLU 105 105 105 GLU GLU A . n 
A 1 106 CYS 106 106 106 CYS CYS A . n 
A 1 107 ILE 107 107 107 ILE ILE A . n 
A 1 108 LEU 108 108 108 LEU LEU A . n 
A 1 109 HIS 109 109 109 HIS HIS A . n 
A 1 110 GLY 110 110 110 GLY GLY A . n 
A 1 111 ASP 111 111 111 ASP ASP A . n 
A 1 112 SER 112 112 112 SER SER A . n 
A 1 113 ALA 113 113 113 ALA ALA A . n 
A 1 114 LYS 114 114 114 LYS LYS A . n 
A 1 115 ARG 115 115 115 ARG ARG A . n 
A 1 116 TYR 116 116 116 TYR TYR A . n 
A 1 117 ASN 117 117 117 ASN ASN A . n 
A 1 118 MET 118 118 118 MET MET A . n 
A 1 119 SER 119 119 119 SER SER A . n 
A 1 120 ILE 120 120 120 ILE ILE A . n 
A 1 121 GLU 121 121 121 GLU GLU A . n 
A 1 122 LYS 122 122 122 LYS LYS A . n 
A 1 123 VAL 123 123 123 VAL VAL A . n 
A 1 124 ASP 124 124 124 ASP ASP A . n 
A 1 125 SER 125 125 125 SER SER A . n 
A 1 126 GLU 126 126 126 GLU GLU A . n 
A 1 127 GLU 127 127 127 GLU GLU A . n 
A 1 128 PRO 128 128 128 PRO PRO A . n 
A 1 129 GLU 129 129 129 GLU GLU A . n 
A 1 130 LEU 130 130 130 LEU LEU A . n 
A 1 131 ASN 131 131 131 ASN ASN A . n 
A 1 132 GLU 132 132 132 GLU GLU A . n 
A 1 133 ILE 133 133 133 ILE ILE A . n 
A 1 134 LYS 134 134 134 LYS LYS A . n 
A 1 135 SER 135 135 135 SER SER A . n 
A 1 136 ARG 136 136 136 ARG ARG A . n 
A 1 137 LYS 137 137 137 LYS LYS A . n 
A 1 138 ARG 138 138 138 ARG ARG A . n 
A 1 139 LEU 139 139 139 LEU LEU A . n 
A 1 140 TYR 140 140 140 TYR TYR A . n 
A 1 141 VAL 141 141 141 VAL VAL A . n 
A 1 142 GLN 142 142 ?   ?   ?   A . n 
A 1 143 ASN 143 143 ?   ?   ?   A . n 
B 2 1   DG  1   1   1   DG  G   B . n 
B 2 2   DG  2   2   2   DG  G   B . n 
B 2 3   DA  3   3   3   DA  A   B . n 
B 2 4   DT  4   4   4   DT  T   B . n 
B 2 5   DA  5   5   5   DA  A   B . n 
B 2 6   DC  6   6   6   DC  C   B . n 
B 2 7   DG  7   7   7   DG  G   B . n 
B 2 8   DG  8   8   8   DG  G   B . n 
B 2 9   DT  9   9   9   DT  T   B . n 
# 
loop_
_pdbx_nonpoly_scheme.asym_id 
_pdbx_nonpoly_scheme.entity_id 
_pdbx_nonpoly_scheme.mon_id 
_pdbx_nonpoly_scheme.ndb_seq_num 
_pdbx_nonpoly_scheme.pdb_seq_num 
_pdbx_nonpoly_scheme.auth_seq_num 
_pdbx_nonpoly_scheme.pdb_mon_id 
_pdbx_nonpoly_scheme.auth_mon_id 
_pdbx_nonpoly_scheme.pdb_strand_id 
_pdbx_nonpoly_scheme.pdb_ins_code 
C 3 HOH 1   201 1   HOH HOH A . 
C 3 HOH 2   202 2   HOH HOH A . 
C 3 HOH 3   203 3   HOH HOH A . 
C 3 HOH 4   204 4   HOH HOH A . 
C 3 HOH 5   205 5   HOH HOH A . 
C 3 HOH 6   206 7   HOH HOH A . 
C 3 HOH 7   207 8   HOH HOH A . 
C 3 HOH 8   208 9   HOH HOH A . 
C 3 HOH 9   209 10  HOH HOH A . 
C 3 HOH 10  210 11  HOH HOH A . 
C 3 HOH 11  211 12  HOH HOH A . 
C 3 HOH 12  212 13  HOH HOH A . 
C 3 HOH 13  213 14  HOH HOH A . 
C 3 HOH 14  214 16  HOH HOH A . 
C 3 HOH 15  215 17  HOH HOH A . 
C 3 HOH 16  216 18  HOH HOH A . 
C 3 HOH 17  217 19  HOH HOH A . 
C 3 HOH 18  218 20  HOH HOH A . 
C 3 HOH 19  219 21  HOH HOH A . 
C 3 HOH 20  220 22  HOH HOH A . 
C 3 HOH 21  221 23  HOH HOH A . 
C 3 HOH 22  222 24  HOH HOH A . 
C 3 HOH 23  223 25  HOH HOH A . 
C 3 HOH 24  224 26  HOH HOH A . 
C 3 HOH 25  225 28  HOH HOH A . 
C 3 HOH 26  226 29  HOH HOH A . 
C 3 HOH 27  227 30  HOH HOH A . 
C 3 HOH 28  228 31  HOH HOH A . 
C 3 HOH 29  229 32  HOH HOH A . 
C 3 HOH 30  230 33  HOH HOH A . 
C 3 HOH 31  231 34  HOH HOH A . 
C 3 HOH 32  232 35  HOH HOH A . 
C 3 HOH 33  233 36  HOH HOH A . 
C 3 HOH 34  234 37  HOH HOH A . 
C 3 HOH 35  235 38  HOH HOH A . 
C 3 HOH 36  236 39  HOH HOH A . 
C 3 HOH 37  237 40  HOH HOH A . 
C 3 HOH 38  238 41  HOH HOH A . 
C 3 HOH 39  239 42  HOH HOH A . 
C 3 HOH 40  240 43  HOH HOH A . 
C 3 HOH 41  241 45  HOH HOH A . 
C 3 HOH 42  242 46  HOH HOH A . 
C 3 HOH 43  243 47  HOH HOH A . 
C 3 HOH 44  244 48  HOH HOH A . 
C 3 HOH 45  245 49  HOH HOH A . 
C 3 HOH 46  246 50  HOH HOH A . 
C 3 HOH 47  247 51  HOH HOH A . 
C 3 HOH 48  248 52  HOH HOH A . 
C 3 HOH 49  249 53  HOH HOH A . 
C 3 HOH 50  250 54  HOH HOH A . 
C 3 HOH 51  251 56  HOH HOH A . 
C 3 HOH 52  252 57  HOH HOH A . 
C 3 HOH 53  253 58  HOH HOH A . 
C 3 HOH 54  254 59  HOH HOH A . 
C 3 HOH 55  255 60  HOH HOH A . 
C 3 HOH 56  256 61  HOH HOH A . 
C 3 HOH 57  257 62  HOH HOH A . 
C 3 HOH 58  258 63  HOH HOH A . 
C 3 HOH 59  259 64  HOH HOH A . 
C 3 HOH 60  260 65  HOH HOH A . 
C 3 HOH 61  261 66  HOH HOH A . 
C 3 HOH 62  262 67  HOH HOH A . 
C 3 HOH 63  263 68  HOH HOH A . 
C 3 HOH 64  264 69  HOH HOH A . 
C 3 HOH 65  265 70  HOH HOH A . 
C 3 HOH 66  266 71  HOH HOH A . 
C 3 HOH 67  267 72  HOH HOH A . 
C 3 HOH 68  268 74  HOH HOH A . 
C 3 HOH 69  269 75  HOH HOH A . 
C 3 HOH 70  270 76  HOH HOH A . 
C 3 HOH 71  271 77  HOH HOH A . 
C 3 HOH 72  272 78  HOH HOH A . 
C 3 HOH 73  273 79  HOH HOH A . 
C 3 HOH 74  274 80  HOH HOH A . 
C 3 HOH 75  275 81  HOH HOH A . 
C 3 HOH 76  276 82  HOH HOH A . 
C 3 HOH 77  277 83  HOH HOH A . 
C 3 HOH 78  278 84  HOH HOH A . 
C 3 HOH 79  279 85  HOH HOH A . 
C 3 HOH 80  280 87  HOH HOH A . 
C 3 HOH 81  281 88  HOH HOH A . 
C 3 HOH 82  282 90  HOH HOH A . 
C 3 HOH 83  283 91  HOH HOH A . 
C 3 HOH 84  284 92  HOH HOH A . 
C 3 HOH 85  285 93  HOH HOH A . 
C 3 HOH 86  286 95  HOH HOH A . 
C 3 HOH 87  287 96  HOH HOH A . 
C 3 HOH 88  288 97  HOH HOH A . 
C 3 HOH 89  289 98  HOH HOH A . 
C 3 HOH 90  290 99  HOH HOH A . 
C 3 HOH 91  291 101 HOH HOH A . 
C 3 HOH 92  292 103 HOH HOH A . 
C 3 HOH 93  293 105 HOH HOH A . 
C 3 HOH 94  294 107 HOH HOH A . 
C 3 HOH 95  295 108 HOH HOH A . 
C 3 HOH 96  296 109 HOH HOH A . 
C 3 HOH 97  297 110 HOH HOH A . 
C 3 HOH 98  298 111 HOH HOH A . 
C 3 HOH 99  299 114 HOH HOH A . 
C 3 HOH 100 300 116 HOH HOH A . 
C 3 HOH 101 301 118 HOH HOH A . 
C 3 HOH 102 302 119 HOH HOH A . 
C 3 HOH 103 303 120 HOH HOH A . 
C 3 HOH 104 304 121 HOH HOH A . 
C 3 HOH 105 305 125 HOH HOH A . 
C 3 HOH 106 306 126 HOH HOH A . 
C 3 HOH 107 307 127 HOH HOH A . 
C 3 HOH 108 308 128 HOH HOH A . 
C 3 HOH 109 309 129 HOH HOH A . 
C 3 HOH 110 310 130 HOH HOH A . 
C 3 HOH 111 311 131 HOH HOH A . 
C 3 HOH 112 312 132 HOH HOH A . 
C 3 HOH 113 313 133 HOH HOH A . 
C 3 HOH 114 314 134 HOH HOH A . 
C 3 HOH 115 315 135 HOH HOH A . 
C 3 HOH 116 316 136 HOH HOH A . 
C 3 HOH 117 317 137 HOH HOH A . 
C 3 HOH 118 318 138 HOH HOH A . 
C 3 HOH 119 319 139 HOH HOH A . 
C 3 HOH 120 320 140 HOH HOH A . 
C 3 HOH 121 321 141 HOH HOH A . 
C 3 HOH 122 322 143 HOH HOH A . 
C 3 HOH 123 323 145 HOH HOH A . 
C 3 HOH 124 324 146 HOH HOH A . 
C 3 HOH 125 325 147 HOH HOH A . 
C 3 HOH 126 326 149 HOH HOH A . 
C 3 HOH 127 327 150 HOH HOH A . 
C 3 HOH 128 328 151 HOH HOH A . 
C 3 HOH 129 329 152 HOH HOH A . 
C 3 HOH 130 330 153 HOH HOH A . 
C 3 HOH 131 331 155 HOH HOH A . 
C 3 HOH 132 332 156 HOH HOH A . 
C 3 HOH 133 333 157 HOH HOH A . 
C 3 HOH 134 334 158 HOH HOH A . 
C 3 HOH 135 335 159 HOH HOH A . 
C 3 HOH 136 336 160 HOH HOH A . 
C 3 HOH 137 337 161 HOH HOH A . 
C 3 HOH 138 338 162 HOH HOH A . 
C 3 HOH 139 339 163 HOH HOH A . 
C 3 HOH 140 340 164 HOH HOH A . 
C 3 HOH 141 341 165 HOH HOH A . 
C 3 HOH 142 342 166 HOH HOH A . 
C 3 HOH 143 343 167 HOH HOH A . 
C 3 HOH 144 344 169 HOH HOH A . 
C 3 HOH 145 345 170 HOH HOH A . 
C 3 HOH 146 346 171 HOH HOH A . 
C 3 HOH 147 347 173 HOH HOH A . 
C 3 HOH 148 348 174 HOH HOH A . 
D 3 HOH 1   101 6   HOH HOH B . 
D 3 HOH 2   102 15  HOH HOH B . 
D 3 HOH 3   103 27  HOH HOH B . 
D 3 HOH 4   104 44  HOH HOH B . 
D 3 HOH 5   105 55  HOH HOH B . 
D 3 HOH 6   106 73  HOH HOH B . 
D 3 HOH 7   107 86  HOH HOH B . 
D 3 HOH 8   108 89  HOH HOH B . 
D 3 HOH 9   109 94  HOH HOH B . 
D 3 HOH 10  110 100 HOH HOH B . 
D 3 HOH 11  111 102 HOH HOH B . 
D 3 HOH 12  112 104 HOH HOH B . 
D 3 HOH 13  113 106 HOH HOH B . 
D 3 HOH 14  114 112 HOH HOH B . 
D 3 HOH 15  115 115 HOH HOH B . 
D 3 HOH 16  116 117 HOH HOH B . 
D 3 HOH 17  117 122 HOH HOH B . 
D 3 HOH 18  118 123 HOH HOH B . 
D 3 HOH 19  119 124 HOH HOH B . 
D 3 HOH 20  120 144 HOH HOH B . 
D 3 HOH 21  121 148 HOH HOH B . 
D 3 HOH 22  122 154 HOH HOH B . 
D 3 HOH 23  123 168 HOH HOH B . 
D 3 HOH 24  124 172 HOH HOH B . 
# 
_pdbx_struct_assembly.id                   1 
_pdbx_struct_assembly.details              author_and_software_defined_assembly 
_pdbx_struct_assembly.method_details       PISA 
_pdbx_struct_assembly.oligomeric_details   dimeric 
_pdbx_struct_assembly.oligomeric_count     2 
# 
_pdbx_struct_assembly_gen.assembly_id       1 
_pdbx_struct_assembly_gen.oper_expression   1 
_pdbx_struct_assembly_gen.asym_id_list      A,B,C,D 
# 
loop_
_pdbx_struct_assembly_prop.biol_id 
_pdbx_struct_assembly_prop.type 
_pdbx_struct_assembly_prop.value 
_pdbx_struct_assembly_prop.details 
1 'ABSA (A^2)' 2120 ? 
1 MORE         -4   ? 
1 'SSA (A^2)'  8560 ? 
# 
_pdbx_struct_oper_list.id                   1 
_pdbx_struct_oper_list.type                 'identity operation' 
_pdbx_struct_oper_list.name                 1_555 
_pdbx_struct_oper_list.symmetry_operation   x,y,z 
_pdbx_struct_oper_list.matrix[1][1]         1.0000000000 
_pdbx_struct_oper_list.matrix[1][2]         0.0000000000 
_pdbx_struct_oper_list.matrix[1][3]         0.0000000000 
_pdbx_struct_oper_list.vector[1]            0.0000000000 
_pdbx_struct_oper_list.matrix[2][1]         0.0000000000 
_pdbx_struct_oper_list.matrix[2][2]         1.0000000000 
_pdbx_struct_oper_list.matrix[2][3]         0.0000000000 
_pdbx_struct_oper_list.vector[2]            0.0000000000 
_pdbx_struct_oper_list.matrix[3][1]         0.0000000000 
_pdbx_struct_oper_list.matrix[3][2]         0.0000000000 
_pdbx_struct_oper_list.matrix[3][3]         1.0000000000 
_pdbx_struct_oper_list.vector[3]            0.0000000000 
# 
loop_
_pdbx_audit_revision_history.ordinal 
_pdbx_audit_revision_history.data_content_type 
_pdbx_audit_revision_history.major_revision 
_pdbx_audit_revision_history.minor_revision 
_pdbx_audit_revision_history.revision_date 
1 'Structure model' 1 0 2012-12-12 
2 'Structure model' 1 1 2013-02-27 
3 'Structure model' 1 2 2017-11-15 
4 'Structure model' 1 3 2023-09-20 
# 
_pdbx_audit_revision_details.ordinal             1 
_pdbx_audit_revision_details.revision_ordinal    1 
_pdbx_audit_revision_details.data_content_type   'Structure model' 
_pdbx_audit_revision_details.provider            repository 
_pdbx_audit_revision_details.type                'Initial release' 
_pdbx_audit_revision_details.description         ? 
_pdbx_audit_revision_details.details             ? 
# 
loop_
_pdbx_audit_revision_group.ordinal 
_pdbx_audit_revision_group.revision_ordinal 
_pdbx_audit_revision_group.data_content_type 
_pdbx_audit_revision_group.group 
1 2 'Structure model' 'Database references'    
2 3 'Structure model' 'Refinement description' 
3 4 'Structure model' 'Data collection'        
4 4 'Structure model' 'Database references'    
5 4 'Structure model' 'Refinement description' 
# 
loop_
_pdbx_audit_revision_category.ordinal 
_pdbx_audit_revision_category.revision_ordinal 
_pdbx_audit_revision_category.data_content_type 
_pdbx_audit_revision_category.category 
1 3 'Structure model' software                      
2 4 'Structure model' chem_comp_atom                
3 4 'Structure model' chem_comp_bond                
4 4 'Structure model' database_2                    
5 4 'Structure model' pdbx_initial_refinement_model 
6 4 'Structure model' struct_ref_seq_dif            
# 
loop_
_pdbx_audit_revision_item.ordinal 
_pdbx_audit_revision_item.revision_ordinal 
_pdbx_audit_revision_item.data_content_type 
_pdbx_audit_revision_item.item 
1 4 'Structure model' '_database_2.pdbx_DOI'                
2 4 'Structure model' '_database_2.pdbx_database_accession' 
3 4 'Structure model' '_struct_ref_seq_dif.details'         
# 
loop_
_software.pdbx_ordinal 
_software.name 
_software.version 
_software.date 
_software.type 
_software.contact_author 
_software.contact_author_email 
_software.classification 
_software.location 
_software.language 
_software.citation_id 
1 DENZO       .       ?                package 'Zbyszek Otwinowski' hkl@hkl-xray.com         'data reduction'  
http://www.hkl-xray.com/                  ?   ? 
2 SCALEPACK   .       ?                package 'Zbyszek Otwinowski' hkl@hkl-xray.com         'data scaling'    
http://www.hkl-xray.com/                  ?   ? 
3 PHENIX      1.7_650 ?                package 'Paul D. Adams'      PDAdams@lbl.gov          refinement        
http://www.phenix-online.org/             C++ ? 
4 PDB_EXTRACT 3.11    'April 22, 2011' package PDB                  deposit@deposit.rcsb.org 'data extraction' 
http://sw-tools.pdb.org/apps/PDB_EXTRACT/ C++ ? 
5 HKL-2000    .       ?                ?       ?                    ?                        'data collection' ? ?   ? 
6 HKL-2000    .       ?                ?       ?                    ?                        'data reduction'  ? ?   ? 
7 HKL-2000    .       ?                ?       ?                    ?                        'data scaling'    ? ?   ? 
8 PHENIX      1.7_650 ?                ?       ?                    ?                        phasing           ? ?   ? 
# 
loop_
_pdbx_validate_close_contact.id 
_pdbx_validate_close_contact.PDB_model_num 
_pdbx_validate_close_contact.auth_atom_id_1 
_pdbx_validate_close_contact.auth_asym_id_1 
_pdbx_validate_close_contact.auth_comp_id_1 
_pdbx_validate_close_contact.auth_seq_id_1 
_pdbx_validate_close_contact.PDB_ins_code_1 
_pdbx_validate_close_contact.label_alt_id_1 
_pdbx_validate_close_contact.auth_atom_id_2 
_pdbx_validate_close_contact.auth_asym_id_2 
_pdbx_validate_close_contact.auth_comp_id_2 
_pdbx_validate_close_contact.auth_seq_id_2 
_pdbx_validate_close_contact.PDB_ins_code_2 
_pdbx_validate_close_contact.label_alt_id_2 
_pdbx_validate_close_contact.dist 
1 1 O  A HOH 283 ? ? O A HOH 329 ? ? 2.03 
2 1 N  A SER 56  ? ? O A HOH 292 ? ? 2.04 
3 1 O  A HOH 348 ? ? O B HOH 107 ? ? 2.05 
4 1 O  A HOH 348 ? ? O B HOH 110 ? ? 2.13 
5 1 O  A HOH 238 ? ? O A HOH 313 ? ? 2.15 
6 1 OG A SER 135 ? ? O A HOH 343 ? ? 2.17 
7 1 O  A HOH 282 ? ? O A HOH 299 ? ? 2.17 
8 1 O  A HOH 280 ? ? O A HOH 322 ? ? 2.19 
# 
_pdbx_validate_symm_contact.id                1 
_pdbx_validate_symm_contact.PDB_model_num     1 
_pdbx_validate_symm_contact.auth_atom_id_1    O 
_pdbx_validate_symm_contact.auth_asym_id_1    A 
_pdbx_validate_symm_contact.auth_comp_id_1    HOH 
_pdbx_validate_symm_contact.auth_seq_id_1     297 
_pdbx_validate_symm_contact.PDB_ins_code_1    ? 
_pdbx_validate_symm_contact.label_alt_id_1    ? 
_pdbx_validate_symm_contact.site_symmetry_1   1_555 
_pdbx_validate_symm_contact.auth_atom_id_2    O 
_pdbx_validate_symm_contact.auth_asym_id_2    A 
_pdbx_validate_symm_contact.auth_comp_id_2    HOH 
_pdbx_validate_symm_contact.auth_seq_id_2     307 
_pdbx_validate_symm_contact.PDB_ins_code_2    ? 
_pdbx_validate_symm_contact.label_alt_id_2    ? 
_pdbx_validate_symm_contact.site_symmetry_2   3_655 
_pdbx_validate_symm_contact.dist              2.19 
# 
loop_
_pdbx_validate_torsion.id 
_pdbx_validate_torsion.PDB_model_num 
_pdbx_validate_torsion.auth_comp_id 
_pdbx_validate_torsion.auth_asym_id 
_pdbx_validate_torsion.auth_seq_id 
_pdbx_validate_torsion.PDB_ins_code 
_pdbx_validate_torsion.label_alt_id 
_pdbx_validate_torsion.phi 
_pdbx_validate_torsion.psi 
1 1 SER A 55 ? ? 86.80   7.23    
2 1 ASP A 73 ? ? 50.62   -130.67 
3 1 TYR A 82 ? ? -142.09 -53.36  
# 
loop_
_pdbx_unobs_or_zero_occ_residues.id 
_pdbx_unobs_or_zero_occ_residues.PDB_model_num 
_pdbx_unobs_or_zero_occ_residues.polymer_flag 
_pdbx_unobs_or_zero_occ_residues.occupancy_flag 
_pdbx_unobs_or_zero_occ_residues.auth_asym_id 
_pdbx_unobs_or_zero_occ_residues.auth_comp_id 
_pdbx_unobs_or_zero_occ_residues.auth_seq_id 
_pdbx_unobs_or_zero_occ_residues.PDB_ins_code 
_pdbx_unobs_or_zero_occ_residues.label_asym_id 
_pdbx_unobs_or_zero_occ_residues.label_comp_id 
_pdbx_unobs_or_zero_occ_residues.label_seq_id 
1 1 Y 1 A MET 1   ? A MET 1   
2 1 Y 1 A SER 2   ? A SER 2   
3 1 Y 1 A ASP 3   ? A ASP 3   
4 1 Y 1 A GLN 142 ? A GLN 142 
5 1 Y 1 A ASN 143 ? A ASN 143 
# 
loop_
_chem_comp_atom.comp_id 
_chem_comp_atom.atom_id 
_chem_comp_atom.type_symbol 
_chem_comp_atom.pdbx_aromatic_flag 
_chem_comp_atom.pdbx_stereo_config 
_chem_comp_atom.pdbx_ordinal 
ALA N      N N N 1   
ALA CA     C N S 2   
ALA C      C N N 3   
ALA O      O N N 4   
ALA CB     C N N 5   
ALA OXT    O N N 6   
ALA H      H N N 7   
ALA H2     H N N 8   
ALA HA     H N N 9   
ALA HB1    H N N 10  
ALA HB2    H N N 11  
ALA HB3    H N N 12  
ALA HXT    H N N 13  
ARG N      N N N 14  
ARG CA     C N S 15  
ARG C      C N N 16  
ARG O      O N N 17  
ARG CB     C N N 18  
ARG CG     C N N 19  
ARG CD     C N N 20  
ARG NE     N N N 21  
ARG CZ     C N N 22  
ARG NH1    N N N 23  
ARG NH2    N N N 24  
ARG OXT    O N N 25  
ARG H      H N N 26  
ARG H2     H N N 27  
ARG HA     H N N 28  
ARG HB2    H N N 29  
ARG HB3    H N N 30  
ARG HG2    H N N 31  
ARG HG3    H N N 32  
ARG HD2    H N N 33  
ARG HD3    H N N 34  
ARG HE     H N N 35  
ARG HH11   H N N 36  
ARG HH12   H N N 37  
ARG HH21   H N N 38  
ARG HH22   H N N 39  
ARG HXT    H N N 40  
ASN N      N N N 41  
ASN CA     C N S 42  
ASN C      C N N 43  
ASN O      O N N 44  
ASN CB     C N N 45  
ASN CG     C N N 46  
ASN OD1    O N N 47  
ASN ND2    N N N 48  
ASN OXT    O N N 49  
ASN H      H N N 50  
ASN H2     H N N 51  
ASN HA     H N N 52  
ASN HB2    H N N 53  
ASN HB3    H N N 54  
ASN HD21   H N N 55  
ASN HD22   H N N 56  
ASN HXT    H N N 57  
ASP N      N N N 58  
ASP CA     C N S 59  
ASP C      C N N 60  
ASP O      O N N 61  
ASP CB     C N N 62  
ASP CG     C N N 63  
ASP OD1    O N N 64  
ASP OD2    O N N 65  
ASP OXT    O N N 66  
ASP H      H N N 67  
ASP H2     H N N 68  
ASP HA     H N N 69  
ASP HB2    H N N 70  
ASP HB3    H N N 71  
ASP HD2    H N N 72  
ASP HXT    H N N 73  
CYS N      N N N 74  
CYS CA     C N R 75  
CYS C      C N N 76  
CYS O      O N N 77  
CYS CB     C N N 78  
CYS SG     S N N 79  
CYS OXT    O N N 80  
CYS H      H N N 81  
CYS H2     H N N 82  
CYS HA     H N N 83  
CYS HB2    H N N 84  
CYS HB3    H N N 85  
CYS HG     H N N 86  
CYS HXT    H N N 87  
DA  OP3    O N N 88  
DA  P      P N N 89  
DA  OP1    O N N 90  
DA  OP2    O N N 91  
DA  "O5'"  O N N 92  
DA  "C5'"  C N N 93  
DA  "C4'"  C N R 94  
DA  "O4'"  O N N 95  
DA  "C3'"  C N S 96  
DA  "O3'"  O N N 97  
DA  "C2'"  C N N 98  
DA  "C1'"  C N R 99  
DA  N9     N Y N 100 
DA  C8     C Y N 101 
DA  N7     N Y N 102 
DA  C5     C Y N 103 
DA  C6     C Y N 104 
DA  N6     N N N 105 
DA  N1     N Y N 106 
DA  C2     C Y N 107 
DA  N3     N Y N 108 
DA  C4     C Y N 109 
DA  HOP3   H N N 110 
DA  HOP2   H N N 111 
DA  "H5'"  H N N 112 
DA  "H5''" H N N 113 
DA  "H4'"  H N N 114 
DA  "H3'"  H N N 115 
DA  "HO3'" H N N 116 
DA  "H2'"  H N N 117 
DA  "H2''" H N N 118 
DA  "H1'"  H N N 119 
DA  H8     H N N 120 
DA  H61    H N N 121 
DA  H62    H N N 122 
DA  H2     H N N 123 
DC  OP3    O N N 124 
DC  P      P N N 125 
DC  OP1    O N N 126 
DC  OP2    O N N 127 
DC  "O5'"  O N N 128 
DC  "C5'"  C N N 129 
DC  "C4'"  C N R 130 
DC  "O4'"  O N N 131 
DC  "C3'"  C N S 132 
DC  "O3'"  O N N 133 
DC  "C2'"  C N N 134 
DC  "C1'"  C N R 135 
DC  N1     N N N 136 
DC  C2     C N N 137 
DC  O2     O N N 138 
DC  N3     N N N 139 
DC  C4     C N N 140 
DC  N4     N N N 141 
DC  C5     C N N 142 
DC  C6     C N N 143 
DC  HOP3   H N N 144 
DC  HOP2   H N N 145 
DC  "H5'"  H N N 146 
DC  "H5''" H N N 147 
DC  "H4'"  H N N 148 
DC  "H3'"  H N N 149 
DC  "HO3'" H N N 150 
DC  "H2'"  H N N 151 
DC  "H2''" H N N 152 
DC  "H1'"  H N N 153 
DC  H41    H N N 154 
DC  H42    H N N 155 
DC  H5     H N N 156 
DC  H6     H N N 157 
DG  OP3    O N N 158 
DG  P      P N N 159 
DG  OP1    O N N 160 
DG  OP2    O N N 161 
DG  "O5'"  O N N 162 
DG  "C5'"  C N N 163 
DG  "C4'"  C N R 164 
DG  "O4'"  O N N 165 
DG  "C3'"  C N S 166 
DG  "O3'"  O N N 167 
DG  "C2'"  C N N 168 
DG  "C1'"  C N R 169 
DG  N9     N Y N 170 
DG  C8     C Y N 171 
DG  N7     N Y N 172 
DG  C5     C Y N 173 
DG  C6     C N N 174 
DG  O6     O N N 175 
DG  N1     N N N 176 
DG  C2     C N N 177 
DG  N2     N N N 178 
DG  N3     N N N 179 
DG  C4     C Y N 180 
DG  HOP3   H N N 181 
DG  HOP2   H N N 182 
DG  "H5'"  H N N 183 
DG  "H5''" H N N 184 
DG  "H4'"  H N N 185 
DG  "H3'"  H N N 186 
DG  "HO3'" H N N 187 
DG  "H2'"  H N N 188 
DG  "H2''" H N N 189 
DG  "H1'"  H N N 190 
DG  H8     H N N 191 
DG  H1     H N N 192 
DG  H21    H N N 193 
DG  H22    H N N 194 
DT  OP3    O N N 195 
DT  P      P N N 196 
DT  OP1    O N N 197 
DT  OP2    O N N 198 
DT  "O5'"  O N N 199 
DT  "C5'"  C N N 200 
DT  "C4'"  C N R 201 
DT  "O4'"  O N N 202 
DT  "C3'"  C N S 203 
DT  "O3'"  O N N 204 
DT  "C2'"  C N N 205 
DT  "C1'"  C N R 206 
DT  N1     N N N 207 
DT  C2     C N N 208 
DT  O2     O N N 209 
DT  N3     N N N 210 
DT  C4     C N N 211 
DT  O4     O N N 212 
DT  C5     C N N 213 
DT  C7     C N N 214 
DT  C6     C N N 215 
DT  HOP3   H N N 216 
DT  HOP2   H N N 217 
DT  "H5'"  H N N 218 
DT  "H5''" H N N 219 
DT  "H4'"  H N N 220 
DT  "H3'"  H N N 221 
DT  "HO3'" H N N 222 
DT  "H2'"  H N N 223 
DT  "H2''" H N N 224 
DT  "H1'"  H N N 225 
DT  H3     H N N 226 
DT  H71    H N N 227 
DT  H72    H N N 228 
DT  H73    H N N 229 
DT  H6     H N N 230 
GLN N      N N N 231 
GLN CA     C N S 232 
GLN C      C N N 233 
GLN O      O N N 234 
GLN CB     C N N 235 
GLN CG     C N N 236 
GLN CD     C N N 237 
GLN OE1    O N N 238 
GLN NE2    N N N 239 
GLN OXT    O N N 240 
GLN H      H N N 241 
GLN H2     H N N 242 
GLN HA     H N N 243 
GLN HB2    H N N 244 
GLN HB3    H N N 245 
GLN HG2    H N N 246 
GLN HG3    H N N 247 
GLN HE21   H N N 248 
GLN HE22   H N N 249 
GLN HXT    H N N 250 
GLU N      N N N 251 
GLU CA     C N S 252 
GLU C      C N N 253 
GLU O      O N N 254 
GLU CB     C N N 255 
GLU CG     C N N 256 
GLU CD     C N N 257 
GLU OE1    O N N 258 
GLU OE2    O N N 259 
GLU OXT    O N N 260 
GLU H      H N N 261 
GLU H2     H N N 262 
GLU HA     H N N 263 
GLU HB2    H N N 264 
GLU HB3    H N N 265 
GLU HG2    H N N 266 
GLU HG3    H N N 267 
GLU HE2    H N N 268 
GLU HXT    H N N 269 
GLY N      N N N 270 
GLY CA     C N N 271 
GLY C      C N N 272 
GLY O      O N N 273 
GLY OXT    O N N 274 
GLY H      H N N 275 
GLY H2     H N N 276 
GLY HA2    H N N 277 
GLY HA3    H N N 278 
GLY HXT    H N N 279 
HIS N      N N N 280 
HIS CA     C N S 281 
HIS C      C N N 282 
HIS O      O N N 283 
HIS CB     C N N 284 
HIS CG     C Y N 285 
HIS ND1    N Y N 286 
HIS CD2    C Y N 287 
HIS CE1    C Y N 288 
HIS NE2    N Y N 289 
HIS OXT    O N N 290 
HIS H      H N N 291 
HIS H2     H N N 292 
HIS HA     H N N 293 
HIS HB2    H N N 294 
HIS HB3    H N N 295 
HIS HD1    H N N 296 
HIS HD2    H N N 297 
HIS HE1    H N N 298 
HIS HE2    H N N 299 
HIS HXT    H N N 300 
HOH O      O N N 301 
HOH H1     H N N 302 
HOH H2     H N N 303 
ILE N      N N N 304 
ILE CA     C N S 305 
ILE C      C N N 306 
ILE O      O N N 307 
ILE CB     C N S 308 
ILE CG1    C N N 309 
ILE CG2    C N N 310 
ILE CD1    C N N 311 
ILE OXT    O N N 312 
ILE H      H N N 313 
ILE H2     H N N 314 
ILE HA     H N N 315 
ILE HB     H N N 316 
ILE HG12   H N N 317 
ILE HG13   H N N 318 
ILE HG21   H N N 319 
ILE HG22   H N N 320 
ILE HG23   H N N 321 
ILE HD11   H N N 322 
ILE HD12   H N N 323 
ILE HD13   H N N 324 
ILE HXT    H N N 325 
LEU N      N N N 326 
LEU CA     C N S 327 
LEU C      C N N 328 
LEU O      O N N 329 
LEU CB     C N N 330 
LEU CG     C N N 331 
LEU CD1    C N N 332 
LEU CD2    C N N 333 
LEU OXT    O N N 334 
LEU H      H N N 335 
LEU H2     H N N 336 
LEU HA     H N N 337 
LEU HB2    H N N 338 
LEU HB3    H N N 339 
LEU HG     H N N 340 
LEU HD11   H N N 341 
LEU HD12   H N N 342 
LEU HD13   H N N 343 
LEU HD21   H N N 344 
LEU HD22   H N N 345 
LEU HD23   H N N 346 
LEU HXT    H N N 347 
LYS N      N N N 348 
LYS CA     C N S 349 
LYS C      C N N 350 
LYS O      O N N 351 
LYS CB     C N N 352 
LYS CG     C N N 353 
LYS CD     C N N 354 
LYS CE     C N N 355 
LYS NZ     N N N 356 
LYS OXT    O N N 357 
LYS H      H N N 358 
LYS H2     H N N 359 
LYS HA     H N N 360 
LYS HB2    H N N 361 
LYS HB3    H N N 362 
LYS HG2    H N N 363 
LYS HG3    H N N 364 
LYS HD2    H N N 365 
LYS HD3    H N N 366 
LYS HE2    H N N 367 
LYS HE3    H N N 368 
LYS HZ1    H N N 369 
LYS HZ2    H N N 370 
LYS HZ3    H N N 371 
LYS HXT    H N N 372 
MET N      N N N 373 
MET CA     C N S 374 
MET C      C N N 375 
MET O      O N N 376 
MET CB     C N N 377 
MET CG     C N N 378 
MET SD     S N N 379 
MET CE     C N N 380 
MET OXT    O N N 381 
MET H      H N N 382 
MET H2     H N N 383 
MET HA     H N N 384 
MET HB2    H N N 385 
MET HB3    H N N 386 
MET HG2    H N N 387 
MET HG3    H N N 388 
MET HE1    H N N 389 
MET HE2    H N N 390 
MET HE3    H N N 391 
MET HXT    H N N 392 
PHE N      N N N 393 
PHE CA     C N S 394 
PHE C      C N N 395 
PHE O      O N N 396 
PHE CB     C N N 397 
PHE CG     C Y N 398 
PHE CD1    C Y N 399 
PHE CD2    C Y N 400 
PHE CE1    C Y N 401 
PHE CE2    C Y N 402 
PHE CZ     C Y N 403 
PHE OXT    O N N 404 
PHE H      H N N 405 
PHE H2     H N N 406 
PHE HA     H N N 407 
PHE HB2    H N N 408 
PHE HB3    H N N 409 
PHE HD1    H N N 410 
PHE HD2    H N N 411 
PHE HE1    H N N 412 
PHE HE2    H N N 413 
PHE HZ     H N N 414 
PHE HXT    H N N 415 
PRO N      N N N 416 
PRO CA     C N S 417 
PRO C      C N N 418 
PRO O      O N N 419 
PRO CB     C N N 420 
PRO CG     C N N 421 
PRO CD     C N N 422 
PRO OXT    O N N 423 
PRO H      H N N 424 
PRO HA     H N N 425 
PRO HB2    H N N 426 
PRO HB3    H N N 427 
PRO HG2    H N N 428 
PRO HG3    H N N 429 
PRO HD2    H N N 430 
PRO HD3    H N N 431 
PRO HXT    H N N 432 
SER N      N N N 433 
SER CA     C N S 434 
SER C      C N N 435 
SER O      O N N 436 
SER CB     C N N 437 
SER OG     O N N 438 
SER OXT    O N N 439 
SER H      H N N 440 
SER H2     H N N 441 
SER HA     H N N 442 
SER HB2    H N N 443 
SER HB3    H N N 444 
SER HG     H N N 445 
SER HXT    H N N 446 
THR N      N N N 447 
THR CA     C N S 448 
THR C      C N N 449 
THR O      O N N 450 
THR CB     C N R 451 
THR OG1    O N N 452 
THR CG2    C N N 453 
THR OXT    O N N 454 
THR H      H N N 455 
THR H2     H N N 456 
THR HA     H N N 457 
THR HB     H N N 458 
THR HG1    H N N 459 
THR HG21   H N N 460 
THR HG22   H N N 461 
THR HG23   H N N 462 
THR HXT    H N N 463 
TRP N      N N N 464 
TRP CA     C N S 465 
TRP C      C N N 466 
TRP O      O N N 467 
TRP CB     C N N 468 
TRP CG     C Y N 469 
TRP CD1    C Y N 470 
TRP CD2    C Y N 471 
TRP NE1    N Y N 472 
TRP CE2    C Y N 473 
TRP CE3    C Y N 474 
TRP CZ2    C Y N 475 
TRP CZ3    C Y N 476 
TRP CH2    C Y N 477 
TRP OXT    O N N 478 
TRP H      H N N 479 
TRP H2     H N N 480 
TRP HA     H N N 481 
TRP HB2    H N N 482 
TRP HB3    H N N 483 
TRP HD1    H N N 484 
TRP HE1    H N N 485 
TRP HE3    H N N 486 
TRP HZ2    H N N 487 
TRP HZ3    H N N 488 
TRP HH2    H N N 489 
TRP HXT    H N N 490 
TYR N      N N N 491 
TYR CA     C N S 492 
TYR C      C N N 493 
TYR O      O N N 494 
TYR CB     C N N 495 
TYR CG     C Y N 496 
TYR CD1    C Y N 497 
TYR CD2    C Y N 498 
TYR CE1    C Y N 499 
TYR CE2    C Y N 500 
TYR CZ     C Y N 501 
TYR OH     O N N 502 
TYR OXT    O N N 503 
TYR H      H N N 504 
TYR H2     H N N 505 
TYR HA     H N N 506 
TYR HB2    H N N 507 
TYR HB3    H N N 508 
TYR HD1    H N N 509 
TYR HD2    H N N 510 
TYR HE1    H N N 511 
TYR HE2    H N N 512 
TYR HH     H N N 513 
TYR HXT    H N N 514 
VAL N      N N N 515 
VAL CA     C N S 516 
VAL C      C N N 517 
VAL O      O N N 518 
VAL CB     C N N 519 
VAL CG1    C N N 520 
VAL CG2    C N N 521 
VAL OXT    O N N 522 
VAL H      H N N 523 
VAL H2     H N N 524 
VAL HA     H N N 525 
VAL HB     H N N 526 
VAL HG11   H N N 527 
VAL HG12   H N N 528 
VAL HG13   H N N 529 
VAL HG21   H N N 530 
VAL HG22   H N N 531 
VAL HG23   H N N 532 
VAL HXT    H N N 533 
# 
loop_
_chem_comp_bond.comp_id 
_chem_comp_bond.atom_id_1 
_chem_comp_bond.atom_id_2 
_chem_comp_bond.value_order 
_chem_comp_bond.pdbx_aromatic_flag 
_chem_comp_bond.pdbx_stereo_config 
_chem_comp_bond.pdbx_ordinal 
ALA N     CA     sing N N 1   
ALA N     H      sing N N 2   
ALA N     H2     sing N N 3   
ALA CA    C      sing N N 4   
ALA CA    CB     sing N N 5   
ALA CA    HA     sing N N 6   
ALA C     O      doub N N 7   
ALA C     OXT    sing N N 8   
ALA CB    HB1    sing N N 9   
ALA CB    HB2    sing N N 10  
ALA CB    HB3    sing N N 11  
ALA OXT   HXT    sing N N 12  
ARG N     CA     sing N N 13  
ARG N     H      sing N N 14  
ARG N     H2     sing N N 15  
ARG CA    C      sing N N 16  
ARG CA    CB     sing N N 17  
ARG CA    HA     sing N N 18  
ARG C     O      doub N N 19  
ARG C     OXT    sing N N 20  
ARG CB    CG     sing N N 21  
ARG CB    HB2    sing N N 22  
ARG CB    HB3    sing N N 23  
ARG CG    CD     sing N N 24  
ARG CG    HG2    sing N N 25  
ARG CG    HG3    sing N N 26  
ARG CD    NE     sing N N 27  
ARG CD    HD2    sing N N 28  
ARG CD    HD3    sing N N 29  
ARG NE    CZ     sing N N 30  
ARG NE    HE     sing N N 31  
ARG CZ    NH1    sing N N 32  
ARG CZ    NH2    doub N N 33  
ARG NH1   HH11   sing N N 34  
ARG NH1   HH12   sing N N 35  
ARG NH2   HH21   sing N N 36  
ARG NH2   HH22   sing N N 37  
ARG OXT   HXT    sing N N 38  
ASN N     CA     sing N N 39  
ASN N     H      sing N N 40  
ASN N     H2     sing N N 41  
ASN CA    C      sing N N 42  
ASN CA    CB     sing N N 43  
ASN CA    HA     sing N N 44  
ASN C     O      doub N N 45  
ASN C     OXT    sing N N 46  
ASN CB    CG     sing N N 47  
ASN CB    HB2    sing N N 48  
ASN CB    HB3    sing N N 49  
ASN CG    OD1    doub N N 50  
ASN CG    ND2    sing N N 51  
ASN ND2   HD21   sing N N 52  
ASN ND2   HD22   sing N N 53  
ASN OXT   HXT    sing N N 54  
ASP N     CA     sing N N 55  
ASP N     H      sing N N 56  
ASP N     H2     sing N N 57  
ASP CA    C      sing N N 58  
ASP CA    CB     sing N N 59  
ASP CA    HA     sing N N 60  
ASP C     O      doub N N 61  
ASP C     OXT    sing N N 62  
ASP CB    CG     sing N N 63  
ASP CB    HB2    sing N N 64  
ASP CB    HB3    sing N N 65  
ASP CG    OD1    doub N N 66  
ASP CG    OD2    sing N N 67  
ASP OD2   HD2    sing N N 68  
ASP OXT   HXT    sing N N 69  
CYS N     CA     sing N N 70  
CYS N     H      sing N N 71  
CYS N     H2     sing N N 72  
CYS CA    C      sing N N 73  
CYS CA    CB     sing N N 74  
CYS CA    HA     sing N N 75  
CYS C     O      doub N N 76  
CYS C     OXT    sing N N 77  
CYS CB    SG     sing N N 78  
CYS CB    HB2    sing N N 79  
CYS CB    HB3    sing N N 80  
CYS SG    HG     sing N N 81  
CYS OXT   HXT    sing N N 82  
DA  OP3   P      sing N N 83  
DA  OP3   HOP3   sing N N 84  
DA  P     OP1    doub N N 85  
DA  P     OP2    sing N N 86  
DA  P     "O5'"  sing N N 87  
DA  OP2   HOP2   sing N N 88  
DA  "O5'" "C5'"  sing N N 89  
DA  "C5'" "C4'"  sing N N 90  
DA  "C5'" "H5'"  sing N N 91  
DA  "C5'" "H5''" sing N N 92  
DA  "C4'" "O4'"  sing N N 93  
DA  "C4'" "C3'"  sing N N 94  
DA  "C4'" "H4'"  sing N N 95  
DA  "O4'" "C1'"  sing N N 96  
DA  "C3'" "O3'"  sing N N 97  
DA  "C3'" "C2'"  sing N N 98  
DA  "C3'" "H3'"  sing N N 99  
DA  "O3'" "HO3'" sing N N 100 
DA  "C2'" "C1'"  sing N N 101 
DA  "C2'" "H2'"  sing N N 102 
DA  "C2'" "H2''" sing N N 103 
DA  "C1'" N9     sing N N 104 
DA  "C1'" "H1'"  sing N N 105 
DA  N9    C8     sing Y N 106 
DA  N9    C4     sing Y N 107 
DA  C8    N7     doub Y N 108 
DA  C8    H8     sing N N 109 
DA  N7    C5     sing Y N 110 
DA  C5    C6     sing Y N 111 
DA  C5    C4     doub Y N 112 
DA  C6    N6     sing N N 113 
DA  C6    N1     doub Y N 114 
DA  N6    H61    sing N N 115 
DA  N6    H62    sing N N 116 
DA  N1    C2     sing Y N 117 
DA  C2    N3     doub Y N 118 
DA  C2    H2     sing N N 119 
DA  N3    C4     sing Y N 120 
DC  OP3   P      sing N N 121 
DC  OP3   HOP3   sing N N 122 
DC  P     OP1    doub N N 123 
DC  P     OP2    sing N N 124 
DC  P     "O5'"  sing N N 125 
DC  OP2   HOP2   sing N N 126 
DC  "O5'" "C5'"  sing N N 127 
DC  "C5'" "C4'"  sing N N 128 
DC  "C5'" "H5'"  sing N N 129 
DC  "C5'" "H5''" sing N N 130 
DC  "C4'" "O4'"  sing N N 131 
DC  "C4'" "C3'"  sing N N 132 
DC  "C4'" "H4'"  sing N N 133 
DC  "O4'" "C1'"  sing N N 134 
DC  "C3'" "O3'"  sing N N 135 
DC  "C3'" "C2'"  sing N N 136 
DC  "C3'" "H3'"  sing N N 137 
DC  "O3'" "HO3'" sing N N 138 
DC  "C2'" "C1'"  sing N N 139 
DC  "C2'" "H2'"  sing N N 140 
DC  "C2'" "H2''" sing N N 141 
DC  "C1'" N1     sing N N 142 
DC  "C1'" "H1'"  sing N N 143 
DC  N1    C2     sing N N 144 
DC  N1    C6     sing N N 145 
DC  C2    O2     doub N N 146 
DC  C2    N3     sing N N 147 
DC  N3    C4     doub N N 148 
DC  C4    N4     sing N N 149 
DC  C4    C5     sing N N 150 
DC  N4    H41    sing N N 151 
DC  N4    H42    sing N N 152 
DC  C5    C6     doub N N 153 
DC  C5    H5     sing N N 154 
DC  C6    H6     sing N N 155 
DG  OP3   P      sing N N 156 
DG  OP3   HOP3   sing N N 157 
DG  P     OP1    doub N N 158 
DG  P     OP2    sing N N 159 
DG  P     "O5'"  sing N N 160 
DG  OP2   HOP2   sing N N 161 
DG  "O5'" "C5'"  sing N N 162 
DG  "C5'" "C4'"  sing N N 163 
DG  "C5'" "H5'"  sing N N 164 
DG  "C5'" "H5''" sing N N 165 
DG  "C4'" "O4'"  sing N N 166 
DG  "C4'" "C3'"  sing N N 167 
DG  "C4'" "H4'"  sing N N 168 
DG  "O4'" "C1'"  sing N N 169 
DG  "C3'" "O3'"  sing N N 170 
DG  "C3'" "C2'"  sing N N 171 
DG  "C3'" "H3'"  sing N N 172 
DG  "O3'" "HO3'" sing N N 173 
DG  "C2'" "C1'"  sing N N 174 
DG  "C2'" "H2'"  sing N N 175 
DG  "C2'" "H2''" sing N N 176 
DG  "C1'" N9     sing N N 177 
DG  "C1'" "H1'"  sing N N 178 
DG  N9    C8     sing Y N 179 
DG  N9    C4     sing Y N 180 
DG  C8    N7     doub Y N 181 
DG  C8    H8     sing N N 182 
DG  N7    C5     sing Y N 183 
DG  C5    C6     sing N N 184 
DG  C5    C4     doub Y N 185 
DG  C6    O6     doub N N 186 
DG  C6    N1     sing N N 187 
DG  N1    C2     sing N N 188 
DG  N1    H1     sing N N 189 
DG  C2    N2     sing N N 190 
DG  C2    N3     doub N N 191 
DG  N2    H21    sing N N 192 
DG  N2    H22    sing N N 193 
DG  N3    C4     sing N N 194 
DT  OP3   P      sing N N 195 
DT  OP3   HOP3   sing N N 196 
DT  P     OP1    doub N N 197 
DT  P     OP2    sing N N 198 
DT  P     "O5'"  sing N N 199 
DT  OP2   HOP2   sing N N 200 
DT  "O5'" "C5'"  sing N N 201 
DT  "C5'" "C4'"  sing N N 202 
DT  "C5'" "H5'"  sing N N 203 
DT  "C5'" "H5''" sing N N 204 
DT  "C4'" "O4'"  sing N N 205 
DT  "C4'" "C3'"  sing N N 206 
DT  "C4'" "H4'"  sing N N 207 
DT  "O4'" "C1'"  sing N N 208 
DT  "C3'" "O3'"  sing N N 209 
DT  "C3'" "C2'"  sing N N 210 
DT  "C3'" "H3'"  sing N N 211 
DT  "O3'" "HO3'" sing N N 212 
DT  "C2'" "C1'"  sing N N 213 
DT  "C2'" "H2'"  sing N N 214 
DT  "C2'" "H2''" sing N N 215 
DT  "C1'" N1     sing N N 216 
DT  "C1'" "H1'"  sing N N 217 
DT  N1    C2     sing N N 218 
DT  N1    C6     sing N N 219 
DT  C2    O2     doub N N 220 
DT  C2    N3     sing N N 221 
DT  N3    C4     sing N N 222 
DT  N3    H3     sing N N 223 
DT  C4    O4     doub N N 224 
DT  C4    C5     sing N N 225 
DT  C5    C7     sing N N 226 
DT  C5    C6     doub N N 227 
DT  C7    H71    sing N N 228 
DT  C7    H72    sing N N 229 
DT  C7    H73    sing N N 230 
DT  C6    H6     sing N N 231 
GLN N     CA     sing N N 232 
GLN N     H      sing N N 233 
GLN N     H2     sing N N 234 
GLN CA    C      sing N N 235 
GLN CA    CB     sing N N 236 
GLN CA    HA     sing N N 237 
GLN C     O      doub N N 238 
GLN C     OXT    sing N N 239 
GLN CB    CG     sing N N 240 
GLN CB    HB2    sing N N 241 
GLN CB    HB3    sing N N 242 
GLN CG    CD     sing N N 243 
GLN CG    HG2    sing N N 244 
GLN CG    HG3    sing N N 245 
GLN CD    OE1    doub N N 246 
GLN CD    NE2    sing N N 247 
GLN NE2   HE21   sing N N 248 
GLN NE2   HE22   sing N N 249 
GLN OXT   HXT    sing N N 250 
GLU N     CA     sing N N 251 
GLU N     H      sing N N 252 
GLU N     H2     sing N N 253 
GLU CA    C      sing N N 254 
GLU CA    CB     sing N N 255 
GLU CA    HA     sing N N 256 
GLU C     O      doub N N 257 
GLU C     OXT    sing N N 258 
GLU CB    CG     sing N N 259 
GLU CB    HB2    sing N N 260 
GLU CB    HB3    sing N N 261 
GLU CG    CD     sing N N 262 
GLU CG    HG2    sing N N 263 
GLU CG    HG3    sing N N 264 
GLU CD    OE1    doub N N 265 
GLU CD    OE2    sing N N 266 
GLU OE2   HE2    sing N N 267 
GLU OXT   HXT    sing N N 268 
GLY N     CA     sing N N 269 
GLY N     H      sing N N 270 
GLY N     H2     sing N N 271 
GLY CA    C      sing N N 272 
GLY CA    HA2    sing N N 273 
GLY CA    HA3    sing N N 274 
GLY C     O      doub N N 275 
GLY C     OXT    sing N N 276 
GLY OXT   HXT    sing N N 277 
HIS N     CA     sing N N 278 
HIS N     H      sing N N 279 
HIS N     H2     sing N N 280 
HIS CA    C      sing N N 281 
HIS CA    CB     sing N N 282 
HIS CA    HA     sing N N 283 
HIS C     O      doub N N 284 
HIS C     OXT    sing N N 285 
HIS CB    CG     sing N N 286 
HIS CB    HB2    sing N N 287 
HIS CB    HB3    sing N N 288 
HIS CG    ND1    sing Y N 289 
HIS CG    CD2    doub Y N 290 
HIS ND1   CE1    doub Y N 291 
HIS ND1   HD1    sing N N 292 
HIS CD2   NE2    sing Y N 293 
HIS CD2   HD2    sing N N 294 
HIS CE1   NE2    sing Y N 295 
HIS CE1   HE1    sing N N 296 
HIS NE2   HE2    sing N N 297 
HIS OXT   HXT    sing N N 298 
HOH O     H1     sing N N 299 
HOH O     H2     sing N N 300 
ILE N     CA     sing N N 301 
ILE N     H      sing N N 302 
ILE N     H2     sing N N 303 
ILE CA    C      sing N N 304 
ILE CA    CB     sing N N 305 
ILE CA    HA     sing N N 306 
ILE C     O      doub N N 307 
ILE C     OXT    sing N N 308 
ILE CB    CG1    sing N N 309 
ILE CB    CG2    sing N N 310 
ILE CB    HB     sing N N 311 
ILE CG1   CD1    sing N N 312 
ILE CG1   HG12   sing N N 313 
ILE CG1   HG13   sing N N 314 
ILE CG2   HG21   sing N N 315 
ILE CG2   HG22   sing N N 316 
ILE CG2   HG23   sing N N 317 
ILE CD1   HD11   sing N N 318 
ILE CD1   HD12   sing N N 319 
ILE CD1   HD13   sing N N 320 
ILE OXT   HXT    sing N N 321 
LEU N     CA     sing N N 322 
LEU N     H      sing N N 323 
LEU N     H2     sing N N 324 
LEU CA    C      sing N N 325 
LEU CA    CB     sing N N 326 
LEU CA    HA     sing N N 327 
LEU C     O      doub N N 328 
LEU C     OXT    sing N N 329 
LEU CB    CG     sing N N 330 
LEU CB    HB2    sing N N 331 
LEU CB    HB3    sing N N 332 
LEU CG    CD1    sing N N 333 
LEU CG    CD2    sing N N 334 
LEU CG    HG     sing N N 335 
LEU CD1   HD11   sing N N 336 
LEU CD1   HD12   sing N N 337 
LEU CD1   HD13   sing N N 338 
LEU CD2   HD21   sing N N 339 
LEU CD2   HD22   sing N N 340 
LEU CD2   HD23   sing N N 341 
LEU OXT   HXT    sing N N 342 
LYS N     CA     sing N N 343 
LYS N     H      sing N N 344 
LYS N     H2     sing N N 345 
LYS CA    C      sing N N 346 
LYS CA    CB     sing N N 347 
LYS CA    HA     sing N N 348 
LYS C     O      doub N N 349 
LYS C     OXT    sing N N 350 
LYS CB    CG     sing N N 351 
LYS CB    HB2    sing N N 352 
LYS CB    HB3    sing N N 353 
LYS CG    CD     sing N N 354 
LYS CG    HG2    sing N N 355 
LYS CG    HG3    sing N N 356 
LYS CD    CE     sing N N 357 
LYS CD    HD2    sing N N 358 
LYS CD    HD3    sing N N 359 
LYS CE    NZ     sing N N 360 
LYS CE    HE2    sing N N 361 
LYS CE    HE3    sing N N 362 
LYS NZ    HZ1    sing N N 363 
LYS NZ    HZ2    sing N N 364 
LYS NZ    HZ3    sing N N 365 
LYS OXT   HXT    sing N N 366 
MET N     CA     sing N N 367 
MET N     H      sing N N 368 
MET N     H2     sing N N 369 
MET CA    C      sing N N 370 
MET CA    CB     sing N N 371 
MET CA    HA     sing N N 372 
MET C     O      doub N N 373 
MET C     OXT    sing N N 374 
MET CB    CG     sing N N 375 
MET CB    HB2    sing N N 376 
MET CB    HB3    sing N N 377 
MET CG    SD     sing N N 378 
MET CG    HG2    sing N N 379 
MET CG    HG3    sing N N 380 
MET SD    CE     sing N N 381 
MET CE    HE1    sing N N 382 
MET CE    HE2    sing N N 383 
MET CE    HE3    sing N N 384 
MET OXT   HXT    sing N N 385 
PHE N     CA     sing N N 386 
PHE N     H      sing N N 387 
PHE N     H2     sing N N 388 
PHE CA    C      sing N N 389 
PHE CA    CB     sing N N 390 
PHE CA    HA     sing N N 391 
PHE C     O      doub N N 392 
PHE C     OXT    sing N N 393 
PHE CB    CG     sing N N 394 
PHE CB    HB2    sing N N 395 
PHE CB    HB3    sing N N 396 
PHE CG    CD1    doub Y N 397 
PHE CG    CD2    sing Y N 398 
PHE CD1   CE1    sing Y N 399 
PHE CD1   HD1    sing N N 400 
PHE CD2   CE2    doub Y N 401 
PHE CD2   HD2    sing N N 402 
PHE CE1   CZ     doub Y N 403 
PHE CE1   HE1    sing N N 404 
PHE CE2   CZ     sing Y N 405 
PHE CE2   HE2    sing N N 406 
PHE CZ    HZ     sing N N 407 
PHE OXT   HXT    sing N N 408 
PRO N     CA     sing N N 409 
PRO N     CD     sing N N 410 
PRO N     H      sing N N 411 
PRO CA    C      sing N N 412 
PRO CA    CB     sing N N 413 
PRO CA    HA     sing N N 414 
PRO C     O      doub N N 415 
PRO C     OXT    sing N N 416 
PRO CB    CG     sing N N 417 
PRO CB    HB2    sing N N 418 
PRO CB    HB3    sing N N 419 
PRO CG    CD     sing N N 420 
PRO CG    HG2    sing N N 421 
PRO CG    HG3    sing N N 422 
PRO CD    HD2    sing N N 423 
PRO CD    HD3    sing N N 424 
PRO OXT   HXT    sing N N 425 
SER N     CA     sing N N 426 
SER N     H      sing N N 427 
SER N     H2     sing N N 428 
SER CA    C      sing N N 429 
SER CA    CB     sing N N 430 
SER CA    HA     sing N N 431 
SER C     O      doub N N 432 
SER C     OXT    sing N N 433 
SER CB    OG     sing N N 434 
SER CB    HB2    sing N N 435 
SER CB    HB3    sing N N 436 
SER OG    HG     sing N N 437 
SER OXT   HXT    sing N N 438 
THR N     CA     sing N N 439 
THR N     H      sing N N 440 
THR N     H2     sing N N 441 
THR CA    C      sing N N 442 
THR CA    CB     sing N N 443 
THR CA    HA     sing N N 444 
THR C     O      doub N N 445 
THR C     OXT    sing N N 446 
THR CB    OG1    sing N N 447 
THR CB    CG2    sing N N 448 
THR CB    HB     sing N N 449 
THR OG1   HG1    sing N N 450 
THR CG2   HG21   sing N N 451 
THR CG2   HG22   sing N N 452 
THR CG2   HG23   sing N N 453 
THR OXT   HXT    sing N N 454 
TRP N     CA     sing N N 455 
TRP N     H      sing N N 456 
TRP N     H2     sing N N 457 
TRP CA    C      sing N N 458 
TRP CA    CB     sing N N 459 
TRP CA    HA     sing N N 460 
TRP C     O      doub N N 461 
TRP C     OXT    sing N N 462 
TRP CB    CG     sing N N 463 
TRP CB    HB2    sing N N 464 
TRP CB    HB3    sing N N 465 
TRP CG    CD1    doub Y N 466 
TRP CG    CD2    sing Y N 467 
TRP CD1   NE1    sing Y N 468 
TRP CD1   HD1    sing N N 469 
TRP CD2   CE2    doub Y N 470 
TRP CD2   CE3    sing Y N 471 
TRP NE1   CE2    sing Y N 472 
TRP NE1   HE1    sing N N 473 
TRP CE2   CZ2    sing Y N 474 
TRP CE3   CZ3    doub Y N 475 
TRP CE3   HE3    sing N N 476 
TRP CZ2   CH2    doub Y N 477 
TRP CZ2   HZ2    sing N N 478 
TRP CZ3   CH2    sing Y N 479 
TRP CZ3   HZ3    sing N N 480 
TRP CH2   HH2    sing N N 481 
TRP OXT   HXT    sing N N 482 
TYR N     CA     sing N N 483 
TYR N     H      sing N N 484 
TYR N     H2     sing N N 485 
TYR CA    C      sing N N 486 
TYR CA    CB     sing N N 487 
TYR CA    HA     sing N N 488 
TYR C     O      doub N N 489 
TYR C     OXT    sing N N 490 
TYR CB    CG     sing N N 491 
TYR CB    HB2    sing N N 492 
TYR CB    HB3    sing N N 493 
TYR CG    CD1    doub Y N 494 
TYR CG    CD2    sing Y N 495 
TYR CD1   CE1    sing Y N 496 
TYR CD1   HD1    sing N N 497 
TYR CD2   CE2    doub Y N 498 
TYR CD2   HD2    sing N N 499 
TYR CE1   CZ     doub Y N 500 
TYR CE1   HE1    sing N N 501 
TYR CE2   CZ     sing Y N 502 
TYR CE2   HE2    sing N N 503 
TYR CZ    OH     sing N N 504 
TYR OH    HH     sing N N 505 
TYR OXT   HXT    sing N N 506 
VAL N     CA     sing N N 507 
VAL N     H      sing N N 508 
VAL N     H2     sing N N 509 
VAL CA    C      sing N N 510 
VAL CA    CB     sing N N 511 
VAL CA    HA     sing N N 512 
VAL C     O      doub N N 513 
VAL C     OXT    sing N N 514 
VAL CB    CG1    sing N N 515 
VAL CB    CG2    sing N N 516 
VAL CB    HB     sing N N 517 
VAL CG1   HG11   sing N N 518 
VAL CG1   HG12   sing N N 519 
VAL CG1   HG13   sing N N 520 
VAL CG2   HG21   sing N N 521 
VAL CG2   HG22   sing N N 522 
VAL CG2   HG23   sing N N 523 
VAL OXT   HXT    sing N N 524 
# 
_ndb_struct_conf_na.entry_id   4HIM 
_ndb_struct_conf_na.feature    'double helix' 
# 
_ndb_struct_na_base_pair.model_number      1 
_ndb_struct_na_base_pair.i_label_asym_id   B 
_ndb_struct_na_base_pair.i_label_comp_id   DT 
_ndb_struct_na_base_pair.i_label_seq_id    4 
_ndb_struct_na_base_pair.i_symmetry        1_555 
_ndb_struct_na_base_pair.j_label_asym_id   B 
_ndb_struct_na_base_pair.j_label_comp_id   DA 
_ndb_struct_na_base_pair.j_label_seq_id    5 
_ndb_struct_na_base_pair.j_symmetry        1_555 
_ndb_struct_na_base_pair.shear             5.303 
_ndb_struct_na_base_pair.stretch           0.389 
_ndb_struct_na_base_pair.stagger           -0.660 
_ndb_struct_na_base_pair.buckle            -28.543 
_ndb_struct_na_base_pair.propeller         28.674 
_ndb_struct_na_base_pair.opening           -7.165 
_ndb_struct_na_base_pair.pair_number       1 
_ndb_struct_na_base_pair.pair_name         B_DT4:DA5_B 
_ndb_struct_na_base_pair.i_auth_asym_id    B 
_ndb_struct_na_base_pair.i_auth_seq_id     4 
_ndb_struct_na_base_pair.i_PDB_ins_code    ? 
_ndb_struct_na_base_pair.j_auth_asym_id    B 
_ndb_struct_na_base_pair.j_auth_seq_id     5 
_ndb_struct_na_base_pair.j_PDB_ins_code    ? 
_ndb_struct_na_base_pair.hbond_type_28     ? 
_ndb_struct_na_base_pair.hbond_type_12     ? 
# 
_pdbx_entity_nonpoly.entity_id   3 
_pdbx_entity_nonpoly.name        water 
_pdbx_entity_nonpoly.comp_id     HOH 
# 
_pdbx_initial_refinement_model.id               1 
_pdbx_initial_refinement_model.entity_id_list   ? 
_pdbx_initial_refinement_model.type             'experimental model' 
_pdbx_initial_refinement_model.source_name      PDB 
_pdbx_initial_refinement_model.accession_code   4HIK 
_pdbx_initial_refinement_model.details          'PDB ENTRY 4HIK' 
# 
